data_8EJJ
#
_entry.id   8EJJ
#
_cell.length_a   1.00
_cell.length_b   1.00
_cell.length_c   1.00
_cell.angle_alpha   90.00
_cell.angle_beta   90.00
_cell.angle_gamma   90.00
#
_symmetry.space_group_name_H-M   'P 1'
#
loop_
_entity.id
_entity.type
_entity.pdbx_description
1 polymer 'Glycoprotein GP1'
2 polymer 'S370.7 heavy chain Fab'
3 polymer 'S370.7 light chain Fab'
4 polymer 'Glycoprotein GP2'
5 branched alpha-D-mannopyranose-(1-6)-beta-D-mannopyranose-(1-4)-2-acetamido-2-deoxy-beta-D-glucopyranose-(1-4)-2-acetamido-2-deoxy-beta-D-glucopyranose
6 branched 2-acetamido-2-deoxy-beta-D-glucopyranose-(1-4)-2-acetamido-2-deoxy-beta-D-glucopyranose
7 branched 2-acetamido-2-deoxy-beta-D-glucopyranose-(1-4)-[alpha-L-fucopyranose-(1-6)]2-acetamido-2-deoxy-beta-D-glucopyranose
8 branched alpha-D-mannopyranose-(1-3)-[alpha-D-mannopyranose-(1-6)]beta-D-mannopyranose-(1-4)-2-acetamido-2-deoxy-beta-D-glucopyranose-(1-4)-2-acetamido-2-deoxy-beta-D-glucopyranose
9 branched alpha-D-mannopyranose-(1-2)-alpha-D-mannopyranose-(1-3)-[alpha-D-mannopyranose-(1-6)]beta-D-mannopyranose-(1-4)-2-acetamido-2-deoxy-beta-D-glucopyranose-(1-4)-2-acetamido-2-deoxy-beta-D-glucopyranose
10 branched beta-D-mannopyranose-(1-4)-2-acetamido-2-deoxy-beta-D-glucopyranose-(1-4)-2-acetamido-2-deoxy-beta-D-glucopyranose
11 non-polymer 2-acetamido-2-deoxy-beta-D-glucopyranose
12 non-polymer alpha-D-mannopyranose
#
loop_
_entity_poly.entity_id
_entity_poly.type
_entity_poly.pdbx_seq_one_letter_code
_entity_poly.pdbx_strand_id
1 'polypeptide(L)'
;TSLYKGVYELQTLELNMETLNMTMPLSCTKNNSHHYIMVGNETGLELTLTNTSIINHKFCNLSDAHKKNLYDHALMSIIS
TFHLSIPNFNQYEAMSCDFNGGKISVQYNLSHSYAGDAANHCGTVANGVLQTFMRMAWGGSYIALDSGCGNWDCIMTSYQ
YLIIQNTTWEDHCQFSRPSPIGYLGLLSQRTRDIYIS
;
A,B,C
2 'polypeptide(L)'
;QVHLQQWGTGLLKPSETLSLTCAVYGGSISSYYWSWIRQPPGKGLEWIGEISHSGSTNYNPSLKSRVTISVDTSKNQLSL
KLRSVTAADTAVYYCARGRDCRSVSCYVSSPENWFDPWGQGTPITVSS
;
H,I,h
3 'polypeptide(L)'
;YELTQPPSVSVSPGQTARITCSGDALPKQYAYWYQQKPGQAPVMVIYKDSERPSGIPERFSGSNSGTTVTLTISGVQAED
EADYYCQSADSDGTYRVFGGGTKVTVL
;
J,L,l
4 'polypeptide(L)'
;GTFTWTLSDSEGKDTPGGYCLTRWMLIEAELKCFGNTAVAKCNEKHDEEFCDMLRLFDFNKQAIQRLKAPAQMSIQLINK
AVNALINDQLIMKNHLRDIMCIPYCNYSKYWYLNHTTTGRTSLPKCWLVSNGSYLNETHFSDDIEQQADNMITEMLQKEY
MERQ
;
a,b,c
#
# COMPACT_ATOMS: atom_id res chain seq x y z
N THR A 1 1.97 38.19 1.04
CA THR A 1 0.66 37.70 1.44
C THR A 1 0.51 38.00 2.96
N SER A 2 0.93 37.05 3.82
CA SER A 2 0.97 37.12 5.28
C SER A 2 2.08 36.22 5.75
N LEU A 3 2.66 36.52 6.91
CA LEU A 3 3.72 35.67 7.41
C LEU A 3 3.38 34.93 8.66
N TYR A 4 3.72 33.67 8.65
CA TYR A 4 3.52 32.82 9.79
C TYR A 4 4.83 32.81 10.54
N LYS A 5 4.76 32.99 11.84
CA LYS A 5 5.92 33.03 12.73
C LYS A 5 6.84 34.21 12.42
N GLY A 6 6.38 35.11 11.57
CA GLY A 6 7.10 36.29 11.19
C GLY A 6 8.08 36.02 10.03
N VAL A 7 8.23 34.77 9.61
CA VAL A 7 9.18 34.45 8.55
C VAL A 7 8.67 33.60 7.42
N TYR A 8 7.51 32.98 7.53
CA TYR A 8 7.09 32.09 6.46
C TYR A 8 5.96 32.66 5.66
N GLU A 9 6.19 32.90 4.39
CA GLU A 9 5.14 33.46 3.60
C GLU A 9 4.25 32.36 3.10
N LEU A 10 2.96 32.56 3.18
CA LEU A 10 2.07 31.56 2.63
C LEU A 10 1.95 31.79 1.14
N GLN A 11 2.22 30.78 0.35
CA GLN A 11 2.17 30.91 -1.09
C GLN A 11 1.31 29.83 -1.71
N THR A 12 0.75 30.10 -2.88
CA THR A 12 -0.05 29.09 -3.54
C THR A 12 0.46 28.65 -4.88
N LEU A 13 -0.04 27.50 -5.29
CA LEU A 13 0.27 26.84 -6.54
C LEU A 13 -0.98 26.24 -7.19
N GLU A 14 -1.19 26.49 -8.47
CA GLU A 14 -2.32 25.83 -9.15
C GLU A 14 -1.83 24.97 -10.30
N LEU A 15 -2.35 23.76 -10.40
CA LEU A 15 -1.87 22.86 -11.44
C LEU A 15 -2.61 22.98 -12.75
N ASN A 16 -1.86 22.88 -13.83
CA ASN A 16 -2.43 22.91 -15.15
C ASN A 16 -2.62 21.50 -15.67
N MET A 17 -3.76 20.90 -15.37
CA MET A 17 -3.96 19.49 -15.68
C MET A 17 -4.29 19.25 -17.13
N GLU A 18 -4.36 20.31 -17.88
CA GLU A 18 -4.61 20.27 -19.30
C GLU A 18 -3.45 19.59 -19.99
N THR A 19 -2.23 19.70 -19.45
CA THR A 19 -1.10 19.11 -20.14
C THR A 19 -1.08 17.62 -20.01
N LEU A 20 -1.99 17.08 -19.23
CA LEU A 20 -2.07 15.65 -19.09
C LEU A 20 -2.94 14.97 -20.18
N ASN A 21 -3.57 15.77 -21.10
CA ASN A 21 -4.49 15.41 -22.18
C ASN A 21 -4.00 14.25 -23.05
N MET A 22 -2.70 14.22 -23.35
CA MET A 22 -2.14 13.23 -24.30
C MET A 22 -2.02 11.82 -23.70
N THR A 23 -2.07 11.67 -22.37
CA THR A 23 -2.06 10.32 -21.86
C THR A 23 -3.33 9.96 -21.10
N MET A 24 -4.11 10.93 -20.63
CA MET A 24 -5.28 10.60 -19.81
C MET A 24 -6.54 11.34 -20.20
N PRO A 25 -7.73 10.73 -20.15
CA PRO A 25 -8.98 11.41 -20.36
C PRO A 25 -9.15 12.52 -19.32
N LEU A 26 -9.65 13.66 -19.74
CA LEU A 26 -9.88 14.77 -18.81
C LEU A 26 -11.32 15.16 -18.76
N SER A 27 -11.87 15.13 -17.56
CA SER A 27 -13.28 15.42 -17.35
C SER A 27 -13.55 16.87 -16.91
N CYS A 28 -14.45 17.59 -17.63
CA CYS A 28 -14.88 18.98 -17.44
C CYS A 28 -16.37 19.11 -17.25
N THR A 29 -16.75 20.22 -16.62
CA THR A 29 -18.16 20.55 -16.47
C THR A 29 -18.41 21.88 -17.12
N LYS A 30 -19.43 21.95 -17.96
CA LYS A 30 -19.74 23.22 -18.60
C LYS A 30 -20.89 23.96 -17.87
N ASN A 31 -21.99 23.24 -17.60
CA ASN A 31 -23.20 23.74 -16.94
C ASN A 31 -23.96 22.56 -16.34
N ASN A 32 -25.20 22.77 -15.81
CA ASN A 32 -26.00 21.72 -15.17
C ASN A 32 -26.34 20.54 -16.07
N SER A 33 -26.54 20.77 -17.35
CA SER A 33 -26.88 19.67 -18.21
C SER A 33 -25.74 19.10 -19.02
N HIS A 34 -24.69 19.88 -19.31
CA HIS A 34 -23.59 19.35 -20.14
C HIS A 34 -22.24 19.20 -19.45
N HIS A 35 -21.70 17.97 -19.56
CA HIS A 35 -20.43 17.55 -18.98
C HIS A 35 -19.61 16.87 -20.08
N TYR A 36 -18.29 17.00 -20.02
CA TYR A 36 -17.46 16.45 -21.09
C TYR A 36 -16.26 15.62 -20.66
N ILE A 37 -15.93 14.59 -21.43
CA ILE A 37 -14.71 13.82 -21.22
C ILE A 37 -13.84 13.89 -22.45
N MET A 38 -12.72 14.57 -22.38
CA MET A 38 -11.93 14.70 -23.58
C MET A 38 -10.82 13.70 -23.59
N VAL A 39 -10.57 13.12 -24.76
CA VAL A 39 -9.54 12.11 -24.87
C VAL A 39 -8.48 12.61 -25.83
N GLY A 40 -7.32 12.94 -25.31
CA GLY A 40 -6.31 13.57 -26.16
C GLY A 40 -6.91 14.88 -26.62
N ASN A 41 -6.84 15.16 -27.91
CA ASN A 41 -7.40 16.33 -28.59
C ASN A 41 -8.30 15.77 -29.69
N GLU A 42 -8.93 16.62 -30.52
CA GLU A 42 -9.85 16.19 -31.62
C GLU A 42 -11.18 15.53 -31.18
N THR A 43 -11.14 14.52 -30.31
CA THR A 43 -12.38 13.83 -29.87
C THR A 43 -12.60 13.67 -28.36
N GLY A 44 -13.73 13.06 -28.02
CA GLY A 44 -14.13 12.83 -26.64
C GLY A 44 -15.62 12.55 -26.52
N LEU A 45 -16.10 12.37 -25.29
CA LEU A 45 -17.51 12.11 -25.03
C LEU A 45 -18.24 13.27 -24.41
N GLU A 46 -19.51 13.38 -24.74
CA GLU A 46 -20.38 14.34 -24.14
C GLU A 46 -21.45 13.66 -23.34
N LEU A 47 -21.56 14.03 -22.07
CA LEU A 47 -22.51 13.49 -21.12
C LEU A 47 -23.60 14.52 -20.87
N THR A 48 -24.80 14.23 -21.32
CA THR A 48 -25.87 15.21 -21.20
C THR A 48 -27.06 14.75 -20.39
N LEU A 49 -27.49 15.58 -19.46
CA LEU A 49 -28.70 15.29 -18.73
C LEU A 49 -29.83 16.03 -19.39
N THR A 50 -30.80 15.29 -19.87
CA THR A 50 -31.89 15.89 -20.59
C THR A 50 -33.28 15.33 -20.30
N ASN A 51 -34.31 15.97 -20.91
CA ASN A 51 -35.71 15.52 -20.93
C ASN A 51 -36.13 15.03 -22.34
N THR A 52 -35.20 15.00 -23.32
CA THR A 52 -35.44 14.58 -24.70
C THR A 52 -34.65 13.34 -24.98
N SER A 53 -35.33 12.28 -25.39
CA SER A 53 -34.65 11.05 -25.70
C SER A 53 -34.09 11.15 -27.08
N ILE A 54 -33.13 10.30 -27.40
CA ILE A 54 -32.61 10.27 -28.75
C ILE A 54 -32.77 8.88 -29.31
N ILE A 55 -32.82 7.92 -28.41
CA ILE A 55 -32.98 6.53 -28.74
C ILE A 55 -34.23 5.97 -28.10
N ASN A 56 -35.08 5.34 -28.89
CA ASN A 56 -36.29 4.71 -28.39
C ASN A 56 -36.33 3.22 -28.75
N HIS A 57 -35.16 2.63 -28.90
CA HIS A 57 -34.97 1.25 -29.30
C HIS A 57 -35.23 0.15 -28.29
N LYS A 58 -34.75 0.31 -27.05
CA LYS A 58 -34.77 -0.73 -26.03
C LYS A 58 -33.92 -1.94 -26.43
N PHE A 59 -32.91 -1.70 -27.28
CA PHE A 59 -31.90 -2.66 -27.70
C PHE A 59 -30.56 -1.99 -27.51
N CYS A 60 -29.50 -2.77 -27.20
CA CYS A 60 -28.11 -2.32 -27.17
C CYS A 60 -27.25 -3.40 -27.82
N ASN A 61 -27.07 -3.26 -29.13
CA ASN A 61 -26.44 -4.31 -29.92
C ASN A 61 -24.92 -4.20 -29.93
N LEU A 62 -24.32 -4.54 -28.79
CA LEU A 62 -22.88 -4.49 -28.55
C LEU A 62 -22.15 -5.53 -29.34
N SER A 63 -22.73 -6.71 -29.47
CA SER A 63 -22.04 -7.75 -30.20
C SER A 63 -21.91 -7.38 -31.66
N ASP A 64 -22.86 -6.61 -32.18
CA ASP A 64 -22.80 -6.21 -33.57
C ASP A 64 -21.76 -5.13 -33.71
N ALA A 65 -21.71 -4.21 -32.74
CA ALA A 65 -20.75 -3.13 -32.76
C ALA A 65 -19.35 -3.69 -32.72
N HIS A 66 -19.16 -4.74 -31.95
CA HIS A 66 -17.85 -5.34 -31.80
C HIS A 66 -17.45 -6.06 -33.04
N LYS A 67 -18.38 -6.74 -33.68
CA LYS A 67 -18.05 -7.44 -34.90
C LYS A 67 -17.61 -6.47 -35.99
N LYS A 68 -18.32 -5.35 -36.12
CA LYS A 68 -17.97 -4.38 -37.14
C LYS A 68 -16.68 -3.62 -36.81
N ASN A 69 -16.47 -3.33 -35.54
CA ASN A 69 -15.26 -2.66 -35.07
C ASN A 69 -14.98 -1.33 -35.73
N LEU A 70 -16.00 -0.49 -35.89
CA LEU A 70 -15.80 0.81 -36.50
C LEU A 70 -15.68 1.95 -35.49
N TYR A 71 -15.81 1.62 -34.23
CA TYR A 71 -15.81 2.61 -33.16
C TYR A 71 -14.42 2.90 -32.66
N ASP A 72 -14.26 4.06 -32.06
CA ASP A 72 -13.00 4.45 -31.46
C ASP A 72 -12.81 3.70 -30.15
N HIS A 73 -11.76 2.90 -30.08
CA HIS A 73 -11.53 2.05 -28.93
C HIS A 73 -11.29 2.83 -27.67
N ALA A 74 -10.75 4.04 -27.78
CA ALA A 74 -10.48 4.82 -26.60
C ALA A 74 -11.75 5.36 -26.00
N LEU A 75 -12.84 5.42 -26.76
CA LEU A 75 -14.06 5.94 -26.20
C LEU A 75 -14.84 4.77 -25.68
N MET A 76 -14.73 3.63 -26.36
CA MET A 76 -15.48 2.47 -25.94
C MET A 76 -15.02 1.98 -24.58
N SER A 77 -13.74 2.12 -24.28
CA SER A 77 -13.22 1.70 -23.00
C SER A 77 -13.61 2.66 -21.87
N ILE A 78 -14.08 3.85 -22.20
CA ILE A 78 -14.51 4.78 -21.19
C ILE A 78 -15.93 4.41 -20.89
N ILE A 79 -16.67 4.11 -21.93
CA ILE A 79 -18.03 3.69 -21.74
C ILE A 79 -18.10 2.38 -21.01
N SER A 80 -17.29 1.37 -21.35
CA SER A 80 -17.44 0.17 -20.57
C SER A 80 -17.04 0.42 -19.14
N THR A 81 -16.09 1.33 -18.87
CA THR A 81 -15.77 1.62 -17.48
C THR A 81 -16.99 2.24 -16.80
N PHE A 82 -17.64 3.19 -17.46
CA PHE A 82 -18.81 3.84 -16.89
C PHE A 82 -19.86 2.83 -16.58
N HIS A 83 -20.17 1.99 -17.54
CA HIS A 83 -21.24 1.04 -17.39
C HIS A 83 -20.99 0.00 -16.34
N LEU A 84 -19.82 -0.60 -16.37
CA LEU A 84 -19.49 -1.68 -15.47
C LEU A 84 -19.40 -1.19 -14.05
N SER A 85 -19.12 0.11 -13.87
CA SER A 85 -19.01 0.69 -12.54
C SER A 85 -20.36 1.07 -11.93
N ILE A 86 -21.48 0.92 -12.65
CA ILE A 86 -22.78 1.28 -12.07
C ILE A 86 -23.20 0.20 -11.10
N PRO A 87 -23.41 0.48 -9.81
CA PRO A 87 -23.75 -0.52 -8.84
C PRO A 87 -25.14 -1.03 -9.08
N ASN A 88 -25.32 -2.33 -8.89
CA ASN A 88 -26.62 -2.97 -8.96
C ASN A 88 -27.41 -2.64 -10.21
N PHE A 89 -26.77 -2.63 -11.38
CA PHE A 89 -27.52 -2.29 -12.57
C PHE A 89 -28.29 -3.46 -13.13
N ASN A 90 -29.42 -3.76 -12.51
CA ASN A 90 -30.18 -4.92 -12.93
C ASN A 90 -31.33 -4.63 -13.89
N GLN A 91 -31.45 -3.39 -14.36
CA GLN A 91 -32.50 -3.03 -15.30
C GLN A 91 -31.97 -2.75 -16.69
N TYR A 92 -31.89 -3.76 -17.51
CA TYR A 92 -31.32 -3.57 -18.83
C TYR A 92 -32.24 -2.88 -19.75
N GLU A 93 -33.54 -2.90 -19.43
CA GLU A 93 -34.55 -2.22 -20.27
C GLU A 93 -34.37 -0.70 -20.15
N ALA A 94 -33.60 -0.24 -19.17
CA ALA A 94 -33.37 1.17 -18.99
C ALA A 94 -32.24 1.66 -19.89
N MET A 95 -31.53 0.74 -20.55
CA MET A 95 -30.41 1.16 -21.38
C MET A 95 -30.60 0.84 -22.86
N SER A 96 -30.56 1.86 -23.69
CA SER A 96 -30.66 1.66 -25.13
C SER A 96 -29.37 2.18 -25.74
N CYS A 97 -28.96 1.65 -26.91
CA CYS A 97 -27.75 2.10 -27.61
C CYS A 97 -28.01 2.16 -29.10
N ASP A 98 -27.17 2.91 -29.77
CA ASP A 98 -27.18 2.98 -31.21
C ASP A 98 -25.76 3.10 -31.69
N PHE A 99 -25.16 1.99 -32.09
CA PHE A 99 -23.79 2.00 -32.54
C PHE A 99 -23.85 1.84 -34.02
N ASN A 100 -23.48 2.86 -34.74
CA ASN A 100 -23.69 2.80 -36.18
C ASN A 100 -22.63 3.55 -36.95
N GLY A 101 -21.79 2.82 -37.67
CA GLY A 101 -20.75 3.49 -38.44
C GLY A 101 -19.61 3.93 -37.56
N GLY A 102 -19.63 3.45 -36.33
CA GLY A 102 -18.65 3.84 -35.34
C GLY A 102 -19.23 4.89 -34.41
N LYS A 103 -20.40 5.38 -34.73
CA LYS A 103 -21.05 6.37 -33.90
C LYS A 103 -21.33 5.76 -32.57
N ILE A 104 -21.02 6.46 -31.49
CA ILE A 104 -21.34 6.00 -30.17
C ILE A 104 -22.44 6.80 -29.57
N SER A 105 -23.48 6.11 -29.16
CA SER A 105 -24.61 6.75 -28.52
C SER A 105 -25.25 5.79 -27.54
N VAL A 106 -25.20 6.14 -26.27
CA VAL A 106 -25.76 5.34 -25.19
C VAL A 106 -26.73 6.14 -24.35
N GLN A 107 -27.93 5.64 -24.16
CA GLN A 107 -28.91 6.36 -23.38
C GLN A 107 -29.45 5.63 -22.19
N TYR A 108 -29.29 6.24 -21.02
CA TYR A 108 -29.82 5.64 -19.81
C TYR A 108 -31.11 6.36 -19.45
N ASN A 109 -32.18 5.59 -19.21
CA ASN A 109 -33.50 6.05 -18.80
C ASN A 109 -33.57 6.09 -17.27
N LEU A 110 -33.59 7.32 -16.68
CA LEU A 110 -33.55 7.56 -15.24
C LEU A 110 -34.98 7.63 -14.73
N SER A 111 -35.94 7.63 -15.65
CA SER A 111 -37.34 7.77 -15.28
C SER A 111 -38.02 6.43 -15.29
N HIS A 112 -37.24 5.40 -15.62
CA HIS A 112 -37.69 4.03 -15.77
C HIS A 112 -38.41 3.52 -14.54
N SER A 113 -37.74 3.61 -13.40
CA SER A 113 -38.31 3.26 -12.09
C SER A 113 -38.41 4.45 -11.09
N TYR A 114 -37.83 5.61 -11.48
CA TYR A 114 -37.59 6.89 -10.78
C TYR A 114 -37.79 6.82 -9.27
N HIS A 121 -36.48 6.39 -2.84
CA HIS A 121 -35.73 6.42 -4.10
C HIS A 121 -34.38 5.73 -4.00
N CYS A 122 -34.30 4.79 -3.08
CA CYS A 122 -33.10 4.00 -2.94
C CYS A 122 -33.40 2.71 -3.67
N GLY A 123 -32.41 2.10 -4.30
CA GLY A 123 -32.70 0.84 -4.98
C GLY A 123 -33.41 1.09 -6.31
N THR A 124 -33.15 2.23 -6.94
CA THR A 124 -33.81 2.58 -8.18
C THR A 124 -32.74 2.65 -9.26
N VAL A 125 -33.14 2.91 -10.49
CA VAL A 125 -32.13 2.98 -11.54
C VAL A 125 -31.37 4.27 -11.49
N ALA A 126 -32.09 5.35 -11.32
CA ALA A 126 -31.49 6.65 -11.36
C ALA A 126 -30.42 6.83 -10.31
N ASN A 127 -30.55 6.25 -9.13
CA ASN A 127 -29.55 6.55 -8.15
C ASN A 127 -28.37 5.61 -8.22
N GLY A 128 -28.34 4.80 -9.25
CA GLY A 128 -27.24 3.90 -9.54
C GLY A 128 -26.43 4.59 -10.62
N VAL A 129 -27.12 4.89 -11.71
CA VAL A 129 -26.51 5.53 -12.88
C VAL A 129 -25.89 6.87 -12.49
N LEU A 130 -26.60 7.63 -11.65
CA LEU A 130 -26.11 8.92 -11.23
C LEU A 130 -24.91 8.83 -10.31
N GLN A 131 -24.65 7.71 -9.61
CA GLN A 131 -23.46 7.72 -8.79
C GLN A 131 -22.26 7.62 -9.69
N THR A 132 -22.37 6.81 -10.75
CA THR A 132 -21.24 6.68 -11.65
C THR A 132 -21.01 7.99 -12.34
N PHE A 133 -22.09 8.64 -12.74
CA PHE A 133 -22.02 9.95 -13.35
C PHE A 133 -21.35 10.92 -12.43
N MET A 134 -21.78 10.98 -11.17
CA MET A 134 -21.18 11.90 -10.25
C MET A 134 -19.69 11.68 -10.15
N ARG A 135 -19.25 10.41 -10.13
CA ARG A 135 -17.82 10.15 -10.07
C ARG A 135 -17.07 10.49 -11.37
N MET A 136 -17.61 10.15 -12.53
CA MET A 136 -16.84 10.38 -13.76
C MET A 136 -16.74 11.87 -14.09
N ALA A 137 -17.73 12.62 -13.66
CA ALA A 137 -17.79 14.05 -13.87
C ALA A 137 -17.60 14.80 -12.54
N TRP A 138 -16.90 14.15 -11.61
CA TRP A 138 -16.65 14.66 -10.28
C TRP A 138 -15.89 15.95 -10.29
N GLY A 139 -16.23 16.86 -9.38
CA GLY A 139 -15.55 18.14 -9.37
C GLY A 139 -16.29 19.15 -10.23
N GLY A 140 -17.59 18.98 -10.35
CA GLY A 140 -18.42 19.87 -11.12
C GLY A 140 -19.84 19.35 -11.28
N SER A 141 -20.00 18.04 -11.49
CA SER A 141 -21.31 17.41 -11.70
C SER A 141 -22.31 17.53 -10.60
N TYR A 142 -21.86 17.82 -9.41
CA TYR A 142 -22.78 17.94 -8.29
C TYR A 142 -23.86 18.99 -8.53
N ILE A 143 -23.61 19.98 -9.39
CA ILE A 143 -24.59 21.04 -9.65
C ILE A 143 -25.81 20.53 -10.36
N ALA A 144 -25.68 19.39 -11.01
CA ALA A 144 -26.75 18.81 -11.76
C ALA A 144 -27.66 17.92 -10.93
N LEU A 145 -27.31 17.68 -9.68
CA LEU A 145 -28.10 16.77 -8.88
C LEU A 145 -29.02 17.55 -7.99
N ASP A 146 -30.26 17.07 -7.82
CA ASP A 146 -31.19 17.79 -6.97
C ASP A 146 -31.03 17.27 -5.57
N SER A 147 -29.89 17.56 -5.00
CA SER A 147 -29.56 17.04 -3.69
C SER A 147 -28.57 17.89 -2.96
N GLY A 148 -28.70 17.91 -1.66
CA GLY A 148 -27.70 18.56 -0.85
C GLY A 148 -26.67 17.49 -0.53
N CYS A 149 -25.73 17.82 0.37
CA CYS A 149 -24.67 16.94 0.85
C CYS A 149 -25.24 15.97 1.90
N GLY A 150 -24.56 14.85 2.16
CA GLY A 150 -25.05 13.92 3.17
C GLY A 150 -25.89 12.77 2.60
N ASN A 151 -25.98 12.70 1.27
CA ASN A 151 -26.77 11.68 0.58
C ASN A 151 -25.87 10.81 -0.29
N TRP A 152 -25.48 9.64 0.19
CA TRP A 152 -24.52 8.87 -0.60
C TRP A 152 -25.21 7.96 -1.59
N ASP A 153 -26.46 7.61 -1.30
CA ASP A 153 -27.22 6.67 -2.08
C ASP A 153 -28.37 7.33 -2.79
N CYS A 154 -29.24 7.99 -2.07
CA CYS A 154 -30.46 8.51 -2.65
C CYS A 154 -30.24 9.79 -3.41
N ILE A 155 -29.61 9.64 -4.55
CA ILE A 155 -29.25 10.70 -5.44
C ILE A 155 -30.19 10.71 -6.59
N MET A 156 -30.85 11.83 -6.78
CA MET A 156 -31.82 11.98 -7.84
C MET A 156 -31.61 13.31 -8.51
N THR A 157 -32.01 13.39 -9.76
CA THR A 157 -32.00 14.64 -10.49
C THR A 157 -33.39 14.81 -11.04
N SER A 158 -33.70 15.95 -11.61
CA SER A 158 -35.01 16.19 -12.19
C SER A 158 -35.12 15.73 -13.63
N TYR A 159 -33.98 15.45 -14.23
CA TYR A 159 -33.84 15.05 -15.62
C TYR A 159 -34.24 13.61 -15.81
N GLN A 160 -34.71 13.28 -17.01
CA GLN A 160 -35.16 11.93 -17.29
C GLN A 160 -34.12 11.04 -17.95
N TYR A 161 -33.20 11.61 -18.71
CA TYR A 161 -32.24 10.77 -19.41
C TYR A 161 -30.82 11.22 -19.21
N LEU A 162 -29.91 10.26 -19.19
CA LEU A 162 -28.48 10.54 -19.25
C LEU A 162 -27.96 10.01 -20.55
N ILE A 163 -27.55 10.92 -21.40
CA ILE A 163 -27.10 10.52 -22.71
C ILE A 163 -25.62 10.70 -22.94
N ILE A 164 -24.98 9.63 -23.37
CA ILE A 164 -23.56 9.67 -23.67
C ILE A 164 -23.34 9.53 -25.17
N GLN A 165 -22.72 10.53 -25.75
CA GLN A 165 -22.46 10.52 -27.19
C GLN A 165 -21.04 10.94 -27.50
N ASN A 166 -20.46 10.47 -28.62
CA ASN A 166 -19.16 10.98 -29.07
C ASN A 166 -19.33 12.40 -29.65
N THR A 167 -18.37 13.28 -29.34
CA THR A 167 -18.28 14.66 -29.81
C THR A 167 -16.88 15.00 -30.30
N THR A 168 -16.69 16.26 -30.65
CA THR A 168 -15.39 16.73 -31.10
C THR A 168 -14.77 17.54 -30.00
N TRP A 169 -13.49 17.80 -30.09
CA TRP A 169 -12.87 18.59 -29.07
C TRP A 169 -13.20 20.04 -29.22
N GLU A 170 -13.50 20.67 -28.11
CA GLU A 170 -13.74 22.09 -28.03
C GLU A 170 -13.50 22.48 -26.59
N ASP A 171 -13.06 23.70 -26.34
CA ASP A 171 -12.84 24.01 -24.95
C ASP A 171 -14.11 24.47 -24.27
N HIS A 172 -14.71 23.52 -23.58
CA HIS A 172 -15.98 23.65 -22.85
C HIS A 172 -15.83 23.71 -21.32
N CYS A 173 -14.61 23.91 -20.78
CA CYS A 173 -14.34 23.79 -19.33
C CYS A 173 -14.65 25.12 -18.62
N GLN A 174 -15.93 25.46 -18.63
CA GLN A 174 -16.42 26.73 -18.10
C GLN A 174 -16.80 26.72 -16.64
N PHE A 175 -17.34 25.61 -16.14
CA PHE A 175 -17.79 25.56 -14.77
C PHE A 175 -16.66 25.08 -13.91
N SER A 176 -16.01 24.02 -14.38
CA SER A 176 -14.86 23.50 -13.63
C SER A 176 -13.82 22.97 -14.60
N ARG A 177 -12.57 23.07 -14.15
CA ARG A 177 -11.37 22.70 -14.89
C ARG A 177 -11.25 21.22 -15.13
N PRO A 178 -10.53 20.81 -16.18
CA PRO A 178 -10.27 19.44 -16.51
C PRO A 178 -9.47 18.77 -15.47
N SER A 179 -9.82 17.53 -15.23
CA SER A 179 -9.08 16.70 -14.32
C SER A 179 -9.22 15.24 -14.67
N PRO A 180 -8.14 14.45 -14.60
CA PRO A 180 -8.13 13.04 -14.85
C PRO A 180 -8.65 12.24 -13.68
N ILE A 181 -8.88 12.89 -12.55
CA ILE A 181 -9.19 12.20 -11.32
C ILE A 181 -10.48 11.40 -11.34
N GLY A 182 -11.55 11.92 -11.92
CA GLY A 182 -12.80 11.18 -11.93
C GLY A 182 -12.62 9.82 -12.62
N TYR A 183 -12.10 9.86 -13.84
CA TYR A 183 -11.86 8.66 -14.60
C TYR A 183 -10.92 7.71 -13.87
N LEU A 184 -9.81 8.22 -13.37
CA LEU A 184 -8.84 7.34 -12.76
C LEU A 184 -9.45 6.66 -11.54
N GLY A 185 -10.27 7.39 -10.78
CA GLY A 185 -10.91 6.81 -9.60
C GLY A 185 -11.82 5.66 -9.97
N LEU A 186 -12.56 5.79 -11.08
CA LEU A 186 -13.47 4.75 -11.54
C LEU A 186 -12.79 3.49 -11.99
N LEU A 187 -11.54 3.57 -12.38
CA LEU A 187 -10.87 2.36 -12.80
C LEU A 187 -10.82 1.33 -11.65
N SER A 188 -10.93 1.75 -10.37
CA SER A 188 -10.90 0.79 -9.28
C SER A 188 -12.28 0.21 -8.94
N GLN A 189 -13.35 0.76 -9.53
CA GLN A 189 -14.73 0.37 -9.25
C GLN A 189 -15.35 -0.53 -10.29
N ARG A 190 -14.59 -0.90 -11.30
CA ARG A 190 -15.10 -1.65 -12.44
C ARG A 190 -15.80 -2.95 -12.13
N THR A 191 -15.40 -3.67 -11.09
CA THR A 191 -16.01 -4.95 -10.81
C THR A 191 -16.80 -5.01 -9.50
N ARG A 192 -17.03 -3.86 -8.89
CA ARG A 192 -17.75 -3.82 -7.63
C ARG A 192 -19.24 -3.70 -7.85
N ASP A 193 -20.01 -4.27 -6.93
CA ASP A 193 -21.49 -4.15 -7.00
C ASP A 193 -22.01 -4.52 -8.39
N ILE A 194 -21.58 -5.66 -8.94
CA ILE A 194 -22.15 -6.15 -10.23
C ILE A 194 -22.86 -7.46 -9.90
N TYR A 195 -24.16 -7.56 -10.18
CA TYR A 195 -24.94 -8.77 -9.79
C TYR A 195 -24.54 -9.97 -10.65
N ILE A 196 -24.96 -11.18 -10.24
CA ILE A 196 -24.70 -12.39 -11.05
C ILE A 196 -25.55 -12.28 -12.31
N SER A 197 -25.26 -13.11 -13.32
CA SER A 197 -26.06 -13.12 -14.58
C SER A 197 -26.89 -11.83 -14.69
N THR B 1 36.80 -8.76 -5.76
CA THR B 1 36.21 -8.09 -6.90
C THR B 1 36.88 -6.69 -7.00
N SER B 2 36.27 -5.68 -6.34
CA SER B 2 36.74 -4.29 -6.21
C SER B 2 36.21 -3.76 -4.90
N LEU B 3 36.91 -2.79 -4.32
CA LEU B 3 36.44 -2.24 -3.07
C LEU B 3 36.00 -0.81 -3.17
N TYR B 4 34.86 -0.54 -2.58
CA TYR B 4 34.33 0.79 -2.51
C TYR B 4 34.75 1.35 -1.18
N LYS B 5 35.25 2.58 -1.19
CA LYS B 5 35.75 3.28 -0.01
C LYS B 5 36.93 2.56 0.62
N GLY B 6 37.48 1.59 -0.07
CA GLY B 6 38.62 0.82 0.38
C GLY B 6 38.24 -0.33 1.30
N VAL B 7 36.96 -0.45 1.67
CA VAL B 7 36.55 -1.50 2.58
C VAL B 7 35.34 -2.32 2.19
N TYR B 8 34.58 -1.91 1.19
CA TYR B 8 33.38 -2.66 0.87
C TYR B 8 33.50 -3.44 -0.39
N GLU B 9 33.43 -4.74 -0.31
CA GLU B 9 33.56 -5.52 -1.51
C GLU B 9 32.23 -5.61 -2.19
N LEU B 10 32.22 -5.42 -3.48
CA LEU B 10 30.95 -5.59 -4.19
C LEU B 10 30.76 -7.06 -4.48
N GLN B 11 29.63 -7.61 -4.05
CA GLN B 11 29.36 -9.02 -4.24
C GLN B 11 28.02 -9.23 -4.90
N THR B 12 27.87 -10.36 -5.59
CA THR B 12 26.59 -10.64 -6.21
C THR B 12 25.91 -11.88 -5.71
N LEU B 13 24.62 -11.93 -6.01
CA LEU B 13 23.71 -13.00 -5.66
C LEU B 13 22.75 -13.33 -6.79
N GLU B 14 22.60 -14.60 -7.15
CA GLU B 14 21.60 -14.94 -8.17
C GLU B 14 20.56 -15.89 -7.61
N LEU B 15 19.29 -15.62 -7.87
CA LEU B 15 18.25 -16.46 -7.30
C LEU B 15 17.89 -17.65 -8.13
N ASN B 16 17.63 -18.76 -7.47
CA ASN B 16 17.20 -19.97 -8.11
C ASN B 16 15.70 -20.09 -8.06
N MET B 17 15.00 -19.51 -9.02
CA MET B 17 13.55 -19.43 -8.96
C MET B 17 12.87 -20.72 -9.34
N GLU B 18 13.67 -21.70 -9.68
CA GLU B 18 13.20 -23.02 -10.01
C GLU B 18 12.59 -23.66 -8.79
N THR B 19 13.04 -23.31 -7.59
CA THR B 19 12.51 -23.98 -6.41
C THR B 19 11.13 -23.47 -6.08
N LEU B 20 10.66 -22.48 -6.80
CA LEU B 20 9.34 -21.98 -6.58
C LEU B 20 8.24 -22.75 -7.37
N ASN B 21 8.64 -23.76 -8.21
CA ASN B 21 7.85 -24.59 -9.12
C ASN B 21 6.60 -25.20 -8.46
N MET B 22 6.73 -25.64 -7.21
CA MET B 22 5.63 -26.38 -6.53
C MET B 22 4.49 -25.47 -6.09
N THR B 23 4.68 -24.15 -6.01
CA THR B 23 3.55 -23.31 -5.69
C THR B 23 3.18 -22.34 -6.81
N MET B 24 4.10 -22.03 -7.72
CA MET B 24 3.79 -21.02 -8.73
C MET B 24 4.17 -21.43 -10.14
N PRO B 25 3.39 -21.08 -11.17
CA PRO B 25 3.76 -21.30 -12.56
C PRO B 25 5.05 -20.55 -12.87
N LEU B 26 5.93 -21.17 -13.63
CA LEU B 26 7.19 -20.53 -14.00
C LEU B 26 7.31 -20.40 -15.49
N SER B 27 7.53 -19.18 -15.93
CA SER B 27 7.60 -18.89 -17.36
C SER B 27 9.05 -18.78 -17.87
N CYS B 28 9.37 -19.55 -18.95
CA CYS B 28 10.67 -19.66 -19.64
C CYS B 28 10.58 -19.32 -21.12
N THR B 29 11.72 -18.95 -21.66
CA THR B 29 11.83 -18.71 -23.09
C THR B 29 12.88 -19.63 -23.66
N LYS B 30 12.53 -20.34 -24.72
CA LYS B 30 13.51 -21.24 -25.34
C LYS B 30 14.20 -20.57 -26.55
N ASN B 31 13.40 -19.99 -27.47
CA ASN B 31 13.84 -19.34 -28.70
C ASN B 31 12.74 -18.37 -29.16
N ASN B 32 12.87 -17.76 -30.37
CA ASN B 32 11.89 -16.79 -30.90
C ASN B 32 10.48 -17.32 -31.05
N SER B 33 10.32 -18.58 -31.39
CA SER B 33 8.99 -19.09 -31.56
C SER B 33 8.43 -19.88 -30.39
N HIS B 34 9.27 -20.47 -29.54
CA HIS B 34 8.75 -21.27 -28.42
C HIS B 34 9.03 -20.74 -27.02
N HIS B 35 7.93 -20.60 -26.26
CA HIS B 35 7.92 -20.10 -24.89
C HIS B 35 7.13 -21.08 -24.03
N TYR B 36 7.49 -21.22 -22.76
CA TYR B 36 6.83 -22.21 -21.90
C TYR B 36 6.37 -21.73 -20.55
N ILE B 37 5.25 -22.27 -20.07
CA ILE B 37 4.80 -22.02 -18.71
C ILE B 37 4.68 -23.32 -17.96
N MET B 38 5.55 -23.57 -17.01
CA MET B 38 5.49 -24.85 -16.33
C MET B 38 4.73 -24.75 -15.05
N VAL B 39 3.91 -25.75 -14.78
CA VAL B 39 3.10 -25.74 -13.57
C VAL B 39 3.51 -26.91 -12.71
N GLY B 40 4.17 -26.64 -11.60
CA GLY B 40 4.72 -27.73 -10.81
C GLY B 40 5.74 -28.43 -11.70
N ASN B 41 5.66 -29.76 -11.77
CA ASN B 41 6.49 -30.63 -12.60
C ASN B 41 5.51 -31.44 -13.46
N GLU B 42 5.97 -32.36 -14.30
CA GLU B 42 5.11 -33.21 -15.19
C GLU B 42 4.37 -32.46 -16.32
N THR B 43 3.65 -31.37 -16.01
CA THR B 43 2.89 -30.62 -17.04
C THR B 43 3.12 -29.10 -17.13
N GLY B 44 2.42 -28.48 -18.08
CA GLY B 44 2.51 -27.05 -18.33
C GLY B 44 2.00 -26.69 -19.72
N LEU B 45 2.09 -25.40 -20.07
CA LEU B 45 1.65 -24.90 -21.37
C LEU B 45 2.79 -24.52 -22.27
N GLU B 46 2.58 -24.69 -23.55
CA GLU B 46 3.50 -24.26 -24.56
C GLU B 46 2.88 -23.19 -25.41
N LEU B 47 3.56 -22.06 -25.49
CA LEU B 47 3.14 -20.89 -26.25
C LEU B 47 3.98 -20.76 -27.50
N THR B 48 3.36 -20.98 -28.65
CA THR B 48 4.14 -20.97 -29.87
C THR B 48 3.71 -19.94 -30.89
N LEU B 49 4.67 -19.20 -31.41
CA LEU B 49 4.38 -18.27 -32.49
C LEU B 49 4.70 -18.96 -33.78
N THR B 50 3.69 -19.11 -34.62
CA THR B 50 3.88 -19.82 -35.86
C THR B 50 3.19 -19.23 -37.08
N ASN B 51 3.44 -19.85 -38.25
CA ASN B 51 2.76 -19.59 -39.53
C ASN B 51 1.85 -20.76 -39.95
N THR B 52 1.73 -21.82 -39.11
CA THR B 52 0.91 -23.01 -39.35
C THR B 52 -0.21 -23.06 -38.34
N SER B 53 -1.42 -23.12 -38.83
CA SER B 53 -2.57 -23.18 -37.94
C SER B 53 -2.73 -24.60 -37.51
N ILE B 54 -3.45 -24.82 -36.42
CA ILE B 54 -3.75 -26.17 -36.01
C ILE B 54 -5.25 -26.34 -35.93
N ILE B 55 -5.93 -25.23 -35.71
CA ILE B 55 -7.36 -25.19 -35.60
C ILE B 55 -7.93 -24.28 -36.67
N ASN B 56 -8.90 -24.77 -37.43
CA ASN B 56 -9.58 -23.99 -38.44
C ASN B 56 -11.09 -23.95 -38.22
N HIS B 57 -11.48 -24.10 -36.95
CA HIS B 57 -12.86 -24.16 -36.52
C HIS B 57 -13.68 -22.89 -36.48
N LYS B 58 -13.10 -21.80 -35.97
CA LYS B 58 -13.83 -20.55 -35.69
C LYS B 58 -14.93 -20.74 -34.63
N PHE B 59 -14.75 -21.74 -33.78
CA PHE B 59 -15.59 -22.03 -32.62
C PHE B 59 -14.67 -22.18 -31.43
N CYS B 60 -15.14 -21.81 -30.21
CA CYS B 60 -14.45 -22.07 -28.95
C CYS B 60 -15.50 -22.53 -27.94
N ASN B 61 -15.69 -23.84 -27.88
CA ASN B 61 -16.79 -24.42 -27.11
C ASN B 61 -16.41 -24.65 -25.65
N LEU B 62 -16.31 -23.53 -24.90
CA LEU B 62 -15.94 -23.51 -23.49
C LEU B 62 -17.03 -24.08 -22.63
N SER B 63 -18.28 -23.85 -22.97
CA SER B 63 -19.34 -24.37 -22.13
C SER B 63 -19.36 -25.89 -22.19
N ASP B 64 -18.95 -26.46 -23.31
CA ASP B 64 -18.92 -27.90 -23.44
C ASP B 64 -17.75 -28.43 -22.65
N ALA B 65 -16.61 -27.73 -22.72
CA ALA B 65 -15.43 -28.15 -22.00
C ALA B 65 -15.68 -28.14 -20.52
N HIS B 66 -16.44 -27.15 -20.05
CA HIS B 66 -16.74 -27.02 -18.65
C HIS B 66 -17.68 -28.09 -18.20
N LYS B 67 -18.67 -28.41 -19.01
CA LYS B 67 -19.60 -29.45 -18.63
C LYS B 67 -18.90 -30.79 -18.49
N LYS B 68 -18.00 -31.12 -19.41
CA LYS B 68 -17.29 -32.39 -19.34
C LYS B 68 -16.26 -32.41 -18.22
N ASN B 69 -15.60 -31.29 -17.97
CA ASN B 69 -14.62 -31.15 -16.91
C ASN B 69 -13.49 -32.15 -16.94
N LEU B 70 -12.92 -32.39 -18.11
CA LEU B 70 -11.81 -33.33 -18.23
C LEU B 70 -10.45 -32.65 -18.27
N TYR B 71 -10.44 -31.34 -18.24
CA TYR B 71 -9.23 -30.57 -18.36
C TYR B 71 -8.56 -30.33 -17.03
N ASP B 72 -7.27 -30.06 -17.06
CA ASP B 72 -6.52 -29.73 -15.87
C ASP B 72 -6.86 -28.32 -15.44
N HIS B 73 -7.40 -28.17 -14.25
CA HIS B 73 -7.86 -26.88 -13.76
C HIS B 73 -6.73 -25.90 -13.60
N ALA B 74 -5.52 -26.38 -13.33
CA ALA B 74 -4.42 -25.46 -13.13
C ALA B 74 -3.98 -24.87 -14.44
N LEU B 75 -4.32 -25.49 -15.57
CA LEU B 75 -3.89 -24.92 -16.83
C LEU B 75 -5.00 -24.03 -17.32
N MET B 76 -6.24 -24.42 -17.02
CA MET B 76 -7.37 -23.63 -17.49
C MET B 76 -7.37 -22.26 -16.85
N SER B 77 -6.93 -22.16 -15.60
CA SER B 77 -6.89 -20.89 -14.92
C SER B 77 -5.75 -20.00 -15.41
N ILE B 78 -4.80 -20.57 -16.14
CA ILE B 78 -3.73 -19.76 -16.67
C ILE B 78 -4.25 -19.22 -17.96
N ILE B 79 -4.94 -20.05 -18.71
CA ILE B 79 -5.51 -19.58 -19.93
C ILE B 79 -6.58 -18.55 -19.68
N SER B 80 -7.48 -18.73 -18.71
CA SER B 80 -8.44 -17.66 -18.56
C SER B 80 -7.75 -16.40 -18.10
N THR B 81 -6.65 -16.48 -17.35
CA THR B 81 -5.95 -15.26 -17.00
C THR B 81 -5.39 -14.60 -18.25
N PHE B 82 -4.79 -15.40 -19.14
CA PHE B 82 -4.22 -14.87 -20.36
C PHE B 82 -5.29 -14.19 -21.17
N HIS B 83 -6.39 -14.88 -21.36
CA HIS B 83 -7.44 -14.35 -22.21
C HIS B 83 -8.10 -13.12 -21.68
N LEU B 84 -8.47 -13.15 -20.42
CA LEU B 84 -9.19 -12.04 -19.81
C LEU B 84 -8.32 -10.82 -19.72
N SER B 85 -7.00 -10.99 -19.70
CA SER B 85 -6.07 -9.89 -19.61
C SER B 85 -5.78 -9.22 -20.96
N ILE B 86 -6.32 -9.74 -22.09
CA ILE B 86 -6.06 -9.12 -23.39
C ILE B 86 -6.89 -7.86 -23.49
N PRO B 87 -6.31 -6.66 -23.67
CA PRO B 87 -7.06 -5.44 -23.73
C PRO B 87 -7.86 -5.37 -25.00
N ASN B 88 -9.07 -4.85 -24.90
CA ASN B 88 -9.92 -4.59 -26.04
C ASN B 88 -10.08 -5.79 -26.98
N PHE B 89 -10.28 -6.98 -26.43
CA PHE B 89 -10.41 -8.12 -27.32
C PHE B 89 -11.80 -8.27 -27.88
N ASN B 90 -12.12 -7.46 -28.87
CA ASN B 90 -13.47 -7.49 -29.41
C ASN B 90 -13.66 -8.35 -30.66
N GLN B 91 -12.63 -9.08 -31.06
CA GLN B 91 -12.72 -9.95 -32.23
C GLN B 91 -12.74 -11.41 -31.87
N TYR B 92 -13.91 -11.97 -31.65
CA TYR B 92 -13.98 -13.35 -31.21
C TYR B 92 -13.73 -14.30 -32.33
N GLU B 93 -13.89 -13.82 -33.57
CA GLU B 93 -13.65 -14.68 -34.76
C GLU B 93 -12.14 -14.96 -34.88
N ALA B 94 -11.31 -14.22 -34.14
CA ALA B 94 -9.89 -14.43 -34.20
C ALA B 94 -9.47 -15.55 -33.27
N MET B 95 -10.39 -16.05 -32.43
CA MET B 95 -10.02 -17.09 -31.48
C MET B 95 -10.75 -18.40 -31.71
N SER B 96 -10.00 -19.46 -31.93
CA SER B 96 -10.59 -20.79 -32.10
C SER B 96 -10.04 -21.66 -30.99
N CYS B 97 -10.78 -22.71 -30.56
CA CYS B 97 -10.32 -23.63 -29.53
C CYS B 97 -10.71 -25.05 -29.90
N ASP B 98 -10.04 -25.98 -29.28
CA ASP B 98 -10.35 -27.39 -29.41
C ASP B 98 -10.13 -28.05 -28.07
N PHE B 99 -11.18 -28.23 -27.29
CA PHE B 99 -11.04 -28.84 -25.99
C PHE B 99 -11.60 -30.21 -26.12
N ASN B 100 -10.77 -31.20 -26.01
CA ASN B 100 -11.24 -32.54 -26.31
C ASN B 100 -10.56 -33.60 -25.49
N GLY B 101 -11.28 -34.20 -24.57
CA GLY B 101 -10.68 -35.24 -23.74
C GLY B 101 -9.83 -34.65 -22.67
N GLY B 102 -9.94 -33.35 -22.50
CA GLY B 102 -9.15 -32.61 -21.55
C GLY B 102 -8.00 -31.91 -22.26
N LYS B 103 -7.83 -32.20 -23.53
CA LYS B 103 -6.78 -31.56 -24.29
C LYS B 103 -7.06 -30.10 -24.35
N ILE B 104 -6.05 -29.28 -24.13
CA ILE B 104 -6.18 -27.85 -24.24
C ILE B 104 -5.46 -27.35 -25.43
N SER B 105 -6.19 -26.65 -26.28
CA SER B 105 -5.61 -26.05 -27.45
C SER B 105 -6.37 -24.81 -27.83
N VAL B 106 -5.68 -23.67 -27.75
CA VAL B 106 -6.26 -22.37 -28.06
C VAL B 106 -5.44 -21.64 -29.12
N GLN B 107 -6.08 -21.18 -30.17
CA GLN B 107 -5.37 -20.49 -31.22
C GLN B 107 -5.83 -19.10 -31.51
N TYR B 108 -4.92 -18.15 -31.38
CA TYR B 108 -5.24 -16.77 -31.70
C TYR B 108 -4.70 -16.44 -33.08
N ASN B 109 -5.55 -15.89 -33.95
CA ASN B 109 -5.23 -15.46 -35.30
C ASN B 109 -4.81 -13.98 -35.28
N LEU B 110 -3.50 -13.72 -35.48
CA LEU B 110 -2.87 -12.40 -35.40
C LEU B 110 -2.92 -11.76 -36.77
N SER B 111 -3.33 -12.53 -37.78
CA SER B 111 -3.35 -12.03 -39.15
C SER B 111 -4.73 -11.62 -39.54
N HIS B 112 -5.65 -11.77 -38.59
CA HIS B 112 -7.08 -11.52 -38.77
C HIS B 112 -7.35 -10.12 -39.28
N SER B 113 -6.85 -9.14 -38.55
CA SER B 113 -6.94 -7.72 -38.94
C SER B 113 -5.55 -7.04 -39.21
N TYR B 114 -4.45 -7.77 -38.90
CA TYR B 114 -3.01 -7.46 -38.89
C TYR B 114 -2.71 -5.96 -38.95
N HIS B 121 -1.16 0.16 -37.13
CA HIS B 121 -1.34 -1.15 -36.49
C HIS B 121 -1.74 -1.04 -35.03
N CYS B 122 -2.36 0.06 -34.69
CA CYS B 122 -2.86 0.24 -33.35
C CYS B 122 -4.33 -0.10 -33.44
N GLY B 123 -4.90 -0.67 -32.39
CA GLY B 123 -6.32 -0.98 -32.46
C GLY B 123 -6.57 -2.22 -33.30
N THR B 124 -5.61 -3.14 -33.33
CA THR B 124 -5.74 -4.35 -34.12
C THR B 124 -5.77 -5.53 -33.18
N VAL B 125 -5.93 -6.74 -33.70
CA VAL B 125 -5.95 -7.89 -32.81
C VAL B 125 -4.59 -8.25 -32.33
N ALA B 126 -3.65 -8.27 -33.25
CA ALA B 126 -2.33 -8.69 -32.92
C ALA B 126 -1.68 -7.87 -31.85
N ASN B 127 -1.93 -6.57 -31.77
CA ASN B 127 -1.20 -5.83 -30.77
C ASN B 127 -1.92 -5.82 -29.44
N GLY B 128 -2.95 -6.61 -29.31
CA GLY B 128 -3.68 -6.79 -28.09
C GLY B 128 -3.18 -8.10 -27.52
N VAL B 129 -3.31 -9.15 -28.32
CA VAL B 129 -2.91 -10.49 -27.94
C VAL B 129 -1.43 -10.52 -27.58
N LEU B 130 -0.61 -9.83 -28.37
CA LEU B 130 0.82 -9.80 -28.12
C LEU B 130 1.19 -9.04 -26.86
N GLN B 131 0.37 -8.13 -26.33
CA GLN B 131 0.80 -7.48 -25.11
C GLN B 131 0.67 -8.47 -23.99
N THR B 132 -0.38 -9.28 -24.01
CA THR B 132 -0.57 -10.25 -22.94
C THR B 132 0.54 -11.26 -23.04
N PHE B 133 0.85 -11.67 -24.25
CA PHE B 133 1.95 -12.59 -24.49
C PHE B 133 3.23 -12.03 -23.96
N MET B 134 3.54 -10.79 -24.31
CA MET B 134 4.78 -10.20 -23.84
C MET B 134 4.85 -10.23 -22.33
N ARG B 135 3.75 -9.96 -21.64
CA ARG B 135 3.76 -10.01 -20.18
C ARG B 135 3.87 -11.44 -19.61
N MET B 136 3.13 -12.40 -20.16
CA MET B 136 3.16 -13.74 -19.55
C MET B 136 4.50 -14.44 -19.77
N ALA B 137 5.15 -14.09 -20.86
CA ALA B 137 6.44 -14.65 -21.23
C ALA B 137 7.53 -13.58 -21.10
N TRP B 138 7.29 -12.60 -20.21
CA TRP B 138 8.18 -11.48 -19.97
C TRP B 138 9.53 -11.91 -19.49
N GLY B 139 10.58 -11.22 -19.95
CA GLY B 139 11.92 -11.61 -19.55
C GLY B 139 12.51 -12.60 -20.53
N GLY B 140 12.08 -12.50 -21.79
CA GLY B 140 12.57 -13.38 -22.83
C GLY B 140 11.79 -13.22 -24.12
N SER B 141 10.46 -13.07 -24.03
CA SER B 141 9.58 -12.96 -25.18
C SER B 141 9.81 -11.81 -26.11
N TYR B 142 10.49 -10.79 -25.65
CA TYR B 142 10.75 -9.64 -26.49
C TYR B 142 11.48 -10.00 -27.77
N ILE B 143 12.22 -11.10 -27.79
CA ILE B 143 12.98 -11.48 -28.98
C ILE B 143 12.10 -11.89 -30.12
N ALA B 144 10.86 -12.25 -29.81
CA ALA B 144 9.93 -12.70 -30.79
C ALA B 144 9.15 -11.56 -31.44
N LEU B 145 9.32 -10.35 -30.96
CA LEU B 145 8.52 -9.26 -31.48
C LEU B 145 9.34 -8.48 -32.48
N ASP B 146 8.72 -8.05 -33.57
CA ASP B 146 9.45 -7.30 -34.58
C ASP B 146 9.37 -5.84 -34.21
N SER B 147 10.00 -5.51 -33.11
CA SER B 147 9.92 -4.16 -32.59
C SER B 147 11.09 -3.79 -31.73
N GLY B 148 11.44 -2.53 -31.78
CA GLY B 148 12.45 -2.04 -30.88
C GLY B 148 11.71 -1.59 -29.63
N CYS B 149 12.43 -0.91 -28.72
CA CYS B 149 11.90 -0.37 -27.47
C CYS B 149 11.17 0.95 -27.75
N GLY B 150 10.31 1.39 -26.84
CA GLY B 150 9.59 2.65 -27.05
C GLY B 150 8.21 2.49 -27.69
N ASN B 151 7.78 1.25 -27.85
CA ASN B 151 6.48 0.94 -28.47
C ASN B 151 5.59 0.20 -27.47
N TRP B 152 4.68 0.91 -26.82
CA TRP B 152 3.91 0.23 -25.79
C TRP B 152 2.65 -0.41 -26.35
N ASP B 153 2.18 0.12 -27.48
CA ASP B 153 0.94 -0.33 -28.08
C ASP B 153 1.17 -1.03 -29.38
N CYS B 154 1.84 -0.38 -30.33
CA CYS B 154 1.96 -0.92 -31.67
C CYS B 154 3.01 -2.00 -31.77
N ILE B 155 2.68 -3.13 -31.19
CA ILE B 155 3.50 -4.30 -31.12
C ILE B 155 3.03 -5.28 -32.14
N MET B 156 3.93 -5.67 -33.02
CA MET B 156 3.61 -6.61 -34.07
C MET B 156 4.73 -7.61 -34.18
N THR B 157 4.41 -8.78 -34.69
CA THR B 157 5.39 -9.80 -34.98
C THR B 157 5.16 -10.19 -36.41
N SER B 158 6.04 -11.00 -36.98
CA SER B 158 5.87 -11.44 -38.36
C SER B 158 5.02 -12.69 -38.48
N TYR B 159 4.81 -13.35 -37.35
CA TYR B 159 4.07 -14.59 -37.22
C TYR B 159 2.58 -14.37 -37.34
N GLN B 160 1.87 -15.38 -37.82
CA GLN B 160 0.44 -15.26 -38.01
C GLN B 160 -0.40 -15.80 -36.86
N TYR B 161 0.10 -16.79 -36.13
CA TYR B 161 -0.71 -17.36 -35.08
C TYR B 161 0.02 -17.47 -33.76
N LEU B 162 -0.73 -17.32 -32.67
CA LEU B 162 -0.22 -17.62 -31.35
C LEU B 162 -0.97 -18.80 -30.82
N ILE B 163 -0.28 -19.89 -30.67
CA ILE B 163 -0.91 -21.11 -30.24
C ILE B 163 -0.55 -21.55 -28.85
N ILE B 164 -1.56 -21.78 -28.04
CA ILE B 164 -1.36 -22.25 -26.69
C ILE B 164 -1.85 -23.69 -26.55
N GLN B 165 -0.95 -24.58 -26.19
CA GLN B 165 -1.31 -25.98 -26.03
C GLN B 165 -0.74 -26.55 -24.76
N ASN B 166 -1.37 -27.58 -24.18
CA ASN B 166 -0.80 -28.31 -23.05
C ASN B 166 0.37 -29.19 -23.53
N THR B 167 1.45 -29.24 -22.75
CA THR B 167 2.65 -30.05 -22.97
C THR B 167 3.09 -30.77 -21.72
N THR B 168 4.22 -31.44 -21.81
CA THR B 168 4.77 -32.16 -20.67
C THR B 168 5.95 -31.38 -20.15
N TRP B 169 6.39 -31.69 -18.96
CA TRP B 169 7.53 -30.97 -18.44
C TRP B 169 8.81 -31.44 -19.06
N GLU B 170 9.64 -30.50 -19.41
CA GLU B 170 10.97 -30.75 -19.93
C GLU B 170 11.77 -29.49 -19.67
N ASP B 171 13.07 -29.61 -19.47
CA ASP B 171 13.78 -28.38 -19.20
C ASP B 171 14.17 -27.67 -20.50
N HIS B 172 13.34 -26.70 -20.86
CA HIS B 172 13.44 -25.87 -22.05
C HIS B 172 13.93 -24.44 -21.82
N CYS B 173 14.49 -24.12 -20.62
CA CYS B 173 14.81 -22.74 -20.23
C CYS B 173 16.20 -22.35 -20.75
N GLN B 174 16.29 -22.29 -22.07
CA GLN B 174 17.55 -22.03 -22.76
C GLN B 174 17.87 -20.58 -23.04
N PHE B 175 16.85 -19.76 -23.30
CA PHE B 175 17.10 -18.38 -23.63
C PHE B 175 17.06 -17.57 -22.36
N SER B 176 16.06 -17.83 -21.54
CA SER B 176 15.97 -17.14 -20.27
C SER B 176 15.38 -18.05 -19.22
N ARG B 177 15.82 -17.80 -17.98
CA ARG B 177 15.49 -18.56 -16.79
C ARG B 177 14.04 -18.44 -16.38
N PRO B 178 13.50 -19.44 -15.67
CA PRO B 178 12.16 -19.44 -15.17
C PRO B 178 11.94 -18.38 -14.18
N SER B 179 10.78 -17.79 -14.25
CA SER B 179 10.37 -16.80 -13.30
C SER B 179 8.87 -16.76 -13.15
N PRO B 180 8.33 -16.63 -11.94
CA PRO B 180 6.93 -16.51 -11.66
C PRO B 180 6.40 -15.13 -11.92
N ILE B 181 7.28 -14.18 -12.19
CA ILE B 181 6.89 -12.79 -12.27
C ILE B 181 5.90 -12.45 -13.37
N GLY B 182 6.05 -13.00 -14.56
CA GLY B 182 5.12 -12.67 -15.63
C GLY B 182 3.69 -13.01 -15.23
N TYR B 183 3.48 -14.26 -14.82
CA TYR B 183 2.19 -14.72 -14.40
C TYR B 183 1.65 -13.90 -13.24
N LEU B 184 2.47 -13.68 -12.21
CA LEU B 184 1.96 -13.00 -11.05
C LEU B 184 1.55 -11.59 -11.42
N GLY B 185 2.29 -10.93 -12.30
CA GLY B 185 1.95 -9.58 -12.73
C GLY B 185 0.59 -9.53 -13.41
N LEU B 186 0.29 -10.54 -14.25
CA LEU B 186 -0.98 -10.62 -14.96
C LEU B 186 -2.17 -10.82 -14.07
N LEU B 187 -1.98 -11.37 -12.89
CA LEU B 187 -3.12 -11.54 -12.02
C LEU B 187 -3.78 -10.19 -11.67
N SER B 188 -3.07 -9.06 -11.78
CA SER B 188 -3.68 -7.77 -11.47
C SER B 188 -4.37 -7.14 -12.69
N GLN B 189 -4.19 -7.71 -13.87
CA GLN B 189 -4.74 -7.17 -15.12
C GLN B 189 -5.98 -7.86 -15.63
N ARG B 190 -6.46 -8.84 -14.88
CA ARG B 190 -7.57 -9.68 -15.31
C ARG B 190 -8.85 -8.98 -15.71
N THR B 191 -9.17 -7.85 -15.10
CA THR B 191 -10.42 -7.19 -15.41
C THR B 191 -10.27 -5.82 -16.08
N ARG B 192 -9.05 -5.48 -16.48
CA ARG B 192 -8.80 -4.20 -17.12
C ARG B 192 -9.01 -4.26 -18.61
N ASP B 193 -9.44 -3.13 -19.18
CA ASP B 193 -9.61 -3.05 -20.65
C ASP B 193 -10.42 -4.23 -21.19
N ILE B 194 -11.57 -4.53 -20.57
CA ILE B 194 -12.48 -5.57 -21.12
C ILE B 194 -13.77 -4.84 -21.53
N TYR B 195 -14.16 -4.92 -22.80
CA TYR B 195 -15.34 -4.16 -23.29
C TYR B 195 -16.64 -4.73 -22.72
N ILE B 196 -17.73 -3.98 -22.85
CA ILE B 196 -19.06 -4.49 -22.41
C ILE B 196 -19.46 -5.63 -23.35
N SER B 197 -20.45 -6.42 -22.98
CA SER B 197 -20.93 -7.54 -23.84
C SER B 197 -19.91 -7.85 -24.92
N THR C 1 -3.32 -7.86 37.29
CA THR C 1 -3.11 -9.07 36.50
C THR C 1 -1.69 -9.59 36.87
N SER C 2 -0.66 -9.13 36.12
CA SER C 2 0.77 -9.41 36.29
C SER C 2 1.53 -8.22 35.76
N LEU C 3 2.73 -7.99 36.30
CA LEU C 3 3.50 -6.87 35.81
C LEU C 3 4.76 -7.26 35.09
N TYR C 4 4.97 -6.62 33.97
CA TYR C 4 6.15 -6.83 33.18
C TYR C 4 7.12 -5.74 33.57
N LYS C 5 8.36 -6.13 33.81
CA LYS C 5 9.42 -5.21 34.25
C LYS C 5 9.13 -4.57 35.59
N GLY C 6 8.11 -5.07 36.27
CA GLY C 6 7.72 -4.59 37.58
C GLY C 6 6.81 -3.37 37.50
N VAL C 7 6.57 -2.82 36.30
CA VAL C 7 5.74 -1.63 36.18
C VAL C 7 4.65 -1.66 35.14
N TYR C 8 4.63 -2.64 34.24
CA TYR C 8 3.62 -2.60 33.20
C TYR C 8 2.56 -3.64 33.38
N GLU C 9 1.34 -3.22 33.59
CA GLU C 9 0.32 -4.20 33.78
C GLU C 9 -0.19 -4.67 32.46
N LEU C 10 -0.36 -5.96 32.30
CA LEU C 10 -0.94 -6.43 31.06
C LEU C 10 -2.45 -6.32 31.15
N GLN C 11 -3.05 -5.63 30.19
CA GLN C 11 -4.48 -5.44 30.20
C GLN C 11 -5.10 -5.85 28.89
N THR C 12 -6.38 -6.21 28.91
CA THR C 12 -7.04 -6.59 27.67
C THR C 12 -8.20 -5.72 27.30
N LEU C 13 -8.55 -5.83 26.03
CA LEU C 13 -9.63 -5.11 25.38
C LEU C 13 -10.41 -6.00 24.42
N GLU C 14 -11.74 -6.00 24.51
CA GLU C 14 -12.51 -6.78 23.53
C GLU C 14 -13.45 -5.87 22.75
N LEU C 15 -13.48 -6.03 21.44
CA LEU C 15 -14.31 -5.15 20.64
C LEU C 15 -15.74 -5.61 20.45
N ASN C 16 -16.65 -4.66 20.49
CA ASN C 16 -18.05 -4.93 20.26
C ASN C 16 -18.40 -4.66 18.82
N MET C 17 -18.24 -5.64 17.96
CA MET C 17 -18.41 -5.42 16.53
C MET C 17 -19.85 -5.39 16.10
N GLU C 18 -20.72 -5.56 17.05
CA GLU C 18 -22.15 -5.50 16.84
C GLU C 18 -22.54 -4.09 16.45
N THR C 19 -21.81 -3.08 16.92
CA THR C 19 -22.21 -1.71 16.62
C THR C 19 -21.90 -1.36 15.19
N LEU C 20 -21.22 -2.24 14.48
CA LEU C 20 -20.92 -1.98 13.10
C LEU C 20 -22.07 -2.42 12.13
N ASN C 21 -23.16 -3.03 12.67
CA ASN C 21 -24.34 -3.59 11.99
C ASN C 21 -24.97 -2.66 10.94
N MET C 22 -25.02 -1.36 11.25
CA MET C 22 -25.74 -0.39 10.37
C MET C 22 -24.95 -0.06 9.10
N THR C 23 -23.65 -0.33 9.04
CA THR C 23 -22.97 -0.09 7.78
C THR C 23 -22.41 -1.36 7.14
N MET C 24 -22.20 -2.43 7.91
CA MET C 24 -21.58 -3.62 7.34
C MET C 24 -22.28 -4.92 7.69
N PRO C 25 -22.36 -5.90 6.78
CA PRO C 25 -22.87 -7.21 7.09
C PRO C 25 -22.02 -7.86 8.17
N LEU C 26 -22.66 -8.54 9.10
CA LEU C 26 -21.92 -9.21 10.17
C LEU C 26 -22.18 -10.69 10.17
N SER C 27 -21.11 -11.45 10.09
CA SER C 27 -21.19 -12.90 10.00
C SER C 27 -20.98 -13.60 11.36
N CYS C 28 -21.93 -14.49 11.75
CA CYS C 28 -22.01 -15.28 12.98
C CYS C 28 -22.09 -16.77 12.73
N THR C 29 -21.67 -17.53 13.73
CA THR C 29 -21.82 -18.97 13.69
C THR C 29 -22.66 -19.41 14.85
N LYS C 30 -23.67 -20.22 14.57
CA LYS C 30 -24.51 -20.70 15.67
C LYS C 30 -24.08 -22.11 16.12
N ASN C 31 -23.94 -23.05 15.16
CA ASN C 31 -23.57 -24.45 15.36
C ASN C 31 -22.96 -25.00 14.07
N ASN C 32 -22.70 -26.33 13.97
CA ASN C 32 -22.08 -26.96 12.78
C ASN C 32 -22.87 -26.80 11.50
N SER C 33 -24.19 -26.79 11.58
CA SER C 33 -24.94 -26.67 10.36
C SER C 33 -25.48 -25.27 10.07
N HIS C 34 -25.66 -24.41 11.08
CA HIS C 34 -26.21 -23.07 10.80
C HIS C 34 -25.28 -21.89 11.07
N HIS C 35 -25.14 -21.07 10.02
CA HIS C 35 -24.31 -19.87 10.01
C HIS C 35 -25.15 -18.71 9.50
N TYR C 36 -24.88 -17.50 9.97
CA TYR C 36 -25.70 -16.35 9.59
C TYR C 36 -24.97 -15.10 9.15
N ILE C 37 -25.54 -14.37 8.20
CA ILE C 37 -25.02 -13.07 7.80
C ILE C 37 -26.08 -12.02 8.00
N MET C 38 -25.90 -11.14 8.97
CA MET C 38 -26.95 -10.17 9.22
C MET C 38 -26.63 -8.87 8.56
N VAL C 39 -27.65 -8.27 7.97
CA VAL C 39 -27.46 -7.00 7.28
C VAL C 39 -28.27 -5.94 7.97
N GLY C 40 -27.60 -5.01 8.64
CA GLY C 40 -28.33 -4.06 9.44
C GLY C 40 -29.04 -4.86 10.52
N ASN C 41 -30.33 -4.60 10.71
CA ASN C 41 -31.23 -5.28 11.64
C ASN C 41 -32.40 -5.77 10.78
N GLU C 42 -33.43 -6.41 11.36
CA GLU C 42 -34.61 -6.94 10.63
C GLU C 42 -34.34 -8.13 9.67
N THR C 43 -33.35 -8.02 8.77
CA THR C 43 -33.05 -9.10 7.80
C THR C 43 -31.60 -9.58 7.71
N GLY C 44 -31.39 -10.57 6.84
CA GLY C 44 -30.09 -11.17 6.60
C GLY C 44 -30.20 -12.54 5.95
N LEU C 45 -29.07 -13.20 5.75
CA LEU C 45 -29.02 -14.52 5.12
C LEU C 45 -28.69 -15.63 6.09
N GLU C 46 -29.25 -16.78 5.83
CA GLU C 46 -28.94 -17.97 6.57
C GLU C 46 -28.27 -18.99 5.68
N LEU C 47 -27.09 -19.43 6.11
CA LEU C 47 -26.26 -20.38 5.40
C LEU C 47 -26.33 -21.73 6.11
N THR C 48 -26.95 -22.71 5.48
CA THR C 48 -27.14 -23.99 6.14
C THR C 48 -26.51 -25.16 5.43
N LEU C 49 -25.78 -25.97 6.18
CA LEU C 49 -25.24 -27.20 5.63
C LEU C 49 -26.19 -28.31 5.99
N THR C 50 -26.72 -28.95 4.99
CA THR C 50 -27.70 -29.98 5.21
C THR C 50 -27.59 -31.23 4.34
N ASN C 51 -28.46 -32.23 4.62
CA ASN C 51 -28.66 -33.43 3.82
C ASN C 51 -30.06 -33.43 3.13
N THR C 52 -30.85 -32.35 3.29
CA THR C 52 -32.18 -32.18 2.71
C THR C 52 -32.16 -31.06 1.71
N SER C 53 -32.56 -31.37 0.49
CA SER C 53 -32.59 -30.36 -0.54
C SER C 53 -33.85 -29.56 -0.39
N ILE C 54 -33.88 -28.38 -0.97
CA ILE C 54 -35.10 -27.61 -0.97
C ILE C 54 -35.51 -27.31 -2.38
N ILE C 55 -34.52 -27.29 -3.26
CA ILE C 55 -34.70 -27.02 -4.66
C ILE C 55 -34.23 -28.21 -5.48
N ASN C 56 -35.06 -28.69 -6.37
CA ASN C 56 -34.72 -29.78 -7.27
C ASN C 56 -34.89 -29.37 -8.74
N HIS C 57 -34.76 -28.08 -8.99
CA HIS C 57 -34.96 -27.48 -10.29
C HIS C 57 -33.88 -27.66 -11.35
N LYS C 58 -32.60 -27.50 -10.98
CA LYS C 58 -31.48 -27.46 -11.91
C LYS C 58 -31.57 -26.27 -12.87
N PHE C 59 -32.25 -25.21 -12.43
CA PHE C 59 -32.37 -23.93 -13.11
C PHE C 59 -32.03 -22.86 -12.09
N CYS C 60 -31.44 -21.73 -12.55
CA CYS C 60 -31.21 -20.54 -11.72
C CYS C 60 -31.58 -19.32 -12.58
N ASN C 61 -32.83 -18.91 -12.51
CA ASN C 61 -33.37 -17.90 -13.39
C ASN C 61 -33.12 -16.48 -12.89
N LEU C 62 -31.85 -16.06 -12.96
CA LEU C 62 -31.38 -14.75 -12.51
C LEU C 62 -31.89 -13.64 -13.38
N SER C 63 -31.97 -13.87 -14.68
CA SER C 63 -32.44 -12.81 -15.54
C SER C 63 -33.89 -12.48 -15.27
N ASP C 64 -34.66 -13.47 -14.81
CA ASP C 64 -36.04 -13.24 -14.51
C ASP C 64 -36.14 -12.49 -13.19
N ALA C 65 -35.30 -12.87 -12.23
CA ALA C 65 -35.28 -12.22 -10.95
C ALA C 65 -34.93 -10.77 -11.10
N HIS C 66 -34.00 -10.48 -12.00
CA HIS C 66 -33.54 -9.12 -12.21
C HIS C 66 -34.61 -8.31 -12.88
N LYS C 67 -35.31 -8.89 -13.85
CA LYS C 67 -36.36 -8.15 -14.51
C LYS C 67 -37.47 -7.77 -13.55
N LYS C 68 -37.86 -8.68 -12.66
CA LYS C 68 -38.91 -8.38 -11.71
C LYS C 68 -38.46 -7.43 -10.62
N ASN C 69 -37.20 -7.55 -10.19
CA ASN C 69 -36.62 -6.68 -9.18
C ASN C 69 -37.38 -6.61 -7.87
N LEU C 70 -37.82 -7.75 -7.35
CA LEU C 70 -38.54 -7.76 -6.09
C LEU C 70 -37.68 -8.13 -4.90
N TYR C 71 -36.42 -8.42 -5.16
CA TYR C 71 -35.50 -8.89 -4.13
C TYR C 71 -34.81 -7.75 -3.44
N ASP C 72 -34.33 -8.01 -2.24
CA ASP C 72 -33.57 -7.04 -1.48
C ASP C 72 -32.16 -6.94 -2.06
N HIS C 73 -31.81 -5.75 -2.55
CA HIS C 73 -30.54 -5.55 -3.21
C HIS C 73 -29.36 -5.78 -2.31
N ALA C 74 -29.53 -5.55 -1.01
CA ALA C 74 -28.41 -5.73 -0.10
C ALA C 74 -28.12 -7.19 0.11
N LEU C 75 -29.08 -8.08 -0.17
CA LEU C 75 -28.81 -9.48 0.04
C LEU C 75 -28.29 -10.03 -1.25
N MET C 76 -28.79 -9.50 -2.37
CA MET C 76 -28.37 -10.01 -3.66
C MET C 76 -26.90 -9.73 -3.90
N SER C 77 -26.40 -8.61 -3.40
CA SER C 77 -25.00 -8.28 -3.57
C SER C 77 -24.10 -9.12 -2.68
N ILE C 78 -24.65 -9.79 -1.68
CA ILE C 78 -23.85 -10.64 -0.83
C ILE C 78 -23.76 -11.94 -1.55
N ILE C 79 -24.87 -12.36 -2.11
CA ILE C 79 -24.87 -13.59 -2.85
C ILE C 79 -24.01 -13.47 -4.08
N SER C 80 -24.08 -12.39 -4.86
CA SER C 80 -23.20 -12.39 -6.00
C SER C 80 -21.75 -12.35 -5.56
N THR C 81 -21.44 -11.75 -4.40
CA THR C 81 -20.06 -11.80 -3.94
C THR C 81 -19.68 -13.23 -3.62
N PHE C 82 -20.57 -13.96 -2.93
CA PHE C 82 -20.29 -15.34 -2.58
C PHE C 82 -20.05 -16.15 -3.81
N HIS C 83 -20.95 -16.04 -4.77
CA HIS C 83 -20.86 -16.85 -5.96
C HIS C 83 -19.67 -16.56 -6.82
N LEU C 84 -19.42 -15.30 -7.08
CA LEU C 84 -18.34 -14.90 -7.96
C LEU C 84 -17.01 -15.23 -7.35
N SER C 85 -16.93 -15.32 -6.03
CA SER C 85 -15.70 -15.63 -5.34
C SER C 85 -15.38 -17.14 -5.30
N ILE C 86 -16.27 -18.01 -5.80
CA ILE C 86 -15.98 -19.45 -5.75
C ILE C 86 -14.96 -19.77 -6.84
N PRO C 87 -13.78 -20.30 -6.53
CA PRO C 87 -12.77 -20.57 -7.51
C PRO C 87 -13.18 -21.72 -8.39
N ASN C 88 -12.88 -21.60 -9.67
CA ASN C 88 -13.09 -22.65 -10.65
C ASN C 88 -14.50 -23.22 -10.62
N PHE C 89 -15.52 -22.39 -10.54
CA PHE C 89 -16.87 -22.94 -10.49
C PHE C 89 -17.40 -23.27 -11.86
N ASN C 90 -16.96 -24.38 -12.41
CA ASN C 90 -17.36 -24.73 -13.76
C ASN C 90 -18.54 -25.69 -13.85
N GLN C 91 -19.16 -26.03 -12.73
CA GLN C 91 -20.32 -26.92 -12.74
C GLN C 91 -21.61 -26.21 -12.42
N TYR C 92 -22.28 -25.71 -13.44
CA TYR C 92 -23.48 -24.94 -13.19
C TYR C 92 -24.65 -25.81 -12.84
N GLU C 93 -24.55 -27.10 -13.19
CA GLU C 93 -25.64 -28.06 -12.86
C GLU C 93 -25.67 -28.28 -11.35
N ALA C 94 -24.63 -27.87 -10.63
CA ALA C 94 -24.58 -28.04 -9.20
C ALA C 94 -25.33 -26.92 -8.50
N MET C 95 -25.74 -25.88 -9.23
CA MET C 95 -26.40 -24.75 -8.59
C MET C 95 -27.83 -24.55 -9.05
N SER C 96 -28.77 -24.59 -8.12
CA SER C 96 -30.17 -24.35 -8.44
C SER C 96 -30.60 -23.13 -7.64
N CYS C 97 -31.61 -22.37 -8.14
CA CYS C 97 -32.12 -21.20 -7.41
C CYS C 97 -33.64 -21.16 -7.54
N ASP C 98 -34.24 -20.41 -6.64
CA ASP C 98 -35.66 -20.15 -6.68
C ASP C 98 -35.89 -18.73 -6.22
N PHE C 99 -36.03 -17.81 -7.16
CA PHE C 99 -36.23 -16.43 -6.81
C PHE C 99 -37.67 -16.14 -7.09
N ASN C 100 -38.43 -15.90 -6.07
CA ASN C 100 -39.86 -15.78 -6.27
C ASN C 100 -40.53 -14.82 -5.34
N GLY C 101 -40.98 -13.69 -5.86
CA GLY C 101 -41.63 -12.72 -5.00
C GLY C 101 -40.63 -11.93 -4.20
N GLY C 102 -39.37 -12.09 -4.57
CA GLY C 102 -38.28 -11.45 -3.87
C GLY C 102 -37.60 -12.45 -2.94
N LYS C 103 -38.18 -13.61 -2.81
CA LYS C 103 -37.61 -14.64 -1.98
C LYS C 103 -36.28 -15.02 -2.54
N ILE C 104 -35.27 -15.12 -1.71
CA ILE C 104 -33.97 -15.59 -2.13
C ILE C 104 -33.68 -16.95 -1.63
N SER C 105 -33.38 -17.85 -2.54
CA SER C 105 -33.03 -19.19 -2.18
C SER C 105 -32.08 -19.77 -3.20
N VAL C 106 -30.86 -20.07 -2.75
CA VAL C 106 -29.82 -20.62 -3.61
C VAL C 106 -29.27 -21.91 -3.03
N GLN C 107 -29.22 -22.95 -3.83
CA GLN C 107 -28.73 -24.22 -3.34
C GLN C 107 -27.56 -24.79 -4.10
N TYR C 108 -26.48 -25.01 -3.39
CA TYR C 108 -25.32 -25.62 -4.02
C TYR C 108 -25.28 -27.10 -3.65
N ASN C 109 -25.13 -27.97 -4.66
CA ASN C 109 -25.04 -29.42 -4.53
C ASN C 109 -23.55 -29.82 -4.40
N LEU C 110 -23.13 -30.24 -3.19
CA LEU C 110 -21.75 -30.56 -2.84
C LEU C 110 -21.51 -32.04 -3.11
N SER C 111 -22.58 -32.76 -3.45
CA SER C 111 -22.48 -34.20 -3.65
C SER C 111 -22.45 -34.50 -5.13
N HIS C 112 -22.50 -33.44 -5.93
CA HIS C 112 -22.56 -33.50 -7.39
C HIS C 112 -21.42 -34.31 -7.97
N SER C 113 -20.20 -33.92 -7.63
CA SER C 113 -18.98 -34.64 -8.02
C SER C 113 -18.17 -35.24 -6.82
N TYR C 114 -18.58 -34.89 -5.58
CA TYR C 114 -18.03 -35.14 -4.24
C TYR C 114 -16.58 -35.60 -4.25
N HIS C 121 -10.01 -35.56 -3.85
CA HIS C 121 -11.11 -34.60 -3.71
C HIS C 121 -10.69 -33.18 -4.01
N CYS C 122 -9.66 -33.05 -4.82
CA CYS C 122 -9.22 -31.74 -5.25
C CYS C 122 -9.82 -31.56 -6.62
N GLY C 123 -10.18 -30.34 -6.99
CA GLY C 123 -10.76 -30.16 -8.32
C GLY C 123 -12.21 -30.63 -8.37
N THR C 124 -12.91 -30.55 -7.24
CA THR C 124 -14.30 -30.99 -7.19
C THR C 124 -15.16 -29.79 -6.91
N VAL C 125 -16.47 -29.97 -6.85
CA VAL C 125 -17.32 -28.82 -6.59
C VAL C 125 -17.29 -28.44 -5.14
N ALA C 126 -17.39 -29.43 -4.29
CA ALA C 126 -17.47 -29.18 -2.88
C ALA C 126 -16.28 -28.43 -2.34
N ASN C 127 -15.09 -28.65 -2.85
CA ASN C 127 -13.99 -27.96 -2.22
C ASN C 127 -13.74 -26.61 -2.81
N GLY C 128 -14.64 -26.15 -3.66
CA GLY C 128 -14.61 -24.84 -4.25
C GLY C 128 -15.61 -24.03 -3.45
N VAL C 129 -16.84 -24.53 -3.41
CA VAL C 129 -17.94 -23.87 -2.74
C VAL C 129 -17.62 -23.70 -1.25
N LEU C 130 -17.02 -24.73 -0.65
CA LEU C 130 -16.68 -24.67 0.74
C LEU C 130 -15.55 -23.70 1.06
N GLN C 131 -14.69 -23.32 0.10
CA GLN C 131 -13.68 -22.36 0.48
C GLN C 131 -14.34 -21.02 0.65
N THR C 132 -15.29 -20.70 -0.24
CA THR C 132 -15.96 -19.42 -0.12
C THR C 132 -16.74 -19.39 1.15
N PHE C 133 -17.41 -20.49 1.45
CA PHE C 133 -18.15 -20.63 2.68
C PHE C 133 -17.25 -20.41 3.86
N MET C 134 -16.11 -21.10 3.89
CA MET C 134 -15.22 -20.95 5.01
C MET C 134 -14.82 -19.50 5.21
N ARG C 135 -14.57 -18.77 4.11
CA ARG C 135 -14.23 -17.36 4.24
C ARG C 135 -15.40 -16.48 4.68
N MET C 136 -16.60 -16.66 4.12
CA MET C 136 -17.69 -15.75 4.46
C MET C 136 -18.18 -15.95 5.89
N ALA C 137 -18.04 -17.17 6.38
CA ALA C 137 -18.43 -17.54 7.73
C ALA C 137 -17.18 -17.81 8.59
N TRP C 138 -16.06 -17.18 8.22
CA TRP C 138 -14.78 -17.34 8.87
C TRP C 138 -14.83 -16.93 10.32
N GLY C 139 -14.11 -17.67 11.16
CA GLY C 139 -14.13 -17.35 12.58
C GLY C 139 -15.22 -18.13 13.29
N GLY C 140 -15.55 -19.29 12.77
CA GLY C 140 -16.57 -20.15 13.34
C GLY C 140 -16.91 -21.32 12.44
N SER C 141 -16.97 -21.11 11.14
CA SER C 141 -17.33 -22.14 10.17
C SER C 141 -16.45 -23.35 10.09
N TYR C 142 -15.24 -23.24 10.57
CA TYR C 142 -14.33 -24.37 10.53
C TYR C 142 -14.89 -25.60 11.22
N ILE C 143 -15.81 -25.43 12.17
CA ILE C 143 -16.34 -26.57 12.91
C ILE C 143 -17.21 -27.46 12.05
N ALA C 144 -17.68 -26.93 10.94
CA ALA C 144 -18.53 -27.64 10.04
C ALA C 144 -17.76 -28.45 9.00
N LEU C 145 -16.46 -28.31 8.96
CA LEU C 145 -15.70 -28.98 7.93
C LEU C 145 -15.09 -30.24 8.49
N ASP C 146 -15.09 -31.31 7.71
CA ASP C 146 -14.51 -32.56 8.20
C ASP C 146 -13.04 -32.56 7.86
N SER C 147 -12.32 -31.67 8.49
CA SER C 147 -10.93 -31.49 8.17
C SER C 147 -10.14 -30.90 9.31
N GLY C 148 -8.90 -31.30 9.38
CA GLY C 148 -8.01 -30.68 10.34
C GLY C 148 -7.37 -29.51 9.61
N CYS C 149 -6.37 -28.89 10.25
CA CYS C 149 -5.62 -27.76 9.71
C CYS C 149 -4.57 -28.27 8.71
N GLY C 150 -4.06 -27.40 7.84
CA GLY C 150 -3.04 -27.83 6.88
C GLY C 150 -3.62 -28.23 5.51
N ASN C 151 -4.92 -28.03 5.32
CA ASN C 151 -5.60 -28.38 4.08
C ASN C 151 -6.18 -27.13 3.43
N TRP C 152 -5.50 -26.57 2.44
CA TRP C 152 -6.01 -25.31 1.90
C TRP C 152 -6.98 -25.54 0.77
N ASP C 153 -6.88 -26.70 0.11
CA ASP C 153 -7.66 -27.01 -1.04
C ASP C 153 -8.65 -28.12 -0.77
N CYS C 154 -8.17 -29.27 -0.32
CA CYS C 154 -9.02 -30.43 -0.19
C CYS C 154 -9.88 -30.39 1.05
N ILE C 155 -10.86 -29.52 0.99
CA ILE C 155 -11.80 -29.25 2.04
C ILE C 155 -13.09 -29.92 1.70
N MET C 156 -13.54 -30.78 2.61
CA MET C 156 -14.76 -31.53 2.41
C MET C 156 -15.54 -31.53 3.69
N THR C 157 -16.84 -31.68 3.57
CA THR C 157 -17.70 -31.83 4.72
C THR C 157 -18.50 -33.08 4.47
N SER C 158 -19.26 -33.53 5.45
CA SER C 158 -20.09 -34.72 5.27
C SER C 158 -21.46 -34.42 4.70
N TYR C 159 -21.80 -33.14 4.70
CA TYR C 159 -23.08 -32.63 4.25
C TYR C 159 -23.17 -32.61 2.74
N GLN C 160 -24.38 -32.73 2.22
CA GLN C 160 -24.57 -32.76 0.77
C GLN C 160 -24.92 -31.43 0.15
N TYR C 161 -25.57 -30.54 0.89
CA TYR C 161 -25.98 -29.28 0.29
C TYR C 161 -25.60 -28.08 1.12
N LEU C 162 -25.29 -26.98 0.44
CA LEU C 162 -25.13 -25.70 1.09
C LEU C 162 -26.24 -24.80 0.63
N ILE C 163 -27.11 -24.46 1.55
CA ILE C 163 -28.27 -23.68 1.20
C ILE C 163 -28.25 -22.28 1.75
N ILE C 164 -28.43 -21.31 0.87
CA ILE C 164 -28.47 -19.92 1.25
C ILE C 164 -29.87 -19.37 1.08
N GLN C 165 -30.47 -18.92 2.16
CA GLN C 165 -31.81 -18.38 2.11
C GLN C 165 -31.91 -17.08 2.88
N ASN C 166 -32.85 -16.19 2.50
CA ASN C 166 -33.12 -14.99 3.30
C ASN C 166 -33.90 -15.39 4.58
N THR C 167 -33.54 -14.75 5.71
CA THR C 167 -34.15 -14.91 7.03
C THR C 167 -34.40 -13.58 7.69
N THR C 168 -34.88 -13.64 8.93
CA THR C 168 -35.16 -12.43 9.69
C THR C 168 -34.07 -12.27 10.71
N TRP C 169 -33.96 -11.11 11.30
CA TRP C 169 -32.94 -10.93 12.30
C TRP C 169 -33.34 -11.56 13.61
N GLU C 170 -32.38 -12.23 14.21
CA GLU C 170 -32.52 -12.84 15.51
C GLU C 170 -31.12 -12.99 16.06
N ASP C 171 -30.95 -12.93 17.35
CA ASP C 171 -29.59 -13.08 17.82
C ASP C 171 -29.20 -14.54 17.96
N HIS C 172 -28.52 -15.01 16.94
CA HIS C 172 -28.04 -16.39 16.78
C HIS C 172 -26.53 -16.57 16.98
N CYS C 173 -25.81 -15.58 17.54
CA CYS C 173 -24.34 -15.58 17.61
C CYS C 173 -23.87 -16.36 18.86
N GLN C 174 -24.14 -17.65 18.84
CA GLN C 174 -23.86 -18.53 19.97
C GLN C 174 -22.50 -19.19 19.96
N PHE C 175 -21.98 -19.52 18.78
CA PHE C 175 -20.71 -20.22 18.72
C PHE C 175 -19.61 -19.21 18.61
N SER C 176 -19.82 -18.22 17.75
CA SER C 176 -18.84 -17.16 17.60
C SER C 176 -19.52 -15.85 17.30
N ARG C 177 -18.88 -14.78 17.76
CA ARG C 177 -19.33 -13.40 17.67
C ARG C 177 -19.37 -12.87 16.27
N PRO C 178 -20.22 -11.87 16.00
CA PRO C 178 -20.33 -11.23 14.73
C PRO C 178 -19.09 -10.50 14.37
N SER C 179 -18.76 -10.57 13.11
CA SER C 179 -17.64 -9.86 12.57
C SER C 179 -17.83 -9.54 11.11
N PRO C 180 -17.48 -8.35 10.65
CA PRO C 180 -17.54 -7.94 9.28
C PRO C 180 -16.38 -8.47 8.45
N ILE C 181 -15.40 -9.08 9.10
CA ILE C 181 -14.18 -9.45 8.44
C ILE C 181 -14.33 -10.47 7.32
N GLY C 182 -15.15 -11.49 7.49
CA GLY C 182 -15.28 -12.49 6.44
C GLY C 182 -15.76 -11.84 5.14
N TYR C 183 -16.86 -11.11 5.23
CA TYR C 183 -17.41 -10.43 4.09
C TYR C 183 -16.43 -9.45 3.47
N LEU C 184 -15.80 -8.62 4.31
CA LEU C 184 -14.93 -7.62 3.75
C LEU C 184 -13.76 -8.27 3.04
N GLY C 185 -13.24 -9.37 3.57
CA GLY C 185 -12.14 -10.07 2.93
C GLY C 185 -12.52 -10.58 1.54
N LEU C 186 -13.75 -11.10 1.39
CA LEU C 186 -14.23 -11.60 0.11
C LEU C 186 -14.41 -10.55 -0.94
N LEU C 187 -14.58 -9.31 -0.56
CA LEU C 187 -14.70 -8.29 -1.58
C LEU C 187 -13.45 -8.21 -2.47
N SER C 188 -12.28 -8.68 -2.00
CA SER C 188 -11.09 -8.63 -2.84
C SER C 188 -10.93 -9.87 -3.73
N GLN C 189 -11.77 -10.90 -3.53
CA GLN C 189 -11.69 -12.17 -4.27
C GLN C 189 -12.70 -12.32 -5.38
N ARG C 190 -13.50 -11.30 -5.59
CA ARG C 190 -14.61 -11.37 -6.54
C ARG C 190 -14.28 -11.76 -7.95
N THR C 191 -13.10 -11.41 -8.46
CA THR C 191 -12.78 -11.74 -9.83
C THR C 191 -11.64 -12.73 -10.01
N ARG C 192 -11.21 -13.36 -8.91
CA ARG C 192 -10.12 -14.31 -8.98
C ARG C 192 -10.61 -15.71 -9.27
N ASP C 193 -9.78 -16.49 -9.97
CA ASP C 193 -10.12 -17.90 -10.26
C ASP C 193 -11.52 -18.02 -10.86
N ILE C 194 -11.86 -17.22 -11.87
CA ILE C 194 -13.14 -17.37 -12.59
C ILE C 194 -12.80 -17.78 -14.02
N TYR C 195 -13.28 -18.93 -14.48
CA TYR C 195 -12.89 -19.45 -15.82
C TYR C 195 -13.52 -18.60 -16.93
N ILE C 196 -13.04 -18.78 -18.17
CA ILE C 196 -13.64 -18.06 -19.33
C ILE C 196 -15.03 -18.64 -19.55
N SER C 197 -15.87 -17.95 -20.33
CA SER C 197 -17.24 -18.45 -20.63
C SER C 197 -17.64 -19.55 -19.64
N GLY D 10 -42.70 37.91 22.82
CA GLY D 10 -44.10 38.15 23.04
C GLY D 10 -44.82 36.85 23.42
N LEU D 11 -46.13 36.78 23.10
CA LEU D 11 -47.02 35.65 23.35
C LEU D 11 -47.26 34.83 22.10
N LEU D 12 -47.08 33.53 22.23
CA LEU D 12 -47.31 32.61 21.13
C LEU D 12 -48.45 31.68 21.42
N LYS D 13 -49.11 31.22 20.38
CA LYS D 13 -50.16 30.22 20.54
C LYS D 13 -49.53 28.84 20.39
N PRO D 14 -50.14 27.76 20.89
CA PRO D 14 -49.62 26.39 20.83
C PRO D 14 -49.22 25.81 19.47
N SER D 15 -49.80 26.29 18.38
CA SER D 15 -49.43 25.74 17.08
C SER D 15 -48.52 26.66 16.26
N GLU D 16 -48.08 27.75 16.86
CA GLU D 16 -47.25 28.74 16.19
C GLU D 16 -45.76 28.46 16.24
N THR D 17 -45.05 29.06 15.29
CA THR D 17 -43.60 28.96 15.23
C THR D 17 -42.96 30.14 15.92
N LEU D 18 -41.98 29.84 16.75
CA LEU D 18 -41.20 30.81 17.48
C LEU D 18 -40.02 31.21 16.67
N SER D 19 -39.80 32.50 16.52
CA SER D 19 -38.65 32.97 15.76
C SER D 19 -37.89 34.05 16.50
N LEU D 20 -36.67 33.70 16.89
CA LEU D 20 -35.84 34.61 17.67
C LEU D 20 -34.54 34.91 16.98
N THR D 21 -34.15 36.17 17.00
CA THR D 21 -32.90 36.57 16.39
C THR D 21 -32.06 37.30 17.42
N CYS D 22 -30.76 36.93 17.60
CA CYS D 22 -29.83 37.57 18.55
C CYS D 22 -29.11 38.73 17.86
N ALA D 23 -29.94 39.59 17.29
CA ALA D 23 -29.50 40.78 16.60
C ALA D 23 -28.90 41.76 17.58
N VAL D 24 -29.45 41.78 18.79
CA VAL D 24 -29.01 42.69 19.81
C VAL D 24 -27.64 42.34 20.34
N TYR D 25 -27.44 41.05 20.62
CA TYR D 25 -26.14 40.62 21.10
C TYR D 25 -25.07 40.67 20.00
N GLY D 26 -25.40 40.14 18.83
CA GLY D 26 -24.49 40.04 17.73
C GLY D 26 -24.51 38.60 17.30
N GLY D 27 -24.06 38.30 16.13
CA GLY D 27 -24.12 36.92 15.72
C GLY D 27 -23.54 36.74 14.35
N SER D 28 -23.53 35.50 13.90
CA SER D 28 -22.99 35.13 12.61
C SER D 28 -21.59 35.68 12.42
N ILE D 29 -20.77 35.57 13.44
CA ILE D 29 -19.40 36.02 13.39
C ILE D 29 -18.56 34.83 13.03
N SER D 30 -17.83 34.94 11.94
CA SER D 30 -17.11 33.80 11.50
C SER D 30 -16.07 33.43 12.50
N SER D 31 -15.72 32.16 12.46
CA SER D 31 -14.80 31.46 13.33
C SER D 31 -15.48 30.94 14.60
N TYR D 32 -16.72 31.37 14.93
CA TYR D 32 -17.35 30.90 16.19
C TYR D 32 -18.55 29.97 16.03
N TYR D 33 -18.73 29.09 17.03
CA TYR D 33 -19.89 28.18 17.07
C TYR D 33 -20.95 28.72 17.98
N TRP D 34 -21.97 29.26 17.37
CA TRP D 34 -23.01 29.92 18.10
C TRP D 34 -24.04 28.95 18.58
N SER D 35 -24.62 29.20 19.73
CA SER D 35 -25.63 28.26 20.21
C SER D 35 -26.78 28.88 20.91
N TRP D 36 -27.87 28.11 20.98
CA TRP D 36 -29.09 28.49 21.67
C TRP D 36 -29.34 27.61 22.87
N ILE D 37 -29.76 28.24 23.96
CA ILE D 37 -30.04 27.62 25.24
C ILE D 37 -31.36 28.14 25.82
N ARG D 38 -32.14 27.32 26.50
CA ARG D 38 -33.32 27.88 27.15
C ARG D 38 -33.46 27.47 28.59
N GLN D 39 -34.14 28.28 29.37
CA GLN D 39 -34.36 27.98 30.77
C GLN D 39 -35.80 28.14 31.20
N PRO D 40 -36.60 27.05 31.26
CA PRO D 40 -37.99 27.08 31.64
C PRO D 40 -37.96 27.70 32.99
N PRO D 41 -38.96 28.47 33.41
CA PRO D 41 -38.93 29.14 34.66
C PRO D 41 -38.82 28.15 35.79
N GLY D 42 -37.90 28.41 36.71
CA GLY D 42 -37.70 27.56 37.89
C GLY D 42 -36.84 26.33 37.62
N LYS D 43 -36.39 26.14 36.39
CA LYS D 43 -35.61 24.98 36.02
C LYS D 43 -34.17 25.29 35.67
N GLY D 44 -33.40 24.24 35.41
CA GLY D 44 -32.01 24.41 35.05
C GLY D 44 -31.93 24.72 33.58
N LEU D 45 -30.73 24.73 33.05
CA LEU D 45 -30.52 25.12 31.67
C LEU D 45 -30.61 23.94 30.72
N GLU D 46 -31.20 24.18 29.55
CA GLU D 46 -31.28 23.15 28.51
C GLU D 46 -30.69 23.62 27.20
N TRP D 47 -29.77 22.84 26.65
CA TRP D 47 -29.17 23.17 25.38
C TRP D 47 -30.15 22.89 24.25
N ILE D 48 -30.29 23.81 23.28
CA ILE D 48 -31.17 23.60 22.14
C ILE D 48 -30.43 23.09 20.95
N GLY D 49 -29.33 23.75 20.64
CA GLY D 49 -28.55 23.39 19.47
C GLY D 49 -27.46 24.40 19.19
N GLU D 50 -26.62 24.09 18.20
CA GLU D 50 -25.52 24.97 17.83
C GLU D 50 -25.23 24.96 16.35
N ILE D 51 -24.62 26.05 15.87
CA ILE D 51 -24.23 26.15 14.49
C ILE D 51 -22.76 26.58 14.33
N SER D 52 -22.04 25.82 13.50
CA SER D 52 -20.62 26.14 13.23
C SER D 52 -20.53 27.27 12.21
N HIS D 53 -19.36 27.91 12.10
CA HIS D 53 -19.17 29.02 11.14
C HIS D 53 -19.40 28.52 9.72
N SER D 54 -19.32 27.21 9.50
CA SER D 54 -19.47 26.65 8.13
C SER D 54 -20.96 26.45 7.83
N GLY D 55 -21.82 26.66 8.83
CA GLY D 55 -23.24 26.47 8.66
C GLY D 55 -23.76 25.13 9.17
N SER D 56 -22.86 24.22 9.54
CA SER D 56 -23.23 22.91 10.05
C SER D 56 -23.92 22.98 11.40
N THR D 57 -24.96 22.19 11.64
CA THR D 57 -25.65 22.23 12.93
C THR D 57 -25.85 20.92 13.64
N ASN D 58 -26.10 21.04 14.95
CA ASN D 58 -26.43 19.96 15.86
C ASN D 58 -27.55 20.40 16.77
N TYR D 59 -28.47 19.51 17.05
CA TYR D 59 -29.58 19.86 17.90
C TYR D 59 -29.77 18.87 19.00
N ASN D 60 -30.36 19.32 20.09
CA ASN D 60 -30.71 18.45 21.16
C ASN D 60 -31.59 17.39 20.54
N PRO D 61 -31.24 16.10 20.59
CA PRO D 61 -31.97 15.02 19.98
C PRO D 61 -33.44 14.97 20.31
N SER D 62 -33.84 15.44 21.49
CA SER D 62 -35.25 15.38 21.84
C SER D 62 -36.05 16.52 21.25
N LEU D 63 -35.35 17.53 20.78
CA LEU D 63 -35.97 18.73 20.28
C LEU D 63 -35.84 18.82 18.77
N LYS D 64 -34.76 18.24 18.24
CA LYS D 64 -34.34 18.29 16.85
C LYS D 64 -35.42 18.38 15.79
N SER D 65 -36.45 17.57 15.88
CA SER D 65 -37.44 17.52 14.82
C SER D 65 -38.24 18.82 14.65
N ARG D 66 -38.22 19.68 15.66
CA ARG D 66 -38.95 20.92 15.62
C ARG D 66 -38.06 22.13 15.50
N VAL D 67 -36.74 21.95 15.44
CA VAL D 67 -35.88 23.12 15.50
C VAL D 67 -34.87 23.35 14.38
N THR D 68 -34.83 24.61 13.94
CA THR D 68 -33.89 25.09 12.96
C THR D 68 -33.04 26.22 13.49
N ILE D 69 -31.74 26.11 13.30
CA ILE D 69 -30.80 27.17 13.67
C ILE D 69 -30.09 27.55 12.42
N SER D 70 -30.02 28.83 12.13
CA SER D 70 -29.36 29.28 10.94
C SER D 70 -28.75 30.65 11.08
N VAL D 71 -27.85 30.96 10.16
CA VAL D 71 -27.24 32.27 10.12
C VAL D 71 -27.46 32.96 8.80
N ASP D 72 -27.91 34.18 8.85
CA ASP D 72 -28.08 34.97 7.66
C ASP D 72 -26.85 35.83 7.50
N THR D 73 -26.02 35.45 6.54
CA THR D 73 -24.71 36.05 6.35
C THR D 73 -24.80 37.38 5.62
N SER D 74 -25.96 37.72 5.05
CA SER D 74 -26.07 39.00 4.38
C SER D 74 -26.45 40.03 5.45
N LYS D 75 -27.10 39.54 6.50
CA LYS D 75 -27.55 40.36 7.60
C LYS D 75 -26.67 40.32 8.84
N ASN D 76 -25.82 39.28 8.96
CA ASN D 76 -25.01 39.02 10.15
C ASN D 76 -25.90 38.77 11.36
N GLN D 77 -26.97 38.02 11.10
CA GLN D 77 -27.92 37.68 12.14
C GLN D 77 -28.11 36.19 12.35
N LEU D 78 -28.04 35.83 13.62
CA LEU D 78 -28.23 34.46 14.08
C LEU D 78 -29.65 34.23 14.53
N SER D 79 -30.28 33.19 14.01
CA SER D 79 -31.65 32.98 14.42
C SER D 79 -32.09 31.53 14.63
N LEU D 80 -33.10 31.42 15.50
CA LEU D 80 -33.75 30.18 15.88
C LEU D 80 -35.18 30.11 15.48
N LYS D 81 -35.58 29.01 14.88
CA LYS D 81 -36.99 28.79 14.59
C LYS D 81 -37.47 27.49 15.20
N LEU D 82 -38.46 27.59 16.07
CA LEU D 82 -38.98 26.41 16.75
C LEU D 82 -40.45 26.20 16.41
N ARG D 83 -40.74 25.05 15.84
CA ARG D 83 -42.08 24.72 15.39
C ARG D 83 -42.94 24.12 16.47
N SER D 84 -44.26 24.23 16.31
CA SER D 84 -45.21 23.62 17.23
C SER D 84 -44.87 23.94 18.67
N VAL D 85 -44.85 25.22 18.99
CA VAL D 85 -44.45 25.61 20.31
C VAL D 85 -45.61 25.41 21.30
N THR D 86 -45.78 24.16 21.71
CA THR D 86 -46.92 23.70 22.49
C THR D 86 -46.83 23.85 24.00
N ALA D 87 -46.85 25.09 24.47
CA ALA D 87 -46.90 25.49 25.91
C ALA D 87 -45.64 25.21 26.74
N ALA D 88 -45.15 23.98 26.65
CA ALA D 88 -44.01 23.44 27.38
C ALA D 88 -42.72 24.15 27.05
N ASP D 89 -42.76 24.89 25.97
CA ASP D 89 -41.63 25.62 25.45
C ASP D 89 -41.53 27.00 26.10
N THR D 90 -42.40 27.30 27.07
CA THR D 90 -42.25 28.57 27.78
C THR D 90 -40.90 28.53 28.47
N ALA D 91 -40.09 29.54 28.22
CA ALA D 91 -38.74 29.57 28.78
C ALA D 91 -38.06 30.87 28.48
N VAL D 92 -36.96 31.15 29.15
CA VAL D 92 -36.15 32.26 28.68
C VAL D 92 -35.15 31.73 27.69
N TYR D 93 -35.07 32.33 26.51
CA TYR D 93 -34.13 31.84 25.50
C TYR D 93 -32.90 32.71 25.42
N TYR D 94 -31.73 32.09 25.31
CA TYR D 94 -30.44 32.78 25.24
C TYR D 94 -29.57 32.32 24.07
N CYS D 95 -28.71 33.21 23.54
CA CYS D 95 -27.61 32.86 22.64
C CYS D 95 -26.32 32.84 23.40
N ALA D 96 -25.37 32.09 22.90
CA ALA D 96 -24.03 32.13 23.46
C ALA D 96 -23.06 31.99 22.31
N ARG D 97 -21.91 32.65 22.43
CA ARG D 97 -20.96 32.63 21.31
C ARG D 97 -20.17 31.37 21.09
N GLY D 98 -19.75 30.75 22.15
CA GLY D 98 -18.98 29.53 22.03
C GLY D 98 -17.53 29.70 21.66
N ARG D 99 -16.97 28.58 21.26
CA ARG D 99 -15.57 28.43 20.91
C ARG D 99 -15.29 28.92 19.55
N ASP D 100 -14.03 29.26 19.27
CA ASP D 100 -13.73 29.56 17.90
C ASP D 100 -13.13 28.31 17.22
N CYS D 101 -12.86 28.38 15.89
CA CYS D 101 -12.27 27.34 15.07
C CYS D 101 -11.55 27.93 13.88
N ARG D 102 -10.29 27.58 13.75
CA ARG D 102 -9.49 28.04 12.64
C ARG D 102 -8.74 26.88 12.03
N SER D 103 -9.31 25.70 12.10
CA SER D 103 -8.68 24.52 11.55
C SER D 103 -9.70 23.72 10.78
N VAL D 104 -9.22 22.89 9.86
CA VAL D 104 -10.16 22.12 9.06
C VAL D 104 -10.92 21.10 9.87
N SER D 105 -10.25 20.44 10.80
CA SER D 105 -10.86 19.37 11.58
C SER D 105 -12.15 19.70 12.33
N CYS D 106 -12.36 20.96 12.76
CA CYS D 106 -13.53 21.42 13.51
C CYS D 106 -14.52 22.20 12.63
N TYR D 107 -14.28 22.28 11.34
CA TYR D 107 -15.11 23.10 10.46
C TYR D 107 -16.61 22.73 10.50
N VAL D 108 -16.94 21.44 10.45
CA VAL D 108 -18.34 21.04 10.46
C VAL D 108 -18.81 20.35 11.73
N SER D 109 -17.90 20.03 12.62
CA SER D 109 -18.23 19.36 13.85
C SER D 109 -17.15 19.59 14.86
N SER D 110 -17.50 19.78 16.13
CA SER D 110 -16.50 19.96 17.17
C SER D 110 -16.87 19.17 18.41
N PRO D 111 -16.04 18.25 18.90
CA PRO D 111 -16.31 17.43 20.06
C PRO D 111 -16.75 18.24 21.25
N GLU D 112 -16.23 19.45 21.39
CA GLU D 112 -16.57 20.29 22.51
C GLU D 112 -16.95 21.71 22.11
N ASN D 113 -17.71 22.33 23.00
CA ASN D 113 -18.09 23.71 22.93
C ASN D 113 -18.40 24.16 24.33
N TRP D 114 -18.72 25.42 24.46
CA TRP D 114 -19.05 26.03 25.73
C TRP D 114 -19.85 27.26 25.50
N PHE D 115 -20.34 27.90 26.54
CA PHE D 115 -21.13 29.09 26.32
C PHE D 115 -20.54 30.27 27.06
N ASP D 116 -19.57 30.97 26.48
CA ASP D 116 -18.90 31.97 27.31
C ASP D 116 -19.68 33.28 27.49
N PRO D 117 -19.84 34.20 26.51
CA PRO D 117 -20.75 35.32 26.67
C PRO D 117 -22.14 34.80 26.42
N TRP D 118 -23.12 35.36 27.12
CA TRP D 118 -24.53 35.02 26.92
C TRP D 118 -25.31 36.24 26.47
N GLY D 119 -26.21 36.04 25.54
CA GLY D 119 -27.01 37.06 24.90
C GLY D 119 -28.23 37.55 25.68
N GLN D 120 -28.00 37.95 26.91
CA GLN D 120 -29.00 38.55 27.82
C GLN D 120 -30.17 37.70 28.29
N GLY D 121 -30.93 37.15 27.33
CA GLY D 121 -32.11 36.32 27.59
C GLY D 121 -33.41 37.00 27.20
N THR D 122 -34.21 36.29 26.42
CA THR D 122 -35.49 36.75 25.90
C THR D 122 -36.63 35.85 26.36
N PRO D 123 -37.41 36.21 27.39
CA PRO D 123 -38.51 35.43 27.89
C PRO D 123 -39.55 35.22 26.82
N ILE D 124 -40.00 33.98 26.66
CA ILE D 124 -41.04 33.62 25.70
C ILE D 124 -42.22 33.03 26.41
N THR D 125 -43.42 33.58 26.19
CA THR D 125 -44.59 33.04 26.84
C THR D 125 -45.46 32.34 25.85
N VAL D 126 -45.85 31.11 26.16
CA VAL D 126 -46.68 30.39 25.24
C VAL D 126 -48.00 30.08 25.93
N SER D 127 -49.10 30.51 25.35
CA SER D 127 -50.40 30.33 25.98
C SER D 127 -51.57 30.49 24.99
N SER D 128 -52.82 30.44 25.51
CA SER D 128 -54.07 30.58 24.73
C SER D 128 -55.10 31.34 25.55
N GLY E 10 10.07 -54.52 26.61
CA GLY E 10 10.00 -55.95 26.48
C GLY E 10 10.41 -56.38 25.06
N LEU E 11 9.88 -57.55 24.63
CA LEU E 11 10.10 -58.15 23.32
C LEU E 11 8.94 -57.93 22.39
N LEU E 12 9.25 -57.45 21.19
CA LEU E 12 8.26 -57.23 20.16
C LEU E 12 8.46 -58.12 18.98
N LYS E 13 7.38 -58.43 18.29
CA LYS E 13 7.48 -59.21 17.06
C LYS E 13 7.61 -58.23 15.89
N PRO E 14 8.12 -58.64 14.72
CA PRO E 14 8.32 -57.79 13.54
C PRO E 14 7.14 -57.00 13.00
N SER E 15 5.91 -57.44 13.22
CA SER E 15 4.76 -56.69 12.70
C SER E 15 4.02 -55.90 13.77
N GLU E 16 4.55 -55.87 14.98
CA GLU E 16 3.92 -55.19 16.10
C GLU E 16 4.27 -53.72 16.23
N THR E 17 3.40 -53.01 16.94
CA THR E 17 3.61 -51.60 17.22
C THR E 17 4.25 -51.42 18.58
N LEU E 18 5.27 -50.59 18.61
CA LEU E 18 5.99 -50.24 19.81
C LEU E 18 5.36 -49.06 20.45
N SER E 19 5.09 -49.14 21.74
CA SER E 19 4.49 -48.02 22.44
C SER E 19 5.22 -47.72 23.73
N LEU E 20 5.87 -46.55 23.76
CA LEU E 20 6.66 -46.15 24.90
C LEU E 20 6.18 -44.86 25.49
N THR E 21 6.12 -44.81 26.82
CA THR E 21 5.69 -43.60 27.49
C THR E 21 6.76 -43.18 28.50
N CYS E 22 7.21 -41.90 28.50
CA CYS E 22 8.21 -41.38 29.43
C CYS E 22 7.53 -40.84 30.68
N ALA E 23 6.73 -41.72 31.25
CA ALA E 23 5.98 -41.47 32.46
C ALA E 23 6.92 -41.34 33.63
N VAL E 24 8.01 -42.11 33.59
CA VAL E 24 8.97 -42.13 34.67
C VAL E 24 9.77 -40.85 34.72
N TYR E 25 10.24 -40.40 33.57
CA TYR E 25 10.99 -39.16 33.54
C TYR E 25 10.10 -37.94 33.79
N GLY E 26 8.96 -37.88 33.11
CA GLY E 26 8.06 -36.77 33.18
C GLY E 26 7.83 -36.35 31.76
N GLY E 27 6.78 -35.60 31.51
CA GLY E 27 6.54 -35.23 30.14
C GLY E 27 5.34 -34.36 30.02
N SER E 28 5.05 -33.95 28.80
CA SER E 28 3.93 -33.09 28.49
C SER E 28 3.92 -31.86 29.38
N ILE E 29 5.08 -31.26 29.57
CA ILE E 29 5.21 -30.06 30.37
C ILE E 29 5.17 -28.91 29.41
N SER E 30 4.22 -28.02 29.64
CA SER E 30 4.05 -26.95 28.70
C SER E 30 5.26 -26.07 28.71
N SER E 31 5.44 -25.43 27.58
CA SER E 31 6.53 -24.56 27.22
C SER E 31 7.72 -25.34 26.63
N TYR E 32 7.77 -26.68 26.73
CA TYR E 32 8.94 -27.42 26.20
C TYR E 32 8.69 -28.29 24.97
N TYR E 33 9.73 -28.45 24.15
CA TYR E 33 9.68 -29.33 22.98
C TYR E 33 10.32 -30.65 23.27
N TRP E 34 9.49 -31.62 23.47
CA TRP E 34 9.93 -32.92 23.88
C TRP E 34 10.33 -33.75 22.70
N SER E 35 11.32 -34.60 22.87
CA SER E 35 11.73 -35.41 21.73
C SER E 35 12.14 -36.81 22.07
N TRP E 36 12.11 -37.65 21.04
CA TRP E 36 12.51 -39.05 21.14
C TRP E 36 13.75 -39.30 20.30
N ILE E 37 14.66 -40.09 20.87
CA ILE E 37 15.94 -40.46 20.29
C ILE E 37 16.21 -41.94 20.49
N ARG E 38 16.83 -42.63 19.54
CA ARG E 38 17.19 -44.01 19.82
C ARG E 38 18.62 -44.33 19.47
N GLN E 39 19.16 -45.33 20.13
CA GLN E 39 20.53 -45.76 19.90
C GLN E 39 20.68 -47.26 19.68
N PRO E 40 20.73 -47.74 18.42
CA PRO E 40 20.85 -49.15 18.11
C PRO E 40 22.10 -49.55 18.81
N PRO E 41 22.23 -50.77 19.30
CA PRO E 41 23.39 -51.16 20.05
C PRO E 41 24.63 -51.05 19.21
N GLY E 42 25.65 -50.43 19.77
CA GLY E 42 26.94 -50.27 19.10
C GLY E 42 26.98 -49.09 18.12
N LYS E 43 25.89 -48.36 17.99
CA LYS E 43 25.81 -47.26 17.04
C LYS E 43 25.68 -45.90 17.70
N GLY E 44 25.69 -44.86 16.88
CA GLY E 44 25.56 -43.51 17.39
C GLY E 44 24.10 -43.21 17.62
N LEU E 45 23.80 -41.97 17.91
CA LEU E 45 22.43 -41.59 18.23
C LEU E 45 21.64 -41.19 17.01
N GLU E 46 20.36 -41.57 16.99
CA GLU E 46 19.46 -41.18 15.91
C GLU E 46 18.23 -40.47 16.42
N TRP E 47 17.95 -39.29 15.88
CA TRP E 47 16.78 -38.56 16.26
C TRP E 47 15.53 -39.19 15.65
N ILE E 48 14.46 -39.34 16.42
CA ILE E 48 13.21 -39.89 15.91
C ILE E 48 12.25 -38.82 15.53
N GLY E 49 12.05 -37.88 16.44
CA GLY E 49 11.09 -36.81 16.22
C GLY E 49 10.89 -35.98 17.46
N GLU E 50 10.11 -34.91 17.32
CA GLU E 50 9.83 -34.01 18.43
C GLU E 50 8.44 -33.43 18.39
N ILE E 51 7.95 -33.03 19.56
CA ILE E 51 6.65 -32.40 19.68
C ILE E 51 6.69 -31.09 20.46
N SER E 52 6.11 -30.05 19.87
CA SER E 52 6.07 -28.74 20.54
C SER E 52 4.94 -28.72 21.58
N HIS E 53 4.97 -27.74 22.48
CA HIS E 53 3.92 -27.64 23.54
C HIS E 53 2.55 -27.45 22.90
N SER E 54 2.51 -27.00 21.63
CA SER E 54 1.22 -26.72 20.96
C SER E 54 0.69 -28.02 20.35
N GLY E 55 1.49 -29.10 20.40
CA GLY E 55 1.09 -30.37 19.82
C GLY E 55 1.67 -30.62 18.42
N SER E 56 2.30 -29.62 17.83
CA SER E 56 2.88 -29.75 16.50
C SER E 56 4.08 -30.69 16.49
N THR E 57 4.22 -31.54 15.45
CA THR E 57 5.36 -32.45 15.42
C THR E 57 6.19 -32.45 14.15
N ASN E 58 7.39 -32.99 14.30
CA ASN E 58 8.37 -33.22 13.23
C ASN E 58 8.99 -34.57 13.43
N TYR E 59 9.22 -35.28 12.34
CA TYR E 59 9.81 -36.60 12.44
C TYR E 59 10.97 -36.75 11.52
N ASN E 60 11.87 -37.64 11.86
CA ASN E 60 12.97 -37.98 11.01
C ASN E 60 12.34 -38.42 9.71
N PRO E 61 12.59 -37.78 8.58
CA PRO E 61 12.01 -38.07 7.30
C PRO E 61 12.08 -39.52 6.88
N SER E 62 13.10 -40.26 7.30
CA SER E 62 13.19 -41.64 6.89
C SER E 62 12.35 -42.57 7.73
N LEU E 63 11.88 -42.07 8.86
CA LEU E 63 11.14 -42.84 9.81
C LEU E 63 9.68 -42.44 9.83
N LYS E 64 9.42 -41.17 9.51
CA LYS E 64 8.13 -40.50 9.58
C LYS E 64 6.90 -41.33 9.30
N SER E 65 6.90 -42.12 8.24
CA SER E 65 5.69 -42.83 7.86
C SER E 65 5.23 -43.88 8.87
N ARG E 66 6.11 -44.28 9.78
CA ARG E 66 5.79 -45.27 10.78
C ARG E 66 5.68 -44.70 12.17
N VAL E 67 5.88 -43.40 12.34
CA VAL E 67 5.95 -42.88 13.71
C VAL E 67 5.01 -41.77 14.11
N THR E 68 4.42 -41.95 15.30
CA THR E 68 3.57 -40.97 15.95
C THR E 68 4.11 -40.56 17.31
N ILE E 69 4.17 -39.26 17.53
CA ILE E 69 4.56 -38.72 18.83
C ILE E 69 3.41 -37.88 19.30
N SER E 70 3.00 -38.08 20.51
CA SER E 70 1.88 -37.32 21.04
C SER E 70 1.97 -37.10 22.53
N VAL E 71 1.19 -36.15 23.01
CA VAL E 71 1.10 -35.89 24.42
C VAL E 71 -0.32 -36.00 24.92
N ASP E 72 -0.50 -36.76 25.99
CA ASP E 72 -1.79 -36.87 26.62
C ASP E 72 -1.83 -35.87 27.76
N THR E 73 -2.57 -34.80 27.55
CA THR E 73 -2.61 -33.68 28.46
C THR E 73 -3.49 -33.93 29.67
N SER E 74 -4.29 -35.01 29.64
CA SER E 74 -5.12 -35.30 30.79
C SER E 74 -4.28 -36.13 31.76
N LYS E 75 -3.30 -36.84 31.18
CA LYS E 75 -2.40 -37.70 31.94
C LYS E 75 -1.03 -37.09 32.21
N ASN E 76 -0.64 -36.06 31.46
CA ASN E 76 0.69 -35.47 31.51
C ASN E 76 1.75 -36.49 31.11
N GLN E 77 1.39 -37.27 30.09
CA GLN E 77 2.29 -38.29 29.59
C GLN E 77 2.64 -38.15 28.12
N LEU E 78 3.93 -38.25 27.88
CA LEU E 78 4.53 -38.18 26.55
C LEU E 78 4.73 -39.55 25.98
N SER E 79 4.25 -39.79 24.77
CA SER E 79 4.44 -41.12 24.23
C SER E 79 4.74 -41.22 22.74
N LEU E 80 5.41 -42.32 22.42
CA LEU E 80 5.84 -42.70 21.09
C LEU E 80 5.19 -43.97 20.62
N LYS E 81 4.68 -43.95 19.40
CA LYS E 81 4.17 -45.16 18.79
C LYS E 81 4.84 -45.41 17.46
N LEU E 82 5.50 -46.56 17.35
CA LEU E 82 6.22 -46.89 16.12
C LEU E 82 5.65 -48.16 15.50
N ARG E 83 5.19 -48.04 14.27
CA ARG E 83 4.55 -49.13 13.57
C ARG E 83 5.52 -50.03 12.85
N SER E 84 5.11 -51.27 12.59
CA SER E 84 5.93 -52.19 11.80
C SER E 84 7.34 -52.25 12.30
N VAL E 85 7.50 -52.61 13.57
CA VAL E 85 8.83 -52.61 14.15
C VAL E 85 9.62 -53.84 13.71
N THR E 86 10.13 -53.78 12.50
CA THR E 86 10.75 -54.91 11.80
C THR E 86 12.22 -55.17 12.08
N ALA E 87 12.53 -55.58 13.30
CA ALA E 87 13.87 -56.02 13.78
C ALA E 87 14.94 -54.93 13.90
N ALA E 88 15.09 -54.14 12.85
CA ALA E 88 16.08 -53.07 12.69
C ALA E 88 15.89 -51.96 13.70
N ASP E 89 14.73 -51.96 14.32
CA ASP E 89 14.33 -50.98 15.28
C ASP E 89 14.82 -51.35 16.68
N THR E 90 15.58 -52.45 16.81
CA THR E 90 16.14 -52.77 18.12
C THR E 90 17.06 -51.63 18.50
N ALA E 91 16.83 -51.05 19.67
CA ALA E 91 17.61 -49.90 20.10
C ALA E 91 17.28 -49.51 21.50
N VAL E 92 18.10 -48.67 22.11
CA VAL E 92 17.66 -48.09 23.37
C VAL E 92 16.93 -46.81 23.05
N TYR E 93 15.71 -46.64 23.57
CA TYR E 93 14.95 -45.43 23.27
C TYR E 93 14.98 -44.46 24.44
N TYR E 94 15.15 -43.17 24.14
CA TYR E 94 15.24 -42.12 25.15
C TYR E 94 14.30 -40.94 24.85
N CYS E 95 13.83 -40.24 25.90
CA CYS E 95 13.17 -38.92 25.80
C CYS E 95 14.16 -37.86 26.18
N ALA E 96 13.93 -36.67 25.68
CA ALA E 96 14.70 -35.53 26.11
C ALA E 96 13.77 -34.34 26.17
N ARG E 97 14.01 -33.45 27.10
CA ARG E 97 13.09 -32.30 27.27
C ARG E 97 13.18 -31.20 26.25
N GLY E 98 14.36 -30.86 25.84
CA GLY E 98 14.53 -29.81 24.87
C GLY E 98 14.40 -28.40 25.39
N ARG E 99 14.25 -27.51 24.43
CA ARG E 99 14.18 -26.08 24.65
C ARG E 99 12.83 -25.66 25.10
N ASP E 100 12.74 -24.49 25.74
CA ASP E 100 11.42 -24.00 26.01
C ASP E 100 11.02 -22.98 24.91
N CYS E 101 9.76 -22.48 24.96
CA CYS E 101 9.19 -21.50 24.06
C CYS E 101 8.08 -20.71 24.74
N ARG E 102 8.22 -19.41 24.73
CA ARG E 102 7.22 -18.54 25.30
C ARG E 102 6.91 -17.42 24.35
N SER E 103 7.01 -17.68 23.07
CA SER E 103 6.73 -16.67 22.05
C SER E 103 5.91 -17.28 20.96
N VAL E 104 5.19 -16.44 20.23
CA VAL E 104 4.34 -16.97 19.18
C VAL E 104 5.12 -17.61 18.05
N SER E 105 6.23 -17.00 17.67
CA SER E 105 7.00 -17.46 16.53
C SER E 105 7.46 -18.92 16.56
N CYS E 106 7.70 -19.52 17.74
CA CYS E 106 8.17 -20.90 17.92
C CYS E 106 7.04 -21.85 18.34
N TYR E 107 5.80 -21.38 18.40
CA TYR E 107 4.71 -22.19 18.89
C TYR E 107 4.54 -23.53 18.14
N VAL E 108 4.58 -23.50 16.81
CA VAL E 108 4.38 -24.73 16.04
C VAL E 108 5.63 -25.27 15.35
N SER E 109 6.69 -24.50 15.36
CA SER E 109 7.93 -24.89 14.70
C SER E 109 9.08 -24.14 15.29
N SER E 110 10.22 -24.78 15.47
CA SER E 110 11.40 -24.09 16.00
C SER E 110 12.63 -24.49 15.22
N PRO E 111 13.38 -23.57 14.59
CA PRO E 111 14.56 -23.86 13.81
C PRO E 111 15.55 -24.73 14.55
N GLU E 112 15.63 -24.56 15.87
CA GLU E 112 16.56 -25.31 16.68
C GLU E 112 15.93 -25.95 17.90
N ASN E 113 16.59 -27.01 18.36
CA ASN E 113 16.28 -27.70 19.58
C ASN E 113 17.54 -28.39 20.03
N TRP E 114 17.46 -29.03 21.16
CA TRP E 114 18.55 -29.76 21.75
C TRP E 114 18.03 -30.76 22.70
N PHE E 115 18.89 -31.60 23.26
CA PHE E 115 18.40 -32.60 24.17
C PHE E 115 19.08 -32.49 25.53
N ASP E 116 18.60 -31.63 26.41
CA ASP E 116 19.39 -31.41 27.61
C ASP E 116 19.27 -32.52 28.68
N PRO E 117 18.18 -32.70 29.46
CA PRO E 117 18.03 -33.86 30.29
C PRO E 117 17.61 -35.01 29.40
N TRP E 118 18.05 -36.21 29.72
CA TRP E 118 17.64 -37.42 29.01
C TRP E 118 16.91 -38.37 29.94
N GLY E 119 15.88 -38.98 29.43
CA GLY E 119 14.98 -39.88 30.16
C GLY E 119 15.47 -41.30 30.36
N GLN E 120 16.66 -41.44 30.89
CA GLN E 120 17.30 -42.72 31.27
C GLN E 120 17.65 -43.71 30.16
N GLY E 121 16.66 -44.09 29.36
CA GLY E 121 16.80 -45.05 28.27
C GLY E 121 16.10 -46.37 28.55
N THR E 122 15.29 -46.81 27.59
CA THR E 122 14.50 -48.03 27.66
C THR E 122 14.85 -48.97 26.51
N PRO E 123 15.68 -50.01 26.72
CA PRO E 123 16.06 -50.96 25.72
C PRO E 123 14.87 -51.67 25.15
N ILE E 124 14.78 -51.75 23.83
CA ILE E 124 13.71 -52.46 23.15
C ILE E 124 14.26 -53.58 22.31
N THR E 125 13.76 -54.80 22.51
CA THR E 125 14.26 -55.91 21.72
C THR E 125 13.23 -56.35 20.73
N VAL E 126 13.62 -56.48 19.48
CA VAL E 126 12.66 -56.90 18.50
C VAL E 126 13.14 -58.21 17.89
N SER E 127 12.32 -59.24 17.97
CA SER E 127 12.73 -60.56 17.49
C SER E 127 11.54 -61.51 17.26
N SER E 128 11.82 -62.79 16.91
CA SER E 128 10.82 -63.84 16.65
C SER E 128 11.35 -65.18 17.17
N TYR F 1 21.77 -34.70 5.02
CA TYR F 1 22.65 -33.89 5.84
C TYR F 1 23.35 -34.77 6.88
N GLU F 2 24.69 -34.68 6.94
CA GLU F 2 25.57 -35.42 7.84
C GLU F 2 26.57 -34.51 8.48
N LEU F 3 27.00 -34.89 9.66
CA LEU F 3 28.06 -34.21 10.35
C LEU F 3 29.24 -35.14 10.43
N THR F 4 30.41 -34.60 10.26
CA THR F 4 31.60 -35.42 10.32
C THR F 4 32.42 -35.17 11.54
N GLN F 5 32.74 -36.25 12.23
CA GLN F 5 33.57 -36.25 13.43
C GLN F 5 34.62 -37.32 13.20
N PRO F 6 35.82 -37.23 13.77
CA PRO F 6 36.77 -38.29 13.71
C PRO F 6 36.18 -39.38 14.56
N PRO F 7 36.42 -40.65 14.28
CA PRO F 7 35.94 -41.75 15.09
C PRO F 7 36.60 -41.86 16.45
N SER F 8 37.82 -41.33 16.58
CA SER F 8 38.49 -41.38 17.87
C SER F 8 39.67 -40.44 17.97
N VAL F 9 39.99 -40.09 19.20
CA VAL F 9 41.20 -39.38 19.54
C VAL F 9 41.80 -40.05 20.75
N SER F 10 43.06 -39.78 21.03
CA SER F 10 43.63 -40.27 22.26
C SER F 10 44.45 -39.18 22.86
N VAL F 11 44.40 -39.07 24.17
CA VAL F 11 45.14 -38.03 24.85
C VAL F 11 45.82 -38.58 26.09
N SER F 12 47.06 -38.17 26.36
CA SER F 12 47.67 -38.63 27.61
C SER F 12 47.03 -37.83 28.74
N PRO F 13 46.92 -38.35 29.95
CA PRO F 13 46.37 -37.62 31.06
C PRO F 13 47.10 -36.32 31.22
N GLY F 14 46.35 -35.24 31.43
CA GLY F 14 46.91 -33.92 31.61
C GLY F 14 47.05 -33.12 30.31
N GLN F 15 46.91 -33.77 29.16
CA GLN F 15 47.04 -33.08 27.89
C GLN F 15 45.71 -32.58 27.44
N THR F 16 45.69 -31.89 26.31
CA THR F 16 44.44 -31.36 25.82
C THR F 16 43.92 -32.18 24.66
N ALA F 17 42.66 -32.59 24.75
CA ALA F 17 42.05 -33.35 23.67
C ALA F 17 41.18 -32.43 22.86
N ARG F 18 41.15 -32.62 21.57
CA ARG F 18 40.26 -31.82 20.78
C ARG F 18 39.51 -32.68 19.83
N ILE F 19 38.22 -32.51 19.80
CA ILE F 19 37.41 -33.27 18.89
C ILE F 19 36.69 -32.27 18.02
N THR F 20 36.57 -32.56 16.76
CA THR F 20 35.94 -31.62 15.86
C THR F 20 34.70 -32.22 15.24
N CYS F 21 33.86 -31.34 14.67
CA CYS F 21 32.62 -31.63 13.98
C CYS F 21 32.45 -30.66 12.83
N SER F 22 32.07 -31.16 11.66
CA SER F 22 31.86 -30.26 10.54
C SER F 22 30.61 -30.53 9.72
N GLY F 23 30.12 -29.49 9.05
CA GLY F 23 28.96 -29.61 8.18
C GLY F 23 28.60 -28.27 7.55
N ASP F 24 27.77 -28.31 6.54
CA ASP F 24 27.46 -27.11 5.78
C ASP F 24 26.47 -26.16 6.43
N ALA F 25 25.60 -26.67 7.26
CA ALA F 25 24.62 -25.82 7.88
C ALA F 25 25.19 -25.13 9.09
N LEU F 26 26.41 -25.49 9.50
CA LEU F 26 26.96 -24.95 10.73
C LEU F 26 27.11 -23.45 10.83
N PRO F 27 27.35 -22.64 9.79
CA PRO F 27 27.39 -21.20 9.92
C PRO F 27 26.04 -20.62 10.38
N LYS F 28 24.95 -21.38 10.20
CA LYS F 28 23.63 -20.93 10.60
C LYS F 28 23.14 -21.64 11.86
N GLN F 29 23.47 -22.91 11.98
CA GLN F 29 22.98 -23.70 13.09
C GLN F 29 23.99 -23.82 14.21
N TYR F 30 23.49 -23.97 15.42
CA TYR F 30 24.37 -24.18 16.54
C TYR F 30 24.61 -25.62 16.75
N ALA F 31 25.79 -25.94 17.19
CA ALA F 31 26.09 -27.29 17.54
C ALA F 31 25.90 -27.48 19.00
N TYR F 32 25.56 -28.69 19.40
CA TYR F 32 25.49 -29.02 20.81
C TYR F 32 26.33 -30.25 20.98
N TRP F 33 27.03 -30.39 22.10
CA TRP F 33 27.83 -31.60 22.31
C TRP F 33 27.38 -32.39 23.49
N TYR F 34 27.37 -33.72 23.35
CA TYR F 34 26.95 -34.62 24.41
C TYR F 34 28.00 -35.63 24.76
N GLN F 35 28.05 -36.03 26.01
CA GLN F 35 28.98 -37.04 26.47
C GLN F 35 28.32 -38.30 26.94
N GLN F 36 28.66 -39.41 26.34
CA GLN F 36 28.06 -40.65 26.79
C GLN F 36 29.07 -41.63 27.34
N LYS F 37 28.87 -42.05 28.56
CA LYS F 37 29.76 -43.03 29.11
C LYS F 37 29.01 -44.32 29.01
N PRO F 38 29.68 -45.47 28.92
CA PRO F 38 29.03 -46.74 28.80
C PRO F 38 28.04 -46.97 29.91
N GLY F 39 26.85 -47.39 29.51
CA GLY F 39 25.75 -47.70 30.40
C GLY F 39 24.77 -46.55 30.71
N GLN F 40 25.07 -45.32 30.31
CA GLN F 40 24.13 -44.24 30.65
C GLN F 40 23.59 -43.48 29.45
N ALA F 41 22.72 -42.53 29.75
CA ALA F 41 22.21 -41.64 28.73
C ALA F 41 23.27 -40.58 28.52
N PRO F 42 23.39 -39.98 27.35
CA PRO F 42 24.27 -38.87 27.09
C PRO F 42 23.93 -37.68 27.97
N VAL F 43 24.92 -36.90 28.33
CA VAL F 43 24.72 -35.67 29.07
C VAL F 43 25.23 -34.50 28.26
N MET F 44 24.49 -33.42 28.18
CA MET F 44 25.01 -32.31 27.40
C MET F 44 26.21 -31.71 28.08
N VAL F 45 27.26 -31.49 27.31
CA VAL F 45 28.51 -30.90 27.77
C VAL F 45 28.69 -29.47 27.29
N ILE F 46 28.42 -29.23 26.03
CA ILE F 46 28.52 -27.88 25.47
C ILE F 46 27.17 -27.52 24.88
N TYR F 47 26.70 -26.36 25.25
CA TYR F 47 25.43 -25.82 24.82
C TYR F 47 25.68 -24.72 23.84
N LYS F 48 24.96 -24.73 22.73
CA LYS F 48 25.21 -23.79 21.66
C LYS F 48 26.64 -24.07 21.31
N ASP F 49 27.32 -23.22 20.59
CA ASP F 49 28.65 -23.65 20.19
C ASP F 49 29.69 -23.70 21.29
N SER F 50 29.60 -22.82 22.29
CA SER F 50 30.67 -22.79 23.28
C SER F 50 30.29 -22.82 24.75
N GLU F 51 29.07 -22.39 25.08
CA GLU F 51 28.61 -22.24 26.47
C GLU F 51 28.59 -23.52 27.28
N ARG F 52 29.14 -23.47 28.46
CA ARG F 52 29.15 -24.63 29.30
C ARG F 52 27.95 -24.66 30.27
N PRO F 53 27.10 -25.71 30.28
CA PRO F 53 25.96 -25.88 31.16
C PRO F 53 26.43 -25.97 32.60
N SER F 54 25.60 -25.56 33.53
CA SER F 54 25.98 -25.70 34.92
C SER F 54 26.17 -27.16 35.26
N GLY F 55 27.19 -27.44 36.06
CA GLY F 55 27.50 -28.80 36.49
C GLY F 55 28.60 -29.44 35.66
N ILE F 56 28.93 -28.83 34.53
CA ILE F 56 29.99 -29.34 33.68
C ILE F 56 31.31 -28.70 34.08
N PRO F 57 32.38 -29.46 34.31
CA PRO F 57 33.70 -28.98 34.68
C PRO F 57 34.26 -28.00 33.67
N GLU F 58 35.06 -27.08 34.18
CA GLU F 58 35.71 -25.99 33.45
C GLU F 58 36.68 -26.45 32.37
N ARG F 59 37.00 -27.72 32.40
CA ARG F 59 37.87 -28.34 31.43
C ARG F 59 37.24 -28.27 30.06
N PHE F 60 35.91 -28.30 30.00
CA PHE F 60 35.20 -28.34 28.74
C PHE F 60 34.90 -26.94 28.21
N SER F 61 35.36 -26.69 26.99
CA SER F 61 35.14 -25.40 26.35
C SER F 61 34.93 -25.53 24.84
N GLY F 62 33.86 -24.97 24.29
CA GLY F 62 33.73 -25.11 22.85
C GLY F 62 34.11 -23.85 22.09
N SER F 63 34.16 -23.97 20.76
CA SER F 63 34.47 -22.86 19.86
C SER F 63 34.01 -23.18 18.45
N ASN F 64 34.05 -22.20 17.54
CA ASN F 64 33.73 -22.51 16.16
C ASN F 64 34.51 -21.61 15.23
N SER F 65 34.59 -22.02 13.97
CA SER F 65 35.25 -21.25 12.94
C SER F 65 34.45 -21.22 11.64
N GLY F 66 33.12 -21.18 11.76
CA GLY F 66 32.28 -21.17 10.57
C GLY F 66 31.61 -22.51 10.29
N THR F 67 32.20 -23.31 9.39
CA THR F 67 31.60 -24.61 9.04
C THR F 67 32.07 -25.72 9.93
N THR F 68 32.94 -25.40 10.86
CA THR F 68 33.39 -26.41 11.80
C THR F 68 33.19 -25.89 13.20
N VAL F 69 33.00 -26.83 14.10
CA VAL F 69 32.91 -26.55 15.52
C VAL F 69 33.83 -27.49 16.24
N THR F 70 34.18 -27.16 17.46
CA THR F 70 35.02 -28.06 18.20
C THR F 70 34.81 -27.98 19.69
N LEU F 71 35.15 -29.08 20.34
CA LEU F 71 35.15 -29.21 21.77
C LEU F 71 36.55 -29.46 22.24
N THR F 72 37.02 -28.64 23.15
CA THR F 72 38.34 -28.80 23.70
C THR F 72 38.25 -29.22 25.14
N ILE F 73 39.00 -30.27 25.50
CA ILE F 73 39.01 -30.68 26.88
C ILE F 73 40.40 -30.40 27.41
N SER F 74 40.54 -29.40 28.24
CA SER F 74 41.85 -29.00 28.73
C SER F 74 42.21 -29.72 30.00
N GLY F 75 43.41 -30.27 30.08
CA GLY F 75 43.77 -30.95 31.32
C GLY F 75 42.97 -32.22 31.46
N VAL F 76 42.89 -33.01 30.41
CA VAL F 76 42.04 -34.19 30.43
C VAL F 76 42.31 -35.11 31.59
N GLN F 77 41.21 -35.49 32.23
CA GLN F 77 41.21 -36.36 33.38
C GLN F 77 40.76 -37.73 32.96
N ALA F 78 41.03 -38.76 33.75
CA ALA F 78 40.54 -40.10 33.39
C ALA F 78 39.02 -40.14 33.36
N GLU F 79 38.43 -39.22 34.09
CA GLU F 79 37.01 -39.04 34.25
C GLU F 79 36.34 -38.64 32.95
N ASP F 80 37.12 -38.13 32.01
CA ASP F 80 36.62 -37.64 30.75
C ASP F 80 36.61 -38.69 29.65
N GLU F 81 37.01 -39.94 29.95
CA GLU F 81 36.98 -40.93 28.90
C GLU F 81 35.52 -41.21 28.58
N ALA F 82 35.14 -41.01 27.32
CA ALA F 82 33.72 -41.12 26.92
C ALA F 82 33.53 -41.03 25.41
N ASP F 83 32.33 -41.34 24.93
CA ASP F 83 32.00 -41.11 23.53
C ASP F 83 31.33 -39.76 23.39
N TYR F 84 31.94 -38.84 22.65
CA TYR F 84 31.36 -37.50 22.54
C TYR F 84 30.68 -37.30 21.21
N TYR F 85 29.50 -36.74 21.21
CA TYR F 85 28.74 -36.54 19.97
C TYR F 85 28.41 -35.10 19.77
N CYS F 86 28.36 -34.64 18.51
CA CYS F 86 27.89 -33.30 18.15
C CYS F 86 26.53 -33.43 17.50
N GLN F 87 25.70 -32.42 17.63
CA GLN F 87 24.51 -32.41 16.80
C GLN F 87 24.26 -31.04 16.29
N SER F 88 23.57 -30.95 15.18
CA SER F 88 23.10 -29.68 14.68
C SER F 88 21.95 -29.96 13.74
N ALA F 89 21.18 -28.96 13.41
CA ALA F 89 20.10 -29.13 12.46
C ALA F 89 20.56 -28.94 11.03
N ASP F 90 19.72 -29.31 10.11
CA ASP F 90 20.01 -29.13 8.70
C ASP F 90 19.89 -27.66 8.35
N SER F 91 20.16 -27.30 7.10
CA SER F 91 20.17 -25.90 6.70
C SER F 91 18.86 -25.19 6.92
N ASP F 92 17.77 -25.89 6.74
CA ASP F 92 16.44 -25.34 6.89
C ASP F 92 15.86 -25.59 8.27
N GLY F 93 16.68 -26.13 9.18
CA GLY F 93 16.22 -26.50 10.49
C GLY F 93 15.42 -27.77 10.33
N THR F 94 14.50 -28.01 11.24
CA THR F 94 13.59 -29.17 11.26
C THR F 94 14.21 -30.52 11.53
N TYR F 95 15.15 -30.92 10.71
CA TYR F 95 15.82 -32.19 10.87
C TYR F 95 17.07 -32.07 11.72
N ARG F 96 17.12 -32.83 12.81
CA ARG F 96 18.25 -32.77 13.73
C ARG F 96 19.15 -33.96 13.47
N VAL F 97 20.43 -33.67 13.31
CA VAL F 97 21.43 -34.67 13.00
C VAL F 97 22.52 -34.83 14.01
N PHE F 98 22.77 -36.06 14.41
CA PHE F 98 23.88 -36.33 15.31
C PHE F 98 25.05 -36.75 14.46
N GLY F 99 26.25 -36.42 14.89
CA GLY F 99 27.44 -36.84 14.19
C GLY F 99 27.76 -38.27 14.58
N GLY F 100 28.82 -38.82 14.01
CA GLY F 100 29.18 -40.22 14.26
C GLY F 100 29.56 -40.54 15.70
N GLY F 101 30.19 -39.61 16.37
CA GLY F 101 30.63 -39.83 17.73
C GLY F 101 32.12 -40.06 17.76
N THR F 102 32.81 -39.37 18.64
CA THR F 102 34.25 -39.51 18.74
C THR F 102 34.61 -40.18 20.02
N LYS F 103 35.30 -41.28 19.95
CA LYS F 103 35.69 -41.92 21.17
C LYS F 103 36.92 -41.24 21.70
N VAL F 104 36.86 -40.75 22.93
CA VAL F 104 38.02 -40.12 23.49
C VAL F 104 38.59 -40.99 24.54
N THR F 105 39.81 -41.47 24.32
CA THR F 105 40.43 -42.32 25.31
C THR F 105 41.46 -41.55 26.06
N VAL F 106 41.66 -41.94 27.30
CA VAL F 106 42.63 -41.24 28.14
C VAL F 106 43.95 -41.97 28.40
N LEU F 107 44.21 -43.08 27.68
CA LEU F 107 45.45 -43.87 27.70
C LEU F 107 45.90 -44.22 29.13
N TYR G 1 -27.66 10.79 28.66
CA TYR G 1 -26.52 11.27 29.42
C TYR G 1 -26.95 12.41 30.35
N GLU G 2 -26.60 12.27 31.65
CA GLU G 2 -26.91 13.21 32.72
C GLU G 2 -25.70 13.47 33.56
N LEU G 3 -25.67 14.67 34.14
CA LEU G 3 -24.65 15.02 35.10
C LEU G 3 -25.30 15.18 36.43
N THR G 4 -24.63 14.74 37.46
CA THR G 4 -25.18 14.85 38.79
C THR G 4 -24.47 15.86 39.63
N GLN G 5 -25.25 16.76 40.21
CA GLN G 5 -24.78 17.80 41.11
C GLN G 5 -25.67 17.73 42.33
N PRO G 6 -25.21 18.11 43.52
CA PRO G 6 -26.08 18.20 44.67
C PRO G 6 -26.98 19.36 44.37
N PRO G 7 -28.22 19.37 44.84
CA PRO G 7 -29.13 20.48 44.65
C PRO G 7 -28.74 21.73 45.43
N SER G 8 -27.99 21.59 46.52
CA SER G 8 -27.58 22.75 47.27
C SER G 8 -26.46 22.46 48.24
N VAL G 9 -25.74 23.52 48.57
CA VAL G 9 -24.75 23.52 49.63
C VAL G 9 -24.96 24.78 50.45
N SER G 10 -24.41 24.83 51.64
CA SER G 10 -24.44 26.06 52.38
C SER G 10 -23.09 26.26 53.01
N VAL G 11 -22.65 27.50 53.03
CA VAL G 11 -21.36 27.80 53.60
C VAL G 11 -21.42 29.05 54.46
N SER G 12 -20.74 29.06 55.61
CA SER G 12 -20.73 30.29 56.38
C SER G 12 -19.79 31.26 55.67
N PRO G 13 -19.98 32.57 55.77
CA PRO G 13 -19.09 33.51 55.15
C PRO G 13 -17.68 33.26 55.62
N GLY G 14 -16.75 33.28 54.69
CA GLY G 14 -15.34 33.05 54.97
C GLY G 14 -14.90 31.58 54.86
N GLN G 15 -15.86 30.67 54.77
CA GLN G 15 -15.53 29.26 54.66
C GLN G 15 -15.40 28.85 53.22
N THR G 16 -15.05 27.61 52.98
CA THR G 16 -14.91 27.15 51.62
C THR G 16 -16.09 26.32 51.20
N ALA G 17 -16.68 26.66 50.06
CA ALA G 17 -17.78 25.88 49.53
C ALA G 17 -17.29 24.98 48.45
N ARG G 18 -17.84 23.79 48.36
CA ARG G 18 -17.43 22.94 47.27
C ARG G 18 -18.63 22.33 46.65
N ILE G 19 -18.70 22.42 45.35
CA ILE G 19 -19.81 21.84 44.65
C ILE G 19 -19.23 20.85 43.67
N THR G 20 -19.87 19.72 43.53
CA THR G 20 -19.33 18.70 42.65
C THR G 20 -20.27 18.41 41.52
N CYS G 21 -19.75 17.74 40.49
CA CYS G 21 -20.44 17.30 39.29
C CYS G 21 -19.85 15.97 38.84
N SER G 22 -20.71 15.03 38.48
CA SER G 22 -20.19 13.74 38.01
C SER G 22 -20.89 13.18 36.79
N GLY G 23 -20.17 12.34 36.06
CA GLY G 23 -20.72 11.67 34.88
C GLY G 23 -19.69 10.79 34.21
N ASP G 24 -20.14 9.92 33.33
CA ASP G 24 -19.26 8.94 32.73
C ASP G 24 -18.37 9.43 31.63
N ALA G 25 -18.78 10.47 30.93
CA ALA G 25 -17.98 10.98 29.85
C ALA G 25 -16.90 11.89 30.35
N LEU G 26 -16.91 12.24 31.64
CA LEU G 26 -15.97 13.21 32.16
C LEU G 26 -14.49 12.91 32.02
N PRO G 27 -13.98 11.68 32.01
CA PRO G 27 -12.56 11.45 31.76
C PRO G 27 -12.14 11.91 30.36
N LYS G 28 -13.09 12.07 29.43
CA LYS G 28 -12.80 12.49 28.09
C LYS G 28 -13.21 13.94 27.85
N GLN G 29 -14.32 14.34 28.43
CA GLN G 29 -14.87 15.65 28.20
C GLN G 29 -14.50 16.64 29.28
N TYR G 30 -14.40 17.89 28.91
CA TYR G 30 -14.14 18.92 29.89
C TYR G 30 -15.41 19.45 30.43
N ALA G 31 -15.38 19.82 31.70
CA ALA G 31 -16.52 20.44 32.29
C ALA G 31 -16.35 21.92 32.24
N TYR G 32 -17.44 22.64 32.18
CA TYR G 32 -17.38 24.09 32.28
C TYR G 32 -18.36 24.46 33.37
N TRP G 33 -18.07 25.49 34.16
CA TRP G 33 -19.01 25.88 35.20
C TRP G 33 -19.52 27.27 35.01
N TYR G 34 -20.82 27.47 35.25
CA TYR G 34 -21.47 28.77 35.10
C TYR G 34 -22.15 29.23 36.36
N GLN G 35 -22.17 30.52 36.58
CA GLN G 35 -22.85 31.09 37.73
C GLN G 35 -24.03 31.94 37.37
N GLN G 36 -25.19 31.61 37.89
CA GLN G 36 -26.34 32.42 37.59
C GLN G 36 -26.94 33.06 38.81
N LYS G 37 -27.05 34.37 38.79
CA LYS G 37 -27.66 35.03 39.90
C LYS G 37 -29.05 35.35 39.42
N PRO G 38 -30.05 35.46 40.30
CA PRO G 38 -31.40 35.75 39.91
C PRO G 38 -31.49 36.99 39.07
N GLY G 39 -32.21 36.86 37.96
CA GLY G 39 -32.46 37.93 37.02
C GLY G 39 -31.46 38.06 35.86
N GLN G 40 -30.34 37.32 35.87
CA GLN G 40 -29.40 37.50 34.76
C GLN G 40 -29.09 36.23 33.99
N ALA G 41 -28.27 36.38 32.96
CA ALA G 41 -27.79 35.24 32.22
C ALA G 41 -26.66 34.65 33.01
N PRO G 42 -26.38 33.35 32.93
CA PRO G 42 -25.25 32.73 33.54
C PRO G 42 -23.94 33.32 33.03
N VAL G 43 -22.94 33.34 33.88
CA VAL G 43 -21.61 33.78 33.47
C VAL G 43 -20.63 32.65 33.68
N MET G 44 -19.75 32.39 32.73
CA MET G 44 -18.82 31.30 32.96
C MET G 44 -17.84 31.65 34.05
N VAL G 45 -17.66 30.74 34.99
CA VAL G 45 -16.76 30.88 36.11
C VAL G 45 -15.51 30.04 35.97
N ILE G 46 -15.67 28.79 35.56
CA ILE G 46 -14.52 27.91 35.34
C ILE G 46 -14.57 27.42 33.92
N TYR G 47 -13.46 27.53 33.24
CA TYR G 47 -13.30 27.15 31.87
C TYR G 47 -12.46 25.90 31.81
N LYS G 48 -12.90 24.93 31.03
CA LYS G 48 -12.26 23.64 31.01
C LYS G 48 -12.36 23.19 32.44
N ASP G 49 -11.63 22.20 32.88
CA ASP G 49 -11.91 21.76 34.22
C ASP G 49 -11.49 22.71 35.34
N SER G 50 -10.40 23.46 35.15
CA SER G 50 -9.91 24.28 36.24
C SER G 50 -9.62 25.75 35.99
N GLU G 51 -9.33 26.11 34.74
CA GLU G 51 -8.90 27.45 34.37
C GLU G 51 -9.89 28.55 34.66
N ARG G 52 -9.43 29.60 35.28
CA ARG G 52 -10.31 30.71 35.58
C ARG G 52 -10.28 31.78 34.48
N PRO G 53 -11.42 32.17 33.86
CA PRO G 53 -11.55 33.19 32.85
C PRO G 53 -11.17 34.54 33.43
N SER G 54 -10.68 35.43 32.60
CA SER G 54 -10.37 36.76 33.11
C SER G 54 -11.63 37.42 33.62
N GLY G 55 -11.50 38.13 34.72
CA GLY G 55 -12.60 38.85 35.33
C GLY G 55 -13.24 38.08 36.49
N ILE G 56 -12.92 36.80 36.61
CA ILE G 56 -13.45 35.98 37.67
C ILE G 56 -12.49 36.04 38.86
N PRO G 57 -12.96 36.32 40.08
CA PRO G 57 -12.18 36.39 41.30
C PRO G 57 -11.42 35.11 41.57
N GLU G 58 -10.27 35.27 42.20
CA GLU G 58 -9.31 34.22 42.56
C GLU G 58 -9.87 33.18 43.52
N ARG G 59 -11.01 33.48 44.10
CA ARG G 59 -11.71 32.60 45.00
C ARG G 59 -12.12 31.34 44.27
N PHE G 60 -12.39 31.46 42.97
CA PHE G 60 -12.89 30.34 42.20
C PHE G 60 -11.77 29.53 41.59
N SER G 61 -11.77 28.24 41.89
CA SER G 61 -10.76 27.33 41.37
C SER G 61 -11.33 25.94 41.09
N GLY G 62 -11.13 25.39 39.89
CA GLY G 62 -11.69 24.06 39.68
C GLY G 62 -10.62 22.97 39.75
N SER G 63 -11.09 21.72 39.73
CA SER G 63 -10.23 20.54 39.74
C SER G 63 -10.98 19.32 39.25
N ASN G 64 -10.29 18.20 39.03
CA ASN G 64 -11.02 16.98 38.67
C ASN G 64 -10.26 15.77 39.18
N SER G 65 -10.98 14.67 39.25
CA SER G 65 -10.41 13.39 39.67
C SER G 65 -10.87 12.25 38.78
N GLY G 66 -11.04 12.50 37.50
CA GLY G 66 -11.50 11.46 36.57
C GLY G 66 -12.96 11.60 36.19
N THR G 67 -13.86 10.88 36.84
CA THR G 67 -15.29 10.93 36.50
C THR G 67 -16.02 12.00 37.25
N THR G 68 -15.31 12.71 38.10
CA THR G 68 -15.93 13.81 38.81
C THR G 68 -15.11 15.05 38.62
N VAL G 69 -15.79 16.18 38.68
CA VAL G 69 -15.15 17.48 38.64
C VAL G 69 -15.69 18.30 39.78
N THR G 70 -14.99 19.34 40.15
CA THR G 70 -15.49 20.18 41.20
C THR G 70 -15.06 21.61 41.09
N LEU G 71 -15.87 22.46 41.70
CA LEU G 71 -15.60 23.87 41.82
C LEU G 71 -15.47 24.21 43.28
N THR G 72 -14.36 24.84 43.63
CA THR G 72 -14.12 25.24 45.00
C THR G 72 -14.17 26.73 45.10
N ILE G 73 -14.92 27.24 46.07
CA ILE G 73 -14.94 28.67 46.27
C ILE G 73 -14.28 28.94 47.60
N SER G 74 -13.08 29.48 47.58
CA SER G 74 -12.35 29.68 48.83
C SER G 74 -12.62 31.04 49.42
N GLY G 75 -12.92 31.11 50.71
CA GLY G 75 -13.15 32.42 51.29
C GLY G 75 -14.46 32.98 50.77
N VAL G 76 -15.51 32.17 50.78
CA VAL G 76 -16.77 32.58 50.20
C VAL G 76 -17.29 33.89 50.72
N GLN G 77 -17.66 34.74 49.78
CA GLN G 77 -18.18 36.07 50.03
C GLN G 77 -19.68 36.05 49.83
N ALA G 78 -20.38 37.04 50.37
CA ALA G 78 -21.83 37.10 50.14
C ALA G 78 -22.16 37.26 48.66
N GLU G 79 -21.20 37.80 47.95
CA GLU G 79 -21.22 38.08 46.53
C GLU G 79 -21.31 36.81 45.70
N ASP G 80 -20.96 35.69 46.30
CA ASP G 80 -20.91 34.43 45.62
C ASP G 80 -22.21 33.63 45.74
N GLU G 81 -23.23 34.18 46.41
CA GLU G 81 -24.46 33.42 46.50
C GLU G 81 -25.07 33.36 45.11
N ALA G 82 -25.29 32.15 44.61
CA ALA G 82 -25.75 31.96 43.22
C ALA G 82 -26.10 30.51 42.91
N ASP G 83 -26.74 30.28 41.76
CA ASP G 83 -26.95 28.92 41.29
C ASP G 83 -25.82 28.52 40.35
N TYR G 84 -25.05 27.52 40.71
CA TYR G 84 -23.91 27.15 39.86
C TYR G 84 -24.21 25.89 39.06
N TYR G 85 -23.89 25.91 37.79
CA TYR G 85 -24.16 24.76 36.93
C TYR G 85 -22.91 24.24 36.29
N CYS G 86 -22.81 22.93 36.06
CA CYS G 86 -21.72 22.30 35.30
C CYS G 86 -22.27 21.89 33.95
N GLN G 87 -21.42 21.86 32.95
CA GLN G 87 -21.85 21.21 31.72
C GLN G 87 -20.73 20.40 31.17
N SER G 88 -21.07 19.40 30.40
CA SER G 88 -20.08 18.66 29.63
C SER G 88 -20.80 17.96 28.51
N ALA G 89 -20.07 17.50 27.53
CA ALA G 89 -20.69 16.76 26.44
C ALA G 89 -20.80 15.28 26.75
N ASP G 90 -21.56 14.59 25.93
CA ASP G 90 -21.72 13.15 26.08
C ASP G 90 -20.44 12.47 25.64
N SER G 91 -20.38 11.16 25.74
CA SER G 91 -19.15 10.41 25.44
C SER G 91 -18.66 10.61 24.03
N ASP G 92 -19.57 10.75 23.08
CA ASP G 92 -19.23 10.91 21.69
C ASP G 92 -19.21 12.38 21.28
N GLY G 93 -19.33 13.27 22.25
CA GLY G 93 -19.41 14.69 21.97
C GLY G 93 -20.80 14.95 21.43
N THR G 94 -20.93 16.00 20.64
CA THR G 94 -22.19 16.41 20.00
C THR G 94 -23.29 16.94 20.91
N TYR G 95 -23.72 16.13 21.85
CA TYR G 95 -24.76 16.52 22.76
C TYR G 95 -24.20 17.15 24.02
N ARG G 96 -24.61 18.39 24.30
CA ARG G 96 -24.13 19.12 25.46
C ARG G 96 -25.15 19.05 26.57
N VAL G 97 -24.70 18.66 27.75
CA VAL G 97 -25.55 18.50 28.90
C VAL G 97 -25.24 19.38 30.07
N PHE G 98 -26.25 20.03 30.58
CA PHE G 98 -26.07 20.83 31.80
C PHE G 98 -26.48 19.97 32.96
N GLY G 99 -25.84 20.15 34.10
CA GLY G 99 -26.23 19.44 35.30
C GLY G 99 -27.41 20.14 35.93
N GLY G 100 -27.91 19.59 37.02
CA GLY G 100 -29.09 20.13 37.69
C GLY G 100 -28.95 21.55 38.23
N GLY G 101 -27.77 21.89 38.70
CA GLY G 101 -27.53 23.19 39.27
C GLY G 101 -27.49 23.09 40.77
N THR G 102 -26.47 23.69 41.38
CA THR G 102 -26.33 23.64 42.81
C THR G 102 -26.55 24.99 43.39
N LYS G 103 -27.48 25.11 44.29
CA LYS G 103 -27.70 26.40 44.89
C LYS G 103 -26.69 26.59 45.99
N VAL G 104 -25.92 27.65 45.92
CA VAL G 104 -24.95 27.89 46.97
C VAL G 104 -25.41 29.04 47.77
N THR G 105 -25.70 28.80 49.04
CA THR G 105 -26.12 29.89 49.89
C THR G 105 -25.02 30.29 50.80
N VAL G 106 -25.01 31.56 51.16
CA VAL G 106 -23.95 32.07 52.04
C VAL G 106 -24.35 32.34 53.48
N LEU G 107 -25.54 31.90 53.91
CA LEU G 107 -26.07 31.96 55.28
C LEU G 107 -25.94 33.36 55.89
N GLY H 1 -1.75 -2.58 -3.89
CA GLY H 1 -0.33 -2.38 -3.96
C GLY H 1 0.02 -0.88 -3.97
N THR H 2 1.14 -0.54 -3.29
CA THR H 2 1.73 0.80 -3.15
C THR H 2 2.35 1.29 -4.46
N PHE H 3 2.25 2.59 -4.73
CA PHE H 3 2.86 3.18 -5.90
C PHE H 3 4.36 2.91 -5.91
N THR H 4 4.91 2.75 -7.09
CA THR H 4 6.32 2.46 -7.25
C THR H 4 7.09 3.44 -8.12
N TRP H 5 6.38 4.29 -8.85
CA TRP H 5 7.02 5.20 -9.78
C TRP H 5 7.88 6.20 -9.06
N THR H 6 9.05 6.45 -9.62
CA THR H 6 9.95 7.42 -9.07
C THR H 6 10.00 8.60 -9.99
N LEU H 7 10.30 9.75 -9.43
CA LEU H 7 10.37 10.96 -10.22
C LEU H 7 11.68 11.05 -10.94
N SER H 8 11.69 11.68 -12.11
CA SER H 8 12.90 11.86 -12.87
C SER H 8 13.75 12.96 -12.30
N ASP H 9 14.99 13.04 -12.72
CA ASP H 9 15.81 14.12 -12.23
C ASP H 9 15.32 15.45 -12.76
N SER H 10 15.03 16.36 -11.85
CA SER H 10 14.59 17.69 -12.21
C SER H 10 15.01 18.62 -11.10
N GLU H 11 16.31 18.67 -10.85
CA GLU H 11 16.86 19.45 -9.75
C GLU H 11 17.00 20.90 -10.12
N GLY H 12 16.93 21.78 -9.13
CA GLY H 12 17.22 23.18 -9.40
C GLY H 12 18.67 23.40 -9.11
N LYS H 13 19.23 24.55 -9.47
CA LYS H 13 20.65 24.73 -9.18
C LYS H 13 20.99 24.75 -7.71
N ASP H 14 20.11 25.32 -6.91
CA ASP H 14 20.27 25.43 -5.49
C ASP H 14 19.31 24.52 -4.79
N THR H 15 18.74 23.59 -5.55
CA THR H 15 17.73 22.70 -5.04
C THR H 15 18.05 21.24 -5.43
N PRO H 16 19.18 20.68 -4.98
CA PRO H 16 19.62 19.34 -5.28
C PRO H 16 18.70 18.39 -4.61
N GLY H 17 18.44 17.27 -5.24
CA GLY H 17 17.63 16.24 -4.66
C GLY H 17 16.15 16.58 -4.73
N GLY H 18 15.81 17.73 -5.30
CA GLY H 18 14.43 18.15 -5.35
C GLY H 18 13.79 17.86 -6.68
N TYR H 19 12.77 18.63 -6.97
CA TYR H 19 12.03 18.46 -8.20
C TYR H 19 11.42 19.81 -8.61
N CYS H 20 11.71 20.26 -9.84
CA CYS H 20 11.24 21.53 -10.39
C CYS H 20 10.07 21.32 -11.35
N LEU H 21 9.06 22.14 -11.15
CA LEU H 21 7.90 22.17 -12.00
C LEU H 21 8.02 23.28 -13.00
N THR H 22 8.06 22.91 -14.26
CA THR H 22 8.23 23.87 -15.30
C THR H 22 6.92 24.54 -15.58
N ARG H 23 6.98 25.63 -16.31
CA ARG H 23 5.85 26.49 -16.55
C ARG H 23 4.63 25.88 -17.19
N TRP H 24 4.75 24.81 -17.95
CA TRP H 24 3.54 24.36 -18.60
C TRP H 24 2.68 23.56 -17.66
N MET H 25 3.21 23.21 -16.51
CA MET H 25 2.47 22.42 -15.56
C MET H 25 1.75 23.31 -14.57
N LEU H 26 1.97 24.61 -14.66
CA LEU H 26 1.42 25.53 -13.71
C LEU H 26 0.61 26.62 -14.33
N ILE H 27 -0.47 26.97 -13.68
CA ILE H 27 -1.36 28.01 -14.16
C ILE H 27 -0.64 29.35 -14.22
N GLU H 28 0.20 29.61 -13.24
CA GLU H 28 0.96 30.85 -13.11
C GLU H 28 2.03 31.01 -14.20
N ALA H 29 2.40 29.91 -14.87
CA ALA H 29 3.46 29.87 -15.87
C ALA H 29 4.82 30.35 -15.32
N GLU H 30 5.13 29.93 -14.11
CA GLU H 30 6.37 30.23 -13.43
C GLU H 30 7.12 28.94 -13.20
N LEU H 31 8.41 29.03 -12.97
CA LEU H 31 9.20 27.85 -12.64
C LEU H 31 9.33 27.72 -11.14
N LYS H 32 8.85 26.61 -10.58
CA LYS H 32 8.90 26.45 -9.12
C LYS H 32 9.67 25.19 -8.70
N CYS H 33 10.73 25.38 -7.89
CA CYS H 33 11.60 24.30 -7.43
C CYS H 33 11.42 24.01 -5.95
N PHE H 34 11.15 22.75 -5.64
CA PHE H 34 10.98 22.31 -4.27
C PHE H 34 12.15 21.44 -3.90
N GLY H 35 12.67 21.58 -2.68
CA GLY H 35 13.85 20.80 -2.30
C GLY H 35 13.57 19.40 -1.86
N ASN H 36 14.65 18.70 -1.54
CA ASN H 36 14.63 17.30 -1.18
C ASN H 36 13.98 17.05 0.14
N THR H 37 13.87 18.07 0.96
CA THR H 37 13.28 17.91 2.26
C THR H 37 11.78 17.85 2.14
N ALA H 38 11.26 18.26 0.98
CA ALA H 38 9.85 18.22 0.71
C ALA H 38 9.56 17.05 -0.20
N VAL H 39 10.37 16.92 -1.24
CA VAL H 39 10.18 15.89 -2.23
C VAL H 39 10.43 14.51 -1.68
N ALA H 40 11.45 14.31 -0.85
CA ALA H 40 11.74 12.99 -0.32
C ALA H 40 10.56 12.42 0.41
N LYS H 41 9.79 13.27 1.05
CA LYS H 41 8.62 12.82 1.79
C LYS H 41 7.59 12.09 0.93
N CYS H 42 7.56 12.31 -0.41
CA CYS H 42 6.61 11.69 -1.33
C CYS H 42 6.86 10.20 -1.42
N ASN H 43 8.03 9.75 -1.02
CA ASN H 43 8.32 8.34 -1.10
C ASN H 43 7.96 7.64 0.20
N GLU H 44 7.52 8.40 1.19
CA GLU H 44 7.14 7.85 2.48
C GLU H 44 5.65 7.97 2.74
N LYS H 45 5.08 9.07 2.28
CA LYS H 45 3.68 9.35 2.53
C LYS H 45 2.79 8.64 1.55
N HIS H 46 1.67 8.16 2.05
CA HIS H 46 0.68 7.50 1.22
C HIS H 46 -0.55 8.37 1.05
N ASP H 47 -0.58 9.47 1.79
CA ASP H 47 -1.72 10.34 1.84
C ASP H 47 -1.57 11.78 1.34
N GLU H 48 -0.60 12.07 0.48
CA GLU H 48 -0.40 13.43 -0.03
C GLU H 48 -0.87 13.63 -1.45
N GLU H 49 -1.94 14.39 -1.64
CA GLU H 49 -2.47 14.59 -2.98
C GLU H 49 -1.46 15.23 -3.92
N PHE H 50 -0.65 16.14 -3.39
CA PHE H 50 0.33 16.82 -4.22
C PHE H 50 1.31 15.86 -4.86
N CYS H 51 1.86 14.90 -4.08
CA CYS H 51 2.84 13.90 -4.49
C CYS H 51 2.25 13.01 -5.56
N ASP H 52 0.99 12.64 -5.45
CA ASP H 52 0.43 11.83 -6.50
C ASP H 52 0.30 12.60 -7.80
N MET H 53 -0.05 13.87 -7.71
CA MET H 53 -0.12 14.64 -8.94
C MET H 53 1.26 14.83 -9.52
N LEU H 54 2.24 14.94 -8.65
CA LEU H 54 3.61 15.14 -9.06
C LEU H 54 4.04 13.94 -9.90
N ARG H 55 3.62 12.73 -9.50
CA ARG H 55 3.91 11.53 -10.24
C ARG H 55 3.16 11.47 -11.58
N LEU H 56 1.89 11.91 -11.63
CA LEU H 56 1.20 11.87 -12.91
C LEU H 56 1.84 12.81 -13.92
N PHE H 57 2.29 13.96 -13.46
CA PHE H 57 2.92 14.89 -14.36
C PHE H 57 4.28 14.39 -14.80
N ASP H 58 5.03 13.78 -13.89
CA ASP H 58 6.32 13.22 -14.23
C ASP H 58 6.16 12.05 -15.19
N PHE H 59 5.11 11.26 -15.00
CA PHE H 59 4.84 10.14 -15.86
C PHE H 59 4.69 10.61 -17.27
N ASN H 60 3.86 11.65 -17.44
CA ASN H 60 3.62 12.22 -18.79
C ASN H 60 4.95 12.66 -19.39
N LYS H 61 5.80 13.33 -18.60
CA LYS H 61 7.03 13.83 -19.14
C LYS H 61 7.84 12.68 -19.68
N GLN H 62 7.98 11.60 -18.89
CA GLN H 62 8.78 10.50 -19.35
C GLN H 62 8.11 9.74 -20.49
N ALA H 63 6.81 9.55 -20.45
CA ALA H 63 6.13 8.78 -21.49
C ALA H 63 6.23 9.48 -22.82
N ILE H 64 6.13 10.81 -22.81
CA ILE H 64 6.17 11.58 -24.10
C ILE H 64 7.61 11.60 -24.63
N GLN H 65 8.60 11.78 -23.76
CA GLN H 65 9.98 11.77 -24.22
C GLN H 65 10.50 10.39 -24.61
N ARG H 66 10.07 9.34 -23.91
CA ARG H 66 10.57 8.00 -24.17
C ARG H 66 9.82 7.16 -25.20
N LEU H 67 8.52 7.35 -25.35
CA LEU H 67 7.76 6.50 -26.24
C LEU H 67 7.47 7.15 -27.58
N LYS H 68 7.40 6.30 -28.60
CA LYS H 68 7.10 6.78 -29.97
C LYS H 68 5.61 7.16 -30.01
N ALA H 69 5.29 8.25 -30.73
CA ALA H 69 3.92 8.70 -30.83
C ALA H 69 3.02 7.60 -31.41
N PRO H 70 1.82 7.38 -30.86
CA PRO H 70 0.84 6.38 -31.27
C PRO H 70 0.06 6.81 -32.48
N ALA H 71 -0.53 5.84 -33.16
CA ALA H 71 -1.52 6.14 -34.17
C ALA H 71 -2.87 6.20 -33.46
N GLN H 72 -3.42 7.40 -33.37
CA GLN H 72 -4.65 7.72 -32.62
C GLN H 72 -4.30 7.76 -31.14
N MET H 73 -5.07 8.49 -30.34
CA MET H 73 -4.71 8.57 -28.94
C MET H 73 -5.35 7.43 -28.19
N SER H 74 -4.50 6.67 -27.51
CA SER H 74 -4.89 5.50 -26.75
C SER H 74 -4.63 5.71 -25.30
N ILE H 75 -5.47 5.10 -24.49
CA ILE H 75 -5.37 5.21 -23.06
C ILE H 75 -5.01 3.90 -22.40
N GLN H 76 -4.50 2.95 -23.18
CA GLN H 76 -4.12 1.68 -22.58
C GLN H 76 -2.96 1.88 -21.62
N LEU H 77 -2.06 2.78 -21.92
CA LEU H 77 -0.89 2.96 -21.09
C LEU H 77 -1.27 3.41 -19.70
N ILE H 78 -2.19 4.36 -19.59
CA ILE H 78 -2.58 4.77 -18.27
C ILE H 78 -3.44 3.72 -17.59
N ASN H 79 -4.29 3.04 -18.32
CA ASN H 79 -5.11 2.08 -17.62
C ASN H 79 -4.25 1.02 -16.93
N LYS H 80 -3.11 0.64 -17.54
CA LYS H 80 -2.24 -0.32 -16.89
C LYS H 80 -1.29 0.32 -15.87
N ALA H 81 -0.80 1.54 -16.16
CA ALA H 81 0.20 2.22 -15.32
C ALA H 81 -0.33 2.92 -14.10
N VAL H 82 -1.59 3.34 -14.08
CA VAL H 82 -2.10 4.18 -13.01
C VAL H 82 -1.86 3.78 -11.58
N ASN H 83 -1.90 2.51 -11.24
CA ASN H 83 -1.76 2.19 -9.82
C ASN H 83 -0.31 2.30 -9.37
N ALA H 84 0.60 2.39 -10.32
CA ALA H 84 1.98 2.51 -9.97
C ALA H 84 2.30 3.96 -9.70
N LEU H 85 1.38 4.85 -10.10
CA LEU H 85 1.61 6.27 -10.03
C LEU H 85 0.89 6.95 -8.90
N ILE H 86 -0.35 6.56 -8.63
CA ILE H 86 -1.12 7.25 -7.60
C ILE H 86 -1.77 6.34 -6.58
N ASN H 87 -2.17 6.87 -5.44
CA ASN H 87 -2.95 6.12 -4.49
C ASN H 87 -4.42 6.33 -4.79
N ASP H 88 -5.10 5.32 -5.30
CA ASP H 88 -6.48 5.48 -5.72
C ASP H 88 -7.41 5.66 -4.53
N GLN H 89 -6.90 5.40 -3.34
CA GLN H 89 -7.68 5.52 -2.16
C GLN H 89 -7.71 6.97 -1.69
N LEU H 90 -6.89 7.83 -2.28
CA LEU H 90 -7.01 9.24 -1.97
C LEU H 90 -8.13 9.80 -2.75
N ILE H 91 -8.40 9.23 -3.90
CA ILE H 91 -9.48 9.73 -4.67
C ILE H 91 -10.69 9.35 -3.87
N MET H 92 -10.70 8.11 -3.38
CA MET H 92 -11.81 7.66 -2.57
C MET H 92 -11.97 8.49 -1.31
N LYS H 93 -10.88 8.87 -0.65
CA LYS H 93 -10.97 9.69 0.54
C LYS H 93 -11.65 11.01 0.24
N ASN H 94 -11.24 11.66 -0.84
CA ASN H 94 -11.82 12.95 -1.14
C ASN H 94 -13.25 12.81 -1.59
N HIS H 95 -13.56 11.70 -2.22
CA HIS H 95 -14.91 11.43 -2.65
C HIS H 95 -15.80 11.26 -1.43
N LEU H 96 -15.36 10.49 -0.44
CA LEU H 96 -16.17 10.30 0.76
C LEU H 96 -16.33 11.59 1.52
N ARG H 97 -15.25 12.38 1.64
CA ARG H 97 -15.35 13.70 2.30
C ARG H 97 -16.46 14.50 1.63
N ASP H 98 -16.44 14.55 0.30
CA ASP H 98 -17.42 15.33 -0.45
C ASP H 98 -18.83 14.88 -0.06
N ILE H 99 -19.07 13.57 -0.12
CA ILE H 99 -20.39 13.03 0.17
C ILE H 99 -20.82 13.31 1.60
N MET H 100 -19.91 13.14 2.54
CA MET H 100 -20.18 13.36 3.94
C MET H 100 -20.21 14.83 4.38
N CYS H 101 -20.08 15.79 3.43
CA CYS H 101 -20.13 17.24 3.55
C CYS H 101 -18.99 17.76 4.45
N ILE H 102 -17.80 17.28 4.16
CA ILE H 102 -16.56 17.61 4.81
C ILE H 102 -15.62 18.24 3.75
N PRO H 103 -14.89 19.32 4.01
CA PRO H 103 -14.01 19.92 3.02
C PRO H 103 -13.12 18.86 2.41
N TYR H 104 -13.01 18.89 1.09
CA TYR H 104 -12.26 17.88 0.36
C TYR H 104 -11.34 18.51 -0.67
N CYS H 105 -10.31 17.76 -1.11
CA CYS H 105 -9.36 18.19 -2.12
C CYS H 105 -9.85 17.80 -3.51
N ASN H 106 -9.92 18.76 -4.40
CA ASN H 106 -10.29 18.44 -5.78
C ASN H 106 -9.06 18.37 -6.71
N TYR H 107 -7.83 18.39 -6.13
CA TYR H 107 -6.49 18.28 -6.69
C TYR H 107 -5.96 19.46 -7.50
N SER H 108 -6.70 20.56 -7.63
CA SER H 108 -6.12 21.64 -8.42
C SER H 108 -5.31 22.72 -7.71
N LYS H 109 -5.54 22.99 -6.44
CA LYS H 109 -4.83 24.10 -5.79
C LYS H 109 -4.20 23.68 -4.52
N TYR H 110 -2.96 24.13 -4.33
CA TYR H 110 -2.13 23.79 -3.20
C TYR H 110 -1.52 25.01 -2.53
N TRP H 111 -1.15 24.87 -1.27
CA TRP H 111 -0.45 25.93 -0.57
C TRP H 111 0.75 25.42 0.17
N TYR H 112 1.70 26.30 0.37
CA TYR H 112 2.91 25.96 1.08
C TYR H 112 3.48 27.14 1.81
N LEU H 113 4.30 26.86 2.78
CA LEU H 113 5.01 27.94 3.44
C LEU H 113 6.39 28.04 2.84
N ASN H 114 6.86 29.28 2.65
CA ASN H 114 8.15 29.64 2.06
C ASN H 114 8.90 30.62 2.97
N HIS H 115 10.07 30.21 3.53
CA HIS H 115 10.85 31.05 4.45
C HIS H 115 11.45 32.20 3.67
N THR H 116 11.29 33.41 4.21
CA THR H 116 11.68 34.61 3.51
C THR H 116 13.16 34.89 3.40
N THR H 117 14.01 34.21 4.16
CA THR H 117 15.43 34.45 4.03
C THR H 117 16.11 33.28 3.36
N THR H 118 15.62 32.06 3.62
CA THR H 118 16.33 30.93 3.05
C THR H 118 15.73 30.35 1.78
N GLY H 119 14.45 30.60 1.52
CA GLY H 119 13.82 30.04 0.34
C GLY H 119 13.38 28.59 0.57
N ARG H 120 13.51 28.10 1.78
CA ARG H 120 13.12 26.73 2.06
C ARG H 120 11.60 26.67 2.15
N THR H 121 11.00 25.66 1.51
CA THR H 121 9.56 25.55 1.54
C THR H 121 9.07 24.21 2.04
N SER H 122 7.81 24.18 2.43
CA SER H 122 7.11 22.98 2.82
C SER H 122 6.64 22.22 1.60
N LEU H 123 6.25 20.99 1.79
CA LEU H 123 5.65 20.23 0.71
C LEU H 123 4.24 20.80 0.60
N PRO H 124 3.75 21.22 -0.57
CA PRO H 124 2.44 21.76 -0.71
C PRO H 124 1.32 20.85 -0.25
N LYS H 125 0.39 21.46 0.45
CA LYS H 125 -0.81 20.83 0.98
C LYS H 125 -1.92 21.24 0.08
N CYS H 126 -3.01 20.46 -0.03
CA CYS H 126 -4.14 20.81 -0.90
C CYS H 126 -5.03 21.85 -0.22
N TRP H 127 -5.41 22.86 -0.99
CA TRP H 127 -6.31 23.87 -0.53
C TRP H 127 -7.68 23.22 -0.66
N LEU H 128 -8.45 23.18 0.41
CA LEU H 128 -9.70 22.43 0.35
C LEU H 128 -10.88 23.21 -0.12
N VAL H 129 -11.85 22.46 -0.63
CA VAL H 129 -13.10 22.92 -1.19
C VAL H 129 -14.33 22.47 -0.43
N SER H 130 -15.22 23.41 -0.22
CA SER H 130 -16.48 23.10 0.44
C SER H 130 -17.59 23.99 -0.11
N ASN H 131 -18.79 23.42 -0.37
CA ASN H 131 -20.00 24.11 -0.84
C ASN H 131 -19.74 24.95 -2.12
N GLY H 132 -18.96 24.40 -3.07
CA GLY H 132 -18.66 25.03 -4.36
C GLY H 132 -17.46 25.97 -4.37
N SER H 133 -16.81 26.21 -3.24
CA SER H 133 -15.67 27.11 -3.30
C SER H 133 -14.54 26.77 -2.38
N TYR H 134 -13.50 27.55 -2.44
CA TYR H 134 -12.36 27.29 -1.61
C TYR H 134 -12.57 27.76 -0.21
N LEU H 135 -11.99 27.05 0.74
CA LEU H 135 -12.07 27.51 2.11
C LEU H 135 -11.21 28.76 2.23
N ASN H 136 -11.61 29.71 3.10
CA ASN H 136 -10.83 30.90 3.40
C ASN H 136 -9.66 30.53 4.31
N GLU H 137 -8.60 31.36 4.37
CA GLU H 137 -7.40 31.10 5.22
C GLU H 137 -7.78 31.17 6.67
N THR H 138 -8.84 31.90 6.93
CA THR H 138 -9.34 32.14 8.25
C THR H 138 -10.02 30.91 8.79
N HIS H 139 -10.22 29.90 7.94
CA HIS H 139 -10.83 28.66 8.32
C HIS H 139 -9.80 27.57 8.51
N PHE H 140 -8.52 27.87 8.27
CA PHE H 140 -7.52 26.84 8.45
C PHE H 140 -6.16 27.40 8.86
N SER H 141 -6.14 28.61 9.42
CA SER H 141 -4.88 29.24 9.78
C SER H 141 -4.16 28.52 10.89
N ASP H 142 -4.87 27.71 11.67
CA ASP H 142 -4.24 26.93 12.71
C ASP H 142 -3.47 25.77 12.11
N ASP H 143 -3.86 25.31 10.91
CA ASP H 143 -3.17 24.20 10.30
C ASP H 143 -1.94 24.76 9.64
N ILE H 144 -2.05 26.01 9.18
CA ILE H 144 -0.91 26.66 8.58
C ILE H 144 0.11 26.91 9.66
N GLU H 145 -0.31 27.39 10.83
CA GLU H 145 0.64 27.60 11.91
C GLU H 145 1.29 26.30 12.29
N GLN H 146 0.55 25.17 12.29
CA GLN H 146 1.23 23.93 12.63
C GLN H 146 2.30 23.60 11.62
N GLN H 147 2.04 23.87 10.35
CA GLN H 147 3.04 23.58 9.35
C GLN H 147 4.28 24.44 9.58
N ALA H 148 4.09 25.69 10.01
CA ALA H 148 5.22 26.57 10.29
C ALA H 148 6.07 26.00 11.43
N ASP H 149 5.43 25.39 12.43
CA ASP H 149 6.20 24.82 13.53
C ASP H 149 6.85 23.55 13.13
N ASN H 150 6.24 22.80 12.22
CA ASN H 150 6.88 21.59 11.81
C ASN H 150 8.16 21.97 11.07
N MET H 151 8.13 23.05 10.27
CA MET H 151 9.34 23.46 9.56
C MET H 151 10.41 23.95 10.51
N ILE H 152 10.02 24.66 11.55
CA ILE H 152 11.01 25.15 12.51
C ILE H 152 11.67 23.98 13.18
N THR H 153 10.85 23.00 13.59
CA THR H 153 11.39 21.79 14.25
C THR H 153 12.43 21.16 13.32
N GLU H 154 12.08 20.96 12.05
CA GLU H 154 13.00 20.30 11.14
C GLU H 154 14.29 21.08 10.99
N MET H 155 14.21 22.42 10.92
CA MET H 155 15.41 23.21 10.80
C MET H 155 16.30 23.00 12.01
N LEU H 156 15.70 22.98 13.20
CA LEU H 156 16.50 22.78 14.39
C LEU H 156 17.12 21.41 14.42
N GLN H 157 16.35 20.39 14.02
CA GLN H 157 16.91 19.01 13.94
C GLN H 157 18.16 19.05 13.08
N LYS H 158 18.10 19.78 11.95
CA LYS H 158 19.24 19.80 10.99
C LYS H 158 20.49 20.32 11.70
N GLU H 159 20.39 21.48 12.36
CA GLU H 159 21.56 22.09 13.04
C GLU H 159 22.07 21.14 14.12
N TYR H 160 21.16 20.47 14.84
CA TYR H 160 21.55 19.56 15.94
C TYR H 160 22.38 18.41 15.35
N MET H 161 21.92 17.85 14.23
CA MET H 161 22.67 16.76 13.55
C MET H 161 24.02 17.30 13.10
N GLU H 162 24.10 18.61 12.85
CA GLU H 162 25.40 19.25 12.48
C GLU H 162 26.33 19.22 13.69
N ARG H 163 25.77 19.39 14.90
CA ARG H 163 26.59 19.37 16.14
C ARG H 163 27.19 17.97 16.30
N GLN H 164 26.61 16.97 15.63
CA GLN H 164 27.14 15.57 15.70
C GLN H 164 26.98 15.04 17.13
N GLY I 1 -3.80 -2.88 -1.46
CA GLY I 1 -3.37 -3.17 -0.13
C GLY I 1 -1.90 -3.60 -0.09
N THR I 2 -1.19 -3.17 0.98
CA THR I 2 0.21 -3.44 1.30
C THR I 2 0.44 -4.89 1.70
N PHE I 3 1.58 -5.45 1.33
CA PHE I 3 1.94 -6.81 1.72
C PHE I 3 1.94 -6.93 3.24
N THR I 4 1.58 -8.10 3.73
CA THR I 4 1.51 -8.36 5.14
C THR I 4 2.34 -9.53 5.63
N TRP I 5 2.83 -10.35 4.72
CA TRP I 5 3.54 -11.55 5.09
C TRP I 5 4.83 -11.22 5.79
N THR I 6 5.13 -11.96 6.83
CA THR I 6 6.36 -11.79 7.56
C THR I 6 7.24 -12.97 7.30
N LEU I 7 8.53 -12.76 7.40
CA LEU I 7 9.48 -13.82 7.16
C LEU I 7 9.60 -14.70 8.38
N SER I 8 9.88 -15.98 8.16
CA SER I 8 10.06 -16.91 9.26
C SER I 8 11.41 -16.73 9.90
N ASP I 9 11.59 -17.32 11.07
CA ASP I 9 12.89 -17.21 11.69
C ASP I 9 13.92 -17.99 10.90
N SER I 10 14.98 -17.32 10.50
CA SER I 10 16.06 -17.93 9.78
C SER I 10 17.31 -17.14 10.08
N GLU I 11 17.66 -17.09 11.34
CA GLU I 11 18.79 -16.29 11.82
C GLU I 11 20.08 -17.01 11.63
N GLY I 12 21.18 -16.27 11.46
CA GLY I 12 22.47 -16.92 11.42
C GLY I 12 23.03 -16.88 12.83
N LYS I 13 24.12 -17.58 13.11
CA LYS I 13 24.61 -17.52 14.49
C LYS I 13 25.09 -16.15 14.91
N ASP I 14 25.68 -15.42 13.99
CA ASP I 14 26.20 -14.11 14.24
C ASP I 14 25.35 -13.09 13.53
N THR I 15 24.16 -13.51 13.10
CA THR I 15 23.29 -12.67 12.35
C THR I 15 21.86 -12.72 12.91
N PRO I 16 21.64 -12.29 14.17
CA PRO I 16 20.38 -12.31 14.85
C PRO I 16 19.49 -11.32 14.19
N GLY I 17 18.21 -11.61 14.13
CA GLY I 17 17.25 -10.70 13.59
C GLY I 17 17.28 -10.67 12.06
N GLY I 18 18.16 -11.46 11.45
CA GLY I 18 18.30 -11.44 10.03
C GLY I 18 17.56 -12.56 9.36
N TYR I 19 18.03 -12.90 8.18
CA TYR I 19 17.41 -13.96 7.42
C TYR I 19 18.46 -14.61 6.51
N CYS I 20 18.62 -15.94 6.62
CA CYS I 20 19.59 -16.73 5.85
C CYS I 20 18.94 -17.46 4.69
N LEU I 21 19.59 -17.34 3.55
CA LEU I 21 19.18 -18.02 2.34
C LEU I 21 19.99 -19.27 2.16
N THR I 22 19.30 -20.39 2.19
CA THR I 22 19.96 -21.66 2.09
C THR I 22 20.29 -21.93 0.65
N ARG I 23 21.13 -22.91 0.44
CA ARG I 23 21.69 -23.21 -0.86
C ARG I 23 20.72 -23.54 -1.97
N TRP I 24 19.53 -24.01 -1.70
CA TRP I 24 18.71 -24.38 -2.83
C TRP I 24 18.05 -23.17 -3.44
N MET I 25 18.12 -22.04 -2.77
CA MET I 25 17.49 -20.84 -3.27
C MET I 25 18.47 -20.02 -4.07
N LEU I 26 19.71 -20.46 -4.13
CA LEU I 26 20.75 -19.71 -4.78
C LEU I 26 21.48 -20.48 -5.85
N ILE I 27 21.78 -19.80 -6.92
CA ILE I 27 22.49 -20.41 -8.03
C ILE I 27 23.86 -20.89 -7.61
N GLU I 28 24.53 -20.12 -6.77
CA GLU I 28 25.87 -20.40 -6.28
C GLU I 28 25.92 -21.61 -5.34
N ALA I 29 24.76 -22.03 -4.80
CA ALA I 29 24.64 -23.11 -3.83
C ALA I 29 25.48 -22.88 -2.57
N GLU I 30 25.46 -21.65 -2.08
CA GLU I 30 26.16 -21.22 -0.88
C GLU I 30 25.14 -20.76 0.12
N LEU I 31 25.51 -20.72 1.38
CA LEU I 31 24.62 -20.21 2.41
C LEU I 31 24.92 -18.75 2.68
N LYS I 32 23.93 -17.88 2.47
CA LYS I 32 24.16 -16.44 2.66
C LYS I 32 23.23 -15.82 3.70
N CYS I 33 23.81 -15.23 4.76
CA CYS I 33 23.07 -14.61 5.86
C CYS I 33 23.17 -13.10 5.85
N PHE I 34 22.01 -12.46 5.87
CA PHE I 34 21.93 -11.01 5.88
C PHE I 34 21.41 -10.58 7.23
N GLY I 35 21.96 -9.52 7.80
CA GLY I 35 21.53 -9.10 9.14
C GLY I 35 20.27 -8.28 9.19
N ASN I 36 19.89 -7.94 10.40
CA ASN I 36 18.66 -7.24 10.69
C ASN I 36 18.66 -5.82 10.20
N THR I 37 19.83 -5.28 9.93
CA THR I 37 19.91 -3.93 9.49
C THR I 37 19.56 -3.84 8.02
N ALA I 38 19.55 -4.99 7.36
CA ALA I 38 19.19 -5.07 5.97
C ALA I 38 17.79 -5.62 5.85
N VAL I 39 17.53 -6.67 6.60
CA VAL I 39 16.25 -7.35 6.56
C VAL I 39 15.13 -6.51 7.11
N ALA I 40 15.36 -5.79 8.22
CA ALA I 40 14.29 -4.99 8.81
C ALA I 40 13.74 -4.00 7.82
N LYS I 41 14.58 -3.49 6.94
CA LYS I 41 14.15 -2.54 5.94
C LYS I 41 13.04 -3.05 5.02
N CYS I 42 12.88 -4.40 4.85
CA CYS I 42 11.89 -5.00 3.98
C CYS I 42 10.50 -4.74 4.52
N ASN I 43 10.38 -4.40 5.80
CA ASN I 43 9.08 -4.16 6.35
C ASN I 43 8.70 -2.69 6.24
N GLU I 44 9.61 -1.87 5.72
CA GLU I 44 9.36 -0.45 5.57
C GLU I 44 9.29 -0.05 4.10
N LYS I 45 10.11 -0.69 3.28
CA LYS I 45 10.19 -0.36 1.88
C LYS I 45 9.10 -1.01 1.08
N HIS I 46 8.58 -0.27 0.12
CA HIS I 46 7.55 -0.78 -0.78
C HIS I 46 8.11 -1.02 -2.16
N ASP I 47 9.34 -0.57 -2.36
CA ASP I 47 9.98 -0.59 -3.64
C ASP I 47 11.24 -1.46 -3.82
N GLU I 48 11.45 -2.47 -3.00
CA GLU I 48 12.64 -3.32 -3.12
C GLU I 48 12.36 -4.69 -3.71
N GLU I 49 12.85 -4.93 -4.94
CA GLU I 49 12.58 -6.19 -5.59
C GLU I 49 13.12 -7.37 -4.81
N PHE I 50 14.27 -7.19 -4.17
CA PHE I 50 14.86 -8.28 -3.40
C PHE I 50 13.95 -8.79 -2.29
N CYS I 51 13.35 -7.86 -1.51
CA CYS I 51 12.47 -8.13 -0.38
C CYS I 51 11.22 -8.86 -0.84
N ASP I 52 10.69 -8.51 -2.00
CA ASP I 52 9.53 -9.25 -2.45
C ASP I 52 9.90 -10.67 -2.82
N MET I 53 11.07 -10.85 -3.42
CA MET I 53 11.45 -12.22 -3.74
C MET I 53 11.71 -13.00 -2.47
N LEU I 54 12.23 -12.31 -1.46
CA LEU I 54 12.55 -12.93 -0.21
C LEU I 54 11.27 -13.48 0.41
N ARG I 55 10.16 -12.75 0.26
CA ARG I 55 8.86 -13.20 0.73
C ARG I 55 8.32 -14.37 -0.08
N LEU I 56 8.51 -14.38 -1.41
CA LEU I 56 7.99 -15.52 -2.18
C LEU I 56 8.71 -16.79 -1.81
N PHE I 57 10.01 -16.69 -1.58
CA PHE I 57 10.77 -17.87 -1.21
C PHE I 57 10.42 -18.33 0.19
N ASP I 58 10.21 -17.39 1.11
CA ASP I 58 9.82 -17.73 2.46
C ASP I 58 8.43 -18.35 2.47
N PHE I 59 7.54 -17.85 1.61
CA PHE I 59 6.21 -18.36 1.53
C PHE I 59 6.25 -19.81 1.18
N ASN I 60 7.03 -20.14 0.14
CA ASN I 60 7.17 -21.54 -0.31
C ASN I 60 7.66 -22.39 0.86
N LYS I 61 8.65 -21.90 1.62
CA LYS I 61 9.21 -22.69 2.68
C LYS I 61 8.11 -23.03 3.66
N GLN I 62 7.33 -22.03 4.07
CA GLN I 62 6.31 -22.30 5.05
C GLN I 62 5.15 -23.11 4.47
N ALA I 63 4.76 -22.85 3.23
CA ALA I 63 3.64 -23.58 2.66
C ALA I 63 3.95 -25.06 2.52
N ILE I 64 5.20 -25.36 2.14
CA ILE I 64 5.59 -26.79 1.93
C ILE I 64 5.74 -27.49 3.29
N GLN I 65 6.30 -26.81 4.30
CA GLN I 65 6.41 -27.43 5.61
C GLN I 65 5.09 -27.52 6.36
N ARG I 66 4.21 -26.54 6.20
CA ARG I 66 2.97 -26.51 6.95
C ARG I 66 1.77 -27.20 6.31
N LEU I 67 1.68 -27.23 4.99
CA LEU I 67 0.49 -27.78 4.36
C LEU I 67 0.69 -29.20 3.85
N LYS I 68 -0.39 -29.96 3.89
CA LYS I 68 -0.36 -31.35 3.38
C LYS I 68 -0.27 -31.31 1.86
N ALA I 69 0.50 -32.23 1.27
CA ALA I 69 0.67 -32.27 -0.17
C ALA I 69 -0.69 -32.44 -0.86
N PRO I 70 -0.97 -31.71 -1.96
CA PRO I 70 -2.19 -31.73 -2.74
C PRO I 70 -2.26 -32.91 -3.68
N ALA I 71 -3.46 -33.25 -4.10
CA ALA I 71 -3.63 -34.17 -5.21
C ALA I 71 -3.62 -33.34 -6.48
N GLN I 72 -2.54 -33.48 -7.26
CA GLN I 72 -2.26 -32.68 -8.46
C GLN I 72 -1.77 -31.32 -8.02
N MET I 73 -0.99 -30.65 -8.87
CA MET I 73 -0.48 -29.36 -8.43
C MET I 73 -1.48 -28.28 -8.77
N SER I 74 -1.86 -27.53 -7.73
CA SER I 74 -2.83 -26.47 -7.82
C SER I 74 -2.20 -25.15 -7.51
N ILE I 75 -2.72 -24.12 -8.15
CA ILE I 75 -2.20 -22.79 -7.96
C ILE I 75 -3.20 -21.87 -7.30
N GLN I 76 -4.22 -22.44 -6.68
CA GLN I 76 -5.19 -21.60 -6.00
C GLN I 76 -4.54 -20.87 -4.84
N LEU I 77 -3.61 -21.50 -4.16
CA LEU I 77 -3.01 -20.90 -3.00
C LEU I 77 -2.28 -19.62 -3.36
N ILE I 78 -1.51 -19.64 -4.44
CA ILE I 78 -0.84 -18.42 -4.81
C ILE I 78 -1.79 -17.40 -5.38
N ASN I 79 -2.80 -17.82 -6.13
CA ASN I 79 -3.66 -16.81 -6.68
C ASN I 79 -4.32 -16.00 -5.58
N LYS I 80 -4.65 -16.63 -4.44
CA LYS I 80 -5.23 -15.87 -3.35
C LYS I 80 -4.17 -15.17 -2.47
N ALA I 81 -3.02 -15.81 -2.26
CA ALA I 81 -1.98 -15.29 -1.37
C ALA I 81 -1.07 -14.24 -1.94
N VAL I 82 -0.90 -14.16 -3.25
CA VAL I 82 0.10 -13.28 -3.84
C VAL I 82 0.14 -11.83 -3.42
N ASN I 83 -0.97 -11.19 -3.17
CA ASN I 83 -0.86 -9.77 -2.87
C ASN I 83 -0.39 -9.54 -1.45
N ALA I 84 -0.40 -10.59 -0.65
CA ALA I 84 0.05 -10.44 0.71
C ALA I 84 1.55 -10.59 0.74
N LEU I 85 2.13 -11.08 -0.37
CA LEU I 85 3.54 -11.40 -0.42
C LEU I 85 4.35 -10.38 -1.18
N ILE I 86 3.83 -9.88 -2.30
CA ILE I 86 4.63 -8.97 -3.12
C ILE I 86 3.92 -7.68 -3.49
N ASN I 87 4.67 -6.67 -3.91
CA ASN I 87 4.07 -5.47 -4.44
C ASN I 87 3.93 -5.63 -5.95
N ASP I 88 2.72 -5.80 -6.45
CA ASP I 88 2.51 -6.06 -7.86
C ASP I 88 2.83 -4.85 -8.71
N GLN I 89 3.00 -3.71 -8.07
CA GLN I 89 3.29 -2.50 -8.78
C GLN I 89 4.78 -2.41 -9.06
N LEU I 90 5.58 -3.30 -8.47
CA LEU I 90 6.99 -3.33 -8.87
C LEU I 90 7.10 -4.08 -10.13
N ILE I 91 6.20 -5.01 -10.35
CA ILE I 91 6.28 -5.74 -11.57
C ILE I 91 5.93 -4.73 -12.63
N MET I 92 4.89 -3.95 -12.34
CA MET I 92 4.47 -2.92 -13.28
C MET I 92 5.57 -1.90 -13.52
N LYS I 93 6.30 -1.50 -12.47
CA LYS I 93 7.38 -0.55 -12.65
C LYS I 93 8.42 -1.08 -13.60
N ASN I 94 8.83 -2.32 -13.40
CA ASN I 94 9.87 -2.86 -14.25
C ASN I 94 9.36 -3.09 -15.65
N HIS I 95 8.08 -3.39 -15.78
CA HIS I 95 7.48 -3.56 -17.08
C HIS I 95 7.49 -2.24 -17.82
N LEU I 96 7.10 -1.15 -17.16
CA LEU I 96 7.09 0.15 -17.82
C LEU I 96 8.50 0.58 -18.18
N ARG I 97 9.46 0.36 -17.29
CA ARG I 97 10.88 0.68 -17.60
C ARG I 97 11.26 -0.02 -18.90
N ASP I 98 10.95 -1.32 -19.00
CA ASP I 98 11.32 -2.10 -20.16
C ASP I 98 10.74 -1.45 -21.41
N ILE I 99 9.46 -1.15 -21.39
CA ILE I 99 8.78 -0.57 -22.54
C ILE I 99 9.35 0.77 -22.92
N MET I 100 9.60 1.60 -21.92
CA MET I 100 10.14 2.94 -22.13
C MET I 100 11.64 3.00 -22.43
N CYS I 101 12.32 1.83 -22.56
CA CYS I 101 13.71 1.59 -22.91
C CYS I 101 14.66 2.18 -21.83
N ILE I 102 14.33 1.87 -20.59
CA ILE I 102 15.04 2.26 -19.39
C ILE I 102 15.51 0.98 -18.70
N PRO I 103 16.73 0.86 -18.17
CA PRO I 103 17.19 -0.35 -17.51
C PRO I 103 16.18 -0.78 -16.47
N TYR I 104 15.89 -2.06 -16.46
CA TYR I 104 14.86 -2.61 -15.58
C TYR I 104 15.35 -3.86 -14.88
N CYS I 105 14.70 -4.22 -13.76
CA CYS I 105 15.00 -5.42 -12.98
C CYS I 105 14.17 -6.60 -13.49
N ASN I 106 14.84 -7.68 -13.82
CA ASN I 106 14.09 -8.88 -14.21
C ASN I 106 13.99 -9.91 -13.06
N TYR I 107 14.38 -9.51 -11.82
CA TYR I 107 14.37 -10.19 -10.53
C TYR I 107 15.36 -11.32 -10.31
N SER I 108 16.23 -11.63 -11.26
CA SER I 108 17.15 -12.73 -10.98
C SER I 108 18.52 -12.42 -10.35
N LYS I 109 19.06 -11.22 -10.54
CA LYS I 109 20.41 -10.97 -10.03
C LYS I 109 20.47 -9.72 -9.22
N TYR I 110 21.16 -9.80 -8.10
CA TYR I 110 21.30 -8.74 -7.14
C TYR I 110 22.74 -8.48 -6.75
N TRP I 111 23.01 -7.28 -6.26
CA TRP I 111 24.33 -6.95 -5.74
C TRP I 111 24.25 -6.27 -4.41
N TYR I 112 25.31 -6.41 -3.65
CA TYR I 112 25.39 -5.79 -2.35
C TYR I 112 26.79 -5.46 -1.98
N LEU I 113 26.95 -4.55 -1.05
CA LEU I 113 28.27 -4.27 -0.53
C LEU I 113 28.45 -5.04 0.75
N ASN I 114 29.66 -5.60 0.95
CA ASN I 114 30.06 -6.41 2.09
C ASN I 114 31.37 -5.87 2.69
N HIS I 115 31.33 -5.37 3.95
CA HIS I 115 32.51 -4.79 4.62
C HIS I 115 33.51 -5.91 4.90
N THR I 116 34.77 -5.67 4.54
CA THR I 116 35.78 -6.69 4.63
C THR I 116 36.28 -7.05 6.02
N THR I 117 35.99 -6.25 7.03
CA THR I 117 36.44 -6.62 8.36
C THR I 117 35.27 -7.04 9.21
N THR I 118 34.10 -6.44 9.00
CA THR I 118 32.99 -6.79 9.90
C THR I 118 32.00 -7.78 9.33
N GLY I 119 31.95 -7.95 8.02
CA GLY I 119 30.98 -8.86 7.43
C GLY I 119 29.60 -8.22 7.30
N ARG I 120 29.47 -6.94 7.63
CA ARG I 120 28.19 -6.29 7.53
C ARG I 120 27.88 -6.00 6.08
N THR I 121 26.65 -6.29 5.65
CA THR I 121 26.30 -6.06 4.26
C THR I 121 25.08 -5.18 4.09
N SER I 122 24.94 -4.66 2.89
CA SER I 122 23.78 -3.89 2.49
C SER I 122 22.66 -4.83 2.09
N LEU I 123 21.46 -4.28 1.98
CA LEU I 123 20.35 -5.06 1.46
C LEU I 123 20.61 -5.12 -0.04
N PRO I 124 20.60 -6.29 -0.68
CA PRO I 124 20.85 -6.41 -2.10
C PRO I 124 19.91 -5.59 -2.96
N LYS I 125 20.51 -4.96 -3.95
CA LYS I 125 19.85 -4.15 -4.95
C LYS I 125 19.80 -4.98 -6.19
N CYS I 126 18.83 -4.76 -7.10
CA CYS I 126 18.73 -5.53 -8.33
C CYS I 126 19.75 -5.04 -9.36
N TRP I 127 20.42 -5.99 -9.99
CA TRP I 127 21.35 -5.68 -11.05
C TRP I 127 20.44 -5.48 -12.25
N LEU I 128 20.55 -4.35 -12.93
CA LEU I 128 19.62 -4.06 -14.00
C LEU I 128 20.03 -4.56 -15.36
N VAL I 129 19.01 -4.74 -16.18
CA VAL I 129 19.08 -5.25 -17.53
C VAL I 129 18.63 -4.26 -18.58
N SER I 130 19.42 -4.18 -19.63
CA SER I 130 19.07 -3.31 -20.75
C SER I 130 19.58 -3.92 -22.06
N ASN I 131 18.75 -3.88 -23.12
CA ASN I 131 19.06 -4.36 -24.49
C ASN I 131 19.56 -5.82 -24.50
N GLY I 132 18.93 -6.70 -23.69
CA GLY I 132 19.23 -8.13 -23.62
C GLY I 132 20.33 -8.53 -22.64
N SER I 133 20.98 -7.58 -21.97
CA SER I 133 22.01 -8.00 -21.05
C SER I 133 22.13 -7.17 -19.82
N TYR I 134 23.05 -7.55 -18.95
CA TYR I 134 23.22 -6.84 -17.72
C TYR I 134 24.01 -5.57 -17.93
N LEU I 135 23.70 -4.56 -17.15
CA LEU I 135 24.49 -3.35 -17.22
C LEU I 135 25.85 -3.65 -16.62
N ASN I 136 26.91 -3.00 -17.13
CA ASN I 136 28.27 -3.11 -16.61
C ASN I 136 28.36 -2.27 -15.32
N GLU I 137 29.34 -2.56 -14.45
CA GLU I 137 29.54 -1.83 -13.17
C GLU I 137 29.93 -0.41 -13.44
N THR I 138 30.50 -0.20 -14.60
CA THR I 138 31.00 1.07 -15.05
C THR I 138 29.85 1.98 -15.42
N HIS I 139 28.64 1.43 -15.48
CA HIS I 139 27.46 2.19 -15.79
C HIS I 139 26.66 2.50 -14.55
N PHE I 140 27.10 2.05 -13.38
CA PHE I 140 26.35 2.35 -12.17
C PHE I 140 27.24 2.44 -10.94
N SER I 141 28.54 2.68 -11.12
CA SER I 141 29.45 2.70 -9.99
C SER I 141 29.19 3.87 -9.06
N ASP I 142 28.50 4.90 -9.53
CA ASP I 142 28.15 6.02 -8.68
C ASP I 142 27.03 5.64 -7.74
N ASP I 143 26.21 4.64 -8.12
CA ASP I 143 25.12 4.26 -7.26
C ASP I 143 25.70 3.32 -6.22
N ILE I 144 26.73 2.60 -6.61
CA ILE I 144 27.39 1.71 -5.69
C ILE I 144 28.10 2.56 -4.65
N GLU I 145 28.79 3.61 -5.08
CA GLU I 145 29.45 4.49 -4.12
C GLU I 145 28.42 5.10 -3.18
N GLN I 146 27.24 5.46 -3.68
CA GLN I 146 26.27 6.02 -2.75
C GLN I 146 25.88 5.00 -1.71
N GLN I 147 25.75 3.74 -2.10
CA GLN I 147 25.38 2.72 -1.14
C GLN I 147 26.47 2.59 -0.08
N ALA I 148 27.74 2.71 -0.50
CA ALA I 148 28.85 2.62 0.45
C ALA I 148 28.77 3.76 1.47
N ASP I 149 28.35 4.94 1.05
CA ASP I 149 28.23 6.05 1.99
C ASP I 149 27.03 5.91 2.86
N ASN I 150 25.98 5.29 2.35
CA ASN I 150 24.83 5.11 3.18
C ASN I 150 25.21 4.15 4.31
N MET I 151 26.02 3.12 4.00
CA MET I 151 26.43 2.19 5.05
C MET I 151 27.34 2.84 6.05
N ILE I 152 28.23 3.73 5.61
CA ILE I 152 29.12 4.39 6.55
C ILE I 152 28.31 5.25 7.47
N THR I 153 27.35 5.99 6.91
CA THR I 153 26.47 6.86 7.73
C THR I 153 25.81 6.00 8.80
N GLU I 154 25.22 4.86 8.41
CA GLU I 154 24.51 4.05 9.38
C GLU I 154 25.44 3.54 10.47
N MET I 155 26.66 3.16 10.11
CA MET I 155 27.61 2.69 11.12
C MET I 155 27.89 3.80 12.12
N LEU I 156 28.08 5.03 11.62
CA LEU I 156 28.36 6.12 12.52
C LEU I 156 27.18 6.41 13.42
N GLN I 157 25.97 6.38 12.84
CA GLN I 157 24.75 6.58 13.66
C GLN I 157 24.76 5.58 14.81
N LYS I 158 25.14 4.33 14.53
CA LYS I 158 25.11 3.26 15.56
C LYS I 158 26.01 3.66 16.73
N GLU I 159 27.26 4.01 16.44
CA GLU I 159 28.23 4.37 17.51
C GLU I 159 27.70 5.58 18.28
N TYR I 160 27.11 6.54 17.57
CA TYR I 160 26.62 7.78 18.23
C TYR I 160 25.52 7.41 19.22
N MET I 161 24.60 6.52 18.81
CA MET I 161 23.52 6.06 19.71
C MET I 161 24.15 5.32 20.88
N GLU I 162 25.35 4.75 20.68
CA GLU I 162 26.06 4.07 21.79
C GLU I 162 26.54 5.13 22.79
N ARG I 163 26.93 6.31 22.30
CA ARG I 163 27.38 7.42 23.20
C ARG I 163 26.20 7.85 24.09
N GLN I 164 24.97 7.52 23.67
CA GLN I 164 23.76 7.87 24.47
C GLN I 164 23.62 9.39 24.53
N GLY J 1 -3.81 -0.22 -3.19
CA GLY J 1 -3.67 1.09 -2.63
C GLY J 1 -3.79 1.06 -1.10
N THR J 2 -2.98 1.88 -0.43
CA THR J 2 -2.89 2.09 1.03
C THR J 2 -4.12 2.82 1.57
N PHE J 3 -4.55 2.46 2.78
CA PHE J 3 -5.66 3.13 3.43
C PHE J 3 -5.38 4.61 3.57
N THR J 4 -6.41 5.41 3.48
CA THR J 4 -6.30 6.85 3.57
C THR J 4 -7.12 7.50 4.65
N TRP J 5 -8.07 6.78 5.23
CA TRP J 5 -8.97 7.34 6.20
C TRP J 5 -8.24 7.77 7.45
N THR J 6 -8.61 8.92 7.96
CA THR J 6 -8.04 9.43 9.19
C THR J 6 -9.06 9.37 10.26
N LEU J 7 -8.60 9.25 11.49
CA LEU J 7 -9.50 9.17 12.61
C LEU J 7 -9.99 10.54 13.00
N SER J 8 -11.21 10.63 13.51
CA SER J 8 -11.76 11.88 13.95
C SER J 8 -11.18 12.29 15.29
N ASP J 9 -11.39 13.54 15.67
CA ASP J 9 -10.90 13.95 16.96
C ASP J 9 -11.66 13.26 18.06
N SER J 10 -10.93 12.58 18.93
CA SER J 10 -11.51 11.91 20.06
C SER J 10 -10.47 11.85 21.14
N GLU J 11 -10.01 13.01 21.56
CA GLU J 11 -8.93 13.13 22.52
C GLU J 11 -9.43 12.98 23.94
N GLY J 12 -8.58 12.50 24.83
CA GLY J 12 -8.97 12.47 26.23
C GLY J 12 -8.45 13.74 26.86
N LYS J 13 -8.85 14.05 28.09
CA LYS J 13 -8.34 15.30 28.65
C LYS J 13 -6.84 15.32 28.87
N ASP J 14 -6.29 14.19 29.23
CA ASP J 14 -4.88 14.04 29.48
C ASP J 14 -4.26 13.19 28.40
N THR J 15 -4.99 13.04 27.30
CA THR J 15 -4.55 12.21 26.21
C THR J 15 -4.71 12.94 24.87
N PRO J 16 -4.00 14.06 24.66
CA PRO J 16 -4.06 14.87 23.48
C PRO J 16 -3.46 14.11 22.36
N GLY J 17 -3.99 14.27 21.18
CA GLY J 17 -3.44 13.64 20.00
C GLY J 17 -3.80 12.16 19.93
N GLY J 18 -4.56 11.67 20.90
CA GLY J 18 -4.90 10.27 20.94
C GLY J 18 -6.26 10.00 20.41
N TYR J 19 -6.83 8.89 20.85
CA TYR J 19 -8.13 8.49 20.39
C TYR J 19 -8.80 7.66 21.50
N CYS J 20 -10.01 8.07 21.94
CA CYS J 20 -10.78 7.41 22.99
C CYS J 20 -11.91 6.55 22.41
N LEU J 21 -11.97 5.34 22.95
CA LEU J 21 -13.01 4.40 22.61
C LEU J 21 -14.10 4.44 23.64
N THR J 22 -15.29 4.83 23.20
CA THR J 22 -16.39 4.97 24.09
C THR J 22 -16.97 3.60 24.37
N ARG J 23 -17.81 3.54 25.38
CA ARG J 23 -18.33 2.30 25.90
C ARG J 23 -19.11 1.43 24.94
N TRP J 24 -19.70 1.95 23.89
CA TRP J 24 -20.50 1.05 23.09
C TRP J 24 -19.64 0.25 22.15
N MET J 25 -18.36 0.61 22.03
CA MET J 25 -17.48 -0.09 21.15
C MET J 25 -16.74 -1.19 21.88
N LEU J 26 -16.95 -1.28 23.17
CA LEU J 26 -16.22 -2.22 23.99
C LEU J 26 -17.10 -3.15 24.78
N ILE J 27 -16.69 -4.37 24.87
CA ILE J 27 -17.44 -5.38 25.60
C ILE J 27 -17.53 -5.02 27.07
N GLU J 28 -16.45 -4.49 27.62
CA GLU J 28 -16.36 -4.11 29.02
C GLU J 28 -17.25 -2.91 29.38
N ALA J 29 -17.71 -2.15 28.38
CA ALA J 29 -18.49 -0.93 28.55
C ALA J 29 -17.78 0.12 29.41
N GLU J 30 -16.49 0.28 29.17
CA GLU J 30 -15.64 1.24 29.85
C GLU J 30 -15.13 2.23 28.82
N LEU J 31 -14.70 3.39 29.27
CA LEU J 31 -14.10 4.36 28.37
C LEU J 31 -12.58 4.21 28.37
N LYS J 32 -11.99 3.92 27.22
CA LYS J 32 -10.54 3.72 27.17
C LYS J 32 -9.84 4.67 26.21
N CYS J 33 -8.89 5.48 26.73
CA CYS J 33 -8.15 6.48 25.95
C CYS J 33 -6.70 6.08 25.74
N PHE J 34 -6.30 6.08 24.47
CA PHE J 34 -4.94 5.75 24.10
C PHE J 34 -4.27 7.00 23.60
N GLY J 35 -3.01 7.22 23.96
CA GLY J 35 -2.32 8.45 23.55
C GLY J 35 -1.79 8.45 22.16
N ASN J 36 -1.21 9.59 21.79
CA ASN J 36 -0.68 9.83 20.47
C ASN J 36 0.53 9.02 20.15
N THR J 37 1.19 8.50 21.16
CA THR J 37 2.37 7.72 20.92
C THR J 37 2.00 6.33 20.47
N ALA J 38 0.73 5.97 20.64
CA ALA J 38 0.22 4.69 20.21
C ALA J 38 -0.59 4.89 18.95
N VAL J 39 -1.44 5.90 18.97
CA VAL J 39 -2.32 6.18 17.86
C VAL J 39 -1.57 6.64 16.63
N ALA J 40 -0.56 7.50 16.77
CA ALA J 40 0.17 8.00 15.62
C ALA J 40 0.75 6.87 14.80
N LYS J 41 1.13 5.80 15.46
CA LYS J 41 1.71 4.66 14.77
C LYS J 41 0.77 4.03 13.74
N CYS J 42 -0.57 4.22 13.85
CA CYS J 42 -1.56 3.65 12.93
C CYS J 42 -1.43 4.27 11.55
N ASN J 43 -0.78 5.42 11.46
CA ASN J 43 -0.64 6.05 10.18
C ASN J 43 0.65 5.63 9.50
N GLU J 44 1.46 4.83 10.19
CA GLU J 44 2.72 4.35 9.65
C GLU J 44 2.69 2.86 9.39
N LYS J 45 2.02 2.12 10.25
CA LYS J 45 1.98 0.69 10.18
C LYS J 45 0.95 0.21 9.19
N HIS J 46 1.30 -0.83 8.46
CA HIS J 46 0.40 -1.44 7.49
C HIS J 46 -0.09 -2.79 8.00
N ASP J 47 0.49 -3.23 9.10
CA ASP J 47 0.25 -4.54 9.64
C ASP J 47 -0.39 -4.66 11.03
N GLU J 48 -1.10 -3.64 11.50
CA GLU J 48 -1.72 -3.68 12.83
C GLU J 48 -3.21 -3.89 12.79
N GLU J 49 -3.68 -5.06 13.23
CA GLU J 49 -5.11 -5.35 13.18
C GLU J 49 -5.92 -4.36 14.01
N PHE J 50 -5.37 -3.93 15.14
CA PHE J 50 -6.09 -2.99 15.99
C PHE J 50 -6.44 -1.70 15.27
N CYS J 51 -5.46 -1.10 14.56
CA CYS J 51 -5.58 0.16 13.83
C CYS J 51 -6.61 0.04 12.74
N ASP J 52 -6.67 -1.09 12.06
CA ASP J 52 -7.71 -1.20 11.05
C ASP J 52 -9.09 -1.25 11.67
N MET J 53 -9.21 -1.92 12.81
CA MET J 53 -10.52 -1.94 13.44
C MET J 53 -10.87 -0.56 13.94
N LEU J 54 -9.87 0.17 14.38
CA LEU J 54 -10.06 1.50 14.92
C LEU J 54 -10.66 2.38 13.81
N ARG J 55 -10.18 2.19 12.57
CA ARG J 55 -10.73 2.92 11.42
C ARG J 55 -12.15 2.49 11.08
N LEU J 56 -12.48 1.19 11.17
CA LEU J 56 -13.85 0.79 10.85
C LEU J 56 -14.83 1.37 11.85
N PHE J 57 -14.44 1.41 13.12
CA PHE J 57 -15.33 1.97 14.11
C PHE J 57 -15.45 3.47 13.96
N ASP J 58 -14.35 4.15 13.63
CA ASP J 58 -14.40 5.59 13.41
C ASP J 58 -15.22 5.91 12.18
N PHE J 59 -15.14 5.06 11.16
CA PHE J 59 -15.89 5.27 9.95
C PHE J 59 -17.34 5.29 10.27
N ASN J 60 -17.78 4.28 11.03
CA ASN J 60 -19.21 4.18 11.42
C ASN J 60 -19.62 5.45 12.15
N LYS J 61 -18.77 5.93 13.08
CA LYS J 61 -19.15 7.08 13.85
C LYS J 61 -19.40 8.25 12.92
N GLN J 62 -18.48 8.48 11.99
CA GLN J 62 -18.65 9.61 11.10
C GLN J 62 -19.79 9.40 10.11
N ALA J 63 -19.95 8.19 9.59
CA ALA J 63 -21.00 7.95 8.60
C ALA J 63 -22.37 8.14 9.20
N ILE J 64 -22.53 7.71 10.46
CA ILE J 64 -23.87 7.81 11.11
C ILE J 64 -24.15 9.27 11.48
N GLN J 65 -23.14 10.01 11.97
CA GLN J 65 -23.35 11.41 12.31
C GLN J 65 -23.48 12.31 11.09
N ARG J 66 -22.75 12.02 10.01
CA ARG J 66 -22.75 12.88 8.83
C ARG J 66 -23.79 12.58 7.77
N LEU J 67 -24.18 11.33 7.59
CA LEU J 67 -25.09 11.01 6.50
C LEU J 67 -26.52 10.84 6.96
N LYS J 68 -27.44 11.20 6.05
CA LYS J 68 -28.88 11.05 6.34
C LYS J 68 -29.23 9.56 6.31
N ALA J 69 -30.11 9.13 7.21
CA ALA J 69 -30.51 7.74 7.29
C ALA J 69 -31.10 7.27 5.94
N PRO J 70 -30.73 6.07 5.45
CA PRO J 70 -31.19 5.48 4.20
C PRO J 70 -32.58 4.88 4.31
N ALA J 71 -33.23 4.70 3.17
CA ALA J 71 -34.42 3.88 3.12
C ALA J 71 -33.97 2.45 2.88
N GLN J 72 -34.11 1.60 3.90
CA GLN J 72 -33.63 0.22 3.92
C GLN J 72 -32.14 0.24 4.16
N MET J 73 -31.58 -0.82 4.72
CA MET J 73 -30.15 -0.78 4.99
C MET J 73 -29.39 -1.25 3.76
N SER J 74 -28.49 -0.40 3.32
CA SER J 74 -27.67 -0.63 2.14
C SER J 74 -26.23 -0.73 2.51
N ILE J 75 -25.52 -1.54 1.76
CA ILE J 75 -24.11 -1.75 1.99
C ILE J 75 -23.25 -1.22 0.87
N GLN J 76 -23.82 -0.35 0.04
CA GLN J 76 -23.00 0.20 -1.04
C GLN J 76 -21.88 1.06 -0.48
N LEU J 77 -22.14 1.76 0.62
CA LEU J 77 -21.14 2.66 1.16
C LEU J 77 -19.91 1.91 1.59
N ILE J 78 -20.07 0.78 2.27
CA ILE J 78 -18.89 0.04 2.64
C ILE J 78 -18.25 -0.64 1.46
N ASN J 79 -19.04 -1.14 0.52
CA ASN J 79 -18.38 -1.82 -0.58
C ASN J 79 -17.44 -0.88 -1.31
N LYS J 80 -17.79 0.41 -1.42
CA LYS J 80 -16.88 1.36 -2.06
C LYS J 80 -15.80 1.89 -1.12
N ALA J 81 -16.13 2.11 0.16
CA ALA J 81 -15.23 2.72 1.13
C ALA J 81 -14.20 1.80 1.76
N VAL J 82 -14.45 0.50 1.82
CA VAL J 82 -13.60 -0.41 2.57
C VAL J 82 -12.11 -0.37 2.35
N ASN J 83 -11.64 -0.16 1.14
CA ASN J 83 -10.19 -0.22 0.98
C ASN J 83 -9.51 1.03 1.49
N ALA J 84 -10.28 2.06 1.77
CA ALA J 84 -9.72 3.27 2.27
C ALA J 84 -9.57 3.16 3.76
N LEU J 85 -10.22 2.14 4.35
CA LEU J 85 -10.29 1.99 5.78
C LEU J 85 -9.39 0.92 6.32
N ILE J 86 -9.30 -0.21 5.63
CA ILE J 86 -8.51 -1.32 6.16
C ILE J 86 -7.52 -1.92 5.18
N ASN J 87 -6.54 -2.66 5.67
CA ASN J 87 -5.65 -3.39 4.80
C ASN J 87 -6.23 -4.78 4.59
N ASP J 88 -6.73 -5.08 3.41
CA ASP J 88 -7.40 -6.34 3.17
C ASP J 88 -6.42 -7.50 3.17
N GLN J 89 -5.14 -7.18 3.15
CA GLN J 89 -4.13 -8.20 3.13
C GLN J 89 -3.86 -8.68 4.54
N LEU J 90 -4.39 -7.99 5.56
CA LEU J 90 -4.28 -8.52 6.90
C LEU J 90 -5.29 -9.57 7.08
N ILE J 91 -6.40 -9.45 6.38
CA ILE J 91 -7.40 -10.45 6.53
C ILE J 91 -6.78 -11.66 5.89
N MET J 92 -6.15 -11.46 4.74
CA MET J 92 -5.51 -12.56 4.06
C MET J 92 -4.40 -13.18 4.91
N LYS J 93 -3.62 -12.36 5.61
CA LYS J 93 -2.57 -12.89 6.46
C LYS J 93 -3.14 -13.81 7.51
N ASN J 94 -4.19 -13.36 8.19
CA ASN J 94 -4.73 -14.17 9.25
C ASN J 94 -5.42 -15.40 8.70
N HIS J 95 -5.96 -15.29 7.50
CA HIS J 95 -6.58 -16.42 6.86
C HIS J 95 -5.53 -17.47 6.55
N LEU J 96 -4.39 -17.05 5.99
CA LEU J 96 -3.33 -18.01 5.67
C LEU J 96 -2.77 -18.63 6.93
N ARG J 97 -2.57 -17.83 7.97
CA ARG J 97 -2.09 -18.38 9.27
C ARG J 97 -3.03 -19.51 9.70
N ASP J 98 -4.34 -19.24 9.65
CA ASP J 98 -5.33 -20.21 10.09
C ASP J 98 -5.14 -21.51 9.31
N ILE J 99 -5.09 -21.40 7.99
CA ILE J 99 -4.97 -22.57 7.14
C ILE J 99 -3.68 -23.34 7.39
N MET J 100 -2.59 -22.60 7.53
CA MET J 100 -1.29 -23.21 7.77
C MET J 100 -1.04 -23.69 9.21
N CYS J 101 -2.07 -23.61 10.09
CA CYS J 101 -2.12 -24.05 11.48
C CYS J 101 -1.11 -23.28 12.36
N ILE J 102 -1.13 -21.97 12.19
CA ILE J 102 -0.32 -21.00 12.88
C ILE J 102 -1.26 -20.06 13.65
N PRO J 103 -1.01 -19.68 14.91
CA PRO J 103 -1.90 -18.81 15.65
C PRO J 103 -2.21 -17.58 14.83
N TYR J 104 -3.48 -17.21 14.80
CA TYR J 104 -3.95 -16.10 13.98
C TYR J 104 -4.87 -15.19 14.76
N CYS J 105 -5.03 -13.94 14.27
CA CYS J 105 -5.90 -12.94 14.87
C CYS J 105 -7.29 -13.04 14.27
N ASN J 106 -8.30 -13.16 15.12
CA ASN J 106 -9.66 -13.14 14.60
C ASN J 106 -10.35 -11.78 14.80
N TYR J 107 -9.57 -10.74 15.19
CA TYR J 107 -9.87 -9.32 15.41
C TYR J 107 -10.72 -8.96 16.61
N SER J 108 -11.10 -9.90 17.47
CA SER J 108 -11.90 -9.46 18.61
C SER J 108 -11.20 -9.11 19.92
N LYS J 109 -10.02 -9.64 20.20
CA LYS J 109 -9.40 -9.38 21.50
C LYS J 109 -7.99 -8.93 21.36
N TYR J 110 -7.65 -7.91 22.13
CA TYR J 110 -6.36 -7.26 22.10
C TYR J 110 -5.74 -7.12 23.49
N TRP J 111 -4.43 -6.98 23.54
CA TRP J 111 -3.75 -6.73 24.80
C TRP J 111 -2.75 -5.61 24.68
N TYR J 112 -2.50 -4.96 25.79
CA TYR J 112 -1.55 -3.88 25.82
C TYR J 112 -0.89 -3.77 27.16
N LEU J 113 0.24 -3.12 27.19
CA LEU J 113 0.88 -2.84 28.45
C LEU J 113 0.52 -1.44 28.88
N ASN J 114 0.27 -1.27 30.18
CA ASN J 114 -0.12 -0.01 30.84
C ASN J 114 0.78 0.27 32.04
N HIS J 115 1.59 1.36 31.99
CA HIS J 115 2.53 1.73 33.07
C HIS J 115 1.73 2.15 34.29
N THR J 116 2.08 1.60 35.44
CA THR J 116 1.32 1.81 36.65
C THR J 116 1.43 3.16 37.30
N THR J 117 2.41 3.98 36.93
CA THR J 117 2.49 5.30 37.53
C THR J 117 2.11 6.36 36.54
N THR J 118 2.41 6.15 35.26
CA THR J 118 2.12 7.23 34.32
C THR J 118 0.85 7.04 33.52
N GLY J 119 0.33 5.83 33.40
CA GLY J 119 -0.85 5.61 32.60
C GLY J 119 -0.55 5.50 31.11
N ARG J 120 0.73 5.51 30.76
CA ARG J 120 1.10 5.42 29.36
C ARG J 120 0.93 3.98 28.89
N THR J 121 0.32 3.79 27.72
CA THR J 121 0.11 2.44 27.23
C THR J 121 0.67 2.22 25.86
N SER J 122 0.83 0.94 25.53
CA SER J 122 1.24 0.50 24.21
C SER J 122 0.05 0.49 23.28
N LEU J 123 0.31 0.39 21.99
CA LEU J 123 -0.75 0.22 21.03
C LEU J 123 -1.17 -1.23 21.20
N PRO J 124 -2.45 -1.57 21.38
CA PRO J 124 -2.89 -2.93 21.54
C PRO J 124 -2.52 -3.85 20.40
N LYS J 125 -2.07 -5.03 20.79
CA LYS J 125 -1.69 -6.11 19.90
C LYS J 125 -2.82 -7.09 19.94
N CYS J 126 -3.02 -7.90 18.88
CA CYS J 126 -4.10 -8.88 18.86
C CYS J 126 -3.73 -10.12 19.68
N TRP J 127 -4.67 -10.57 20.49
CA TRP J 127 -4.49 -11.78 21.25
C TRP J 127 -4.78 -12.88 20.25
N LEU J 128 -3.87 -13.82 20.08
CA LEU J 128 -4.06 -14.81 19.03
C LEU J 128 -4.82 -16.03 19.43
N VAL J 129 -5.39 -16.66 18.41
CA VAL J 129 -6.21 -17.84 18.49
C VAL J 129 -5.63 -19.05 17.79
N SER J 130 -5.69 -20.17 18.45
CA SER J 130 -5.23 -21.42 17.87
C SER J 130 -6.06 -22.58 18.39
N ASN J 131 -6.46 -23.51 17.50
CA ASN J 131 -7.22 -24.75 17.82
C ASN J 131 -8.53 -24.46 18.59
N GLY J 132 -9.25 -23.39 18.21
CA GLY J 132 -10.53 -23.00 18.81
C GLY J 132 -10.45 -22.10 20.04
N SER J 133 -9.25 -21.76 20.52
CA SER J 133 -9.22 -20.90 21.68
C SER J 133 -8.08 -19.92 21.71
N TYR J 134 -8.06 -19.12 22.74
CA TYR J 134 -7.02 -18.14 22.85
C TYR J 134 -5.73 -18.74 23.36
N LEU J 135 -4.62 -18.20 22.89
CA LEU J 135 -3.35 -18.67 23.40
C LEU J 135 -3.24 -18.19 24.84
N ASN J 136 -2.57 -18.97 25.71
CA ASN J 136 -2.28 -18.59 27.09
C ASN J 136 -1.14 -17.57 27.10
N GLU J 137 -1.00 -16.78 28.18
CA GLU J 137 0.07 -15.75 28.31
C GLU J 137 1.42 -16.42 28.38
N THR J 138 1.41 -17.65 28.81
CA THR J 138 2.58 -18.45 29.01
C THR J 138 3.13 -18.90 27.68
N HIS J 139 2.39 -18.67 26.61
CA HIS J 139 2.81 -19.02 25.27
C HIS J 139 3.29 -17.80 24.52
N PHE J 140 3.25 -16.62 25.13
CA PHE J 140 3.71 -15.45 24.42
C PHE J 140 4.29 -14.38 25.34
N SER J 141 4.71 -14.77 26.55
CA SER J 141 5.20 -13.81 27.52
C SER J 141 6.49 -13.17 27.09
N ASP J 142 7.22 -13.79 26.18
CA ASP J 142 8.44 -13.20 25.67
C ASP J 142 8.13 -12.08 24.72
N ASP J 143 6.95 -12.09 24.09
CA ASP J 143 6.61 -11.04 23.17
C ASP J 143 6.10 -9.88 23.99
N ILE J 144 5.49 -10.20 25.12
CA ILE J 144 5.02 -9.17 26.01
C ILE J 144 6.23 -8.47 26.60
N GLU J 145 7.24 -9.23 27.03
CA GLU J 145 8.44 -8.60 27.56
C GLU J 145 9.07 -7.73 26.50
N GLN J 146 9.08 -8.15 25.24
CA GLN J 146 9.68 -7.28 24.24
C GLN J 146 8.92 -5.97 24.13
N GLN J 147 7.60 -6.03 24.25
CA GLN J 147 6.83 -4.81 24.16
C GLN J 147 7.17 -3.90 25.34
N ALA J 148 7.41 -4.47 26.51
CA ALA J 148 7.77 -3.67 27.67
C ALA J 148 9.10 -2.95 27.44
N ASP J 149 10.05 -3.61 26.75
CA ASP J 149 11.32 -2.96 26.49
C ASP J 149 11.20 -1.95 25.40
N ASN J 150 10.30 -2.16 24.47
CA ASN J 150 10.14 -1.17 23.43
C ASN J 150 9.60 0.10 24.09
N MET J 151 8.68 -0.04 25.06
CA MET J 151 8.15 1.14 25.73
C MET J 151 9.21 1.85 26.56
N ILE J 152 10.08 1.09 27.21
CA ILE J 152 11.12 1.72 28.01
C ILE J 152 12.03 2.50 27.10
N THR J 153 12.41 1.89 25.98
CA THR J 153 13.29 2.56 24.99
C THR J 153 12.64 3.90 24.61
N GLU J 154 11.37 3.86 24.23
CA GLU J 154 10.72 5.08 23.78
C GLU J 154 10.70 6.14 24.86
N MET J 155 10.46 5.75 26.11
CA MET J 155 10.46 6.72 27.20
C MET J 155 11.82 7.37 27.32
N LEU J 156 12.89 6.57 27.22
CA LEU J 156 14.21 7.14 27.33
C LEU J 156 14.51 8.06 26.17
N GLN J 157 14.11 7.66 24.96
CA GLN J 157 14.30 8.55 23.78
C GLN J 157 13.65 9.90 24.09
N LYS J 158 12.46 9.88 24.69
CA LYS J 158 11.72 11.15 24.95
C LYS J 158 12.57 12.07 25.83
N GLU J 159 13.05 11.55 26.96
CA GLU J 159 13.86 12.36 27.91
C GLU J 159 15.11 12.88 27.21
N TYR J 160 15.73 12.03 26.37
CA TYR J 160 16.99 12.42 25.68
C TYR J 160 16.70 13.60 24.75
N MET J 161 15.58 13.52 24.01
CA MET J 161 15.19 14.64 23.11
C MET J 161 14.92 15.89 23.97
N GLU J 162 14.54 15.68 25.23
CA GLU J 162 14.32 16.82 26.16
C GLU J 162 15.67 17.47 26.47
N ARG J 163 16.72 16.66 26.58
CA ARG J 163 18.09 17.20 26.85
C ARG J 163 18.52 18.09 25.67
N GLN J 164 17.89 17.92 24.51
CA GLN J 164 18.20 18.75 23.32
C GLN J 164 19.65 18.44 22.87
N GLY K 10 34.46 17.72 -47.75
CA GLY K 10 34.50 18.04 -49.15
C GLY K 10 33.25 18.82 -49.55
N LEU K 11 32.87 18.70 -50.84
CA LEU K 11 31.71 19.32 -51.47
C LEU K 11 30.56 18.35 -51.63
N LEU K 12 29.39 18.78 -51.17
CA LEU K 12 28.18 17.99 -51.29
C LEU K 12 27.17 18.65 -52.19
N LYS K 13 26.34 17.83 -52.82
CA LYS K 13 25.25 18.37 -53.64
C LYS K 13 24.02 18.49 -52.75
N PRO K 14 23.02 19.32 -53.09
CA PRO K 14 21.80 19.53 -52.31
C PRO K 14 20.97 18.32 -51.90
N SER K 15 21.02 17.22 -52.63
CA SER K 15 20.21 16.06 -52.26
C SER K 15 21.02 14.95 -51.62
N GLU K 16 22.30 15.19 -51.37
CA GLU K 16 23.20 14.20 -50.80
C GLU K 16 23.21 14.13 -49.29
N THR K 17 23.64 12.99 -48.78
CA THR K 17 23.79 12.78 -47.36
C THR K 17 25.21 13.07 -46.92
N LEU K 18 25.32 13.82 -45.84
CA LEU K 18 26.58 14.18 -45.22
C LEU K 18 26.95 13.15 -44.21
N SER K 19 28.17 12.66 -44.26
CA SER K 19 28.61 11.67 -43.30
C SER K 19 29.96 12.03 -42.72
N LEU K 20 29.96 12.33 -41.44
CA LEU K 20 31.16 12.75 -40.74
C LEU K 20 31.50 11.86 -39.59
N THR K 21 32.77 11.51 -39.47
CA THR K 21 33.21 10.68 -38.37
C THR K 21 34.33 11.38 -37.61
N CYS K 22 34.25 11.47 -36.26
CA CYS K 22 35.28 12.11 -35.42
C CYS K 22 36.32 11.09 -34.99
N ALA K 23 36.84 10.43 -36.02
CA ALA K 23 37.86 9.41 -35.88
C ALA K 23 39.15 10.03 -35.43
N VAL K 24 39.40 11.25 -35.88
CA VAL K 24 40.62 11.96 -35.56
C VAL K 24 40.66 12.38 -34.11
N TYR K 25 39.56 12.94 -33.63
CA TYR K 25 39.50 13.35 -32.25
C TYR K 25 39.44 12.16 -31.29
N GLY K 26 38.57 11.21 -31.59
CA GLY K 26 38.35 10.06 -30.76
C GLY K 26 36.86 10.02 -30.53
N GLY K 27 36.34 8.90 -30.10
CA GLY K 27 34.92 8.85 -29.91
C GLY K 27 34.49 7.52 -29.40
N SER K 28 33.19 7.40 -29.17
CA SER K 28 32.59 6.19 -28.67
C SER K 28 33.30 5.68 -27.43
N ILE K 29 33.62 6.61 -26.53
CA ILE K 29 34.27 6.26 -25.29
C ILE K 29 33.20 6.12 -24.26
N SER K 30 33.14 4.96 -23.64
CA SER K 30 32.07 4.72 -22.73
C SER K 30 32.17 5.65 -21.57
N SER K 31 31.02 5.89 -20.98
CA SER K 31 30.75 6.78 -19.87
C SER K 31 30.48 8.21 -20.34
N TYR K 32 30.75 8.59 -21.62
CA TYR K 32 30.54 9.98 -22.05
C TYR K 32 29.41 10.20 -23.04
N TYR K 33 28.80 11.41 -22.97
CA TYR K 33 27.75 11.82 -23.91
C TYR K 33 28.32 12.68 -24.98
N TRP K 34 28.47 12.10 -26.13
CA TRP K 34 29.12 12.77 -27.24
C TRP K 34 28.15 13.59 -28.01
N SER K 35 28.59 14.70 -28.54
CA SER K 35 27.65 15.51 -29.30
C SER K 35 28.23 16.19 -30.51
N TRP K 36 27.32 16.58 -31.40
CA TRP K 36 27.65 17.29 -32.63
C TRP K 36 27.08 18.69 -32.60
N ILE K 37 27.91 19.63 -33.07
CA ILE K 37 27.61 21.06 -33.12
C ILE K 37 28.03 21.64 -34.46
N ARG K 38 27.30 22.59 -35.02
CA ARG K 38 27.80 23.22 -36.24
C ARG K 38 27.76 24.72 -36.18
N GLN K 39 28.62 25.35 -36.96
CA GLN K 39 28.68 26.81 -37.01
C GLN K 39 28.69 27.37 -38.42
N PRO K 40 27.54 27.79 -38.98
CA PRO K 40 27.42 28.31 -40.30
C PRO K 40 28.37 29.45 -40.32
N PRO K 41 29.02 29.78 -41.41
CA PRO K 41 30.00 30.82 -41.43
C PRO K 41 29.39 32.14 -41.04
N GLY K 42 30.05 32.84 -40.13
CA GLY K 42 29.60 34.15 -39.68
C GLY K 42 28.51 34.10 -38.61
N LYS K 43 28.09 32.92 -38.21
CA LYS K 43 27.02 32.75 -37.25
C LYS K 43 27.47 32.17 -35.93
N GLY K 44 26.55 32.08 -34.98
CA GLY K 44 26.85 31.52 -33.68
C GLY K 44 26.77 30.02 -33.77
N LEU K 45 26.86 29.36 -32.64
CA LEU K 45 26.88 27.91 -32.62
C LEU K 45 25.50 27.30 -32.54
N GLU K 46 25.30 26.19 -33.24
CA GLU K 46 24.05 25.46 -33.19
C GLU K 46 24.23 24.01 -32.80
N TRP K 47 23.50 23.57 -31.79
CA TRP K 47 23.59 22.19 -31.36
C TRP K 47 22.86 21.29 -32.34
N ILE K 48 23.44 20.16 -32.72
CA ILE K 48 22.77 19.22 -33.63
C ILE K 48 22.11 18.11 -32.89
N GLY K 49 22.84 17.51 -31.97
CA GLY K 49 22.32 16.38 -31.21
C GLY K 49 23.40 15.72 -30.37
N GLU K 50 22.98 14.75 -29.57
CA GLU K 50 23.92 14.04 -28.69
C GLU K 50 23.56 12.59 -28.53
N ILE K 51 24.58 11.78 -28.19
CA ILE K 51 24.38 10.37 -27.92
C ILE K 51 24.99 9.94 -26.59
N SER K 52 24.18 9.24 -25.80
CA SER K 52 24.66 8.73 -24.49
C SER K 52 25.47 7.46 -24.71
N HIS K 53 26.24 7.05 -23.70
CA HIS K 53 27.08 5.82 -23.80
C HIS K 53 26.19 4.61 -24.04
N SER K 54 24.89 4.71 -23.71
CA SER K 54 23.97 3.56 -23.84
C SER K 54 23.44 3.51 -25.26
N GLY K 55 23.76 4.53 -26.07
CA GLY K 55 23.28 4.58 -27.45
C GLY K 55 22.05 5.46 -27.64
N SER K 56 21.44 5.94 -26.55
CA SER K 56 20.28 6.80 -26.61
C SER K 56 20.60 8.17 -27.20
N THR K 57 19.72 8.71 -28.05
CA THR K 57 19.99 10.03 -28.63
C THR K 57 18.90 11.07 -28.49
N ASN K 58 19.32 12.32 -28.68
CA ASN K 58 18.48 13.51 -28.71
C ASN K 58 18.95 14.41 -29.82
N TYR K 59 18.01 15.01 -30.53
CA TYR K 59 18.38 15.88 -31.63
C TYR K 59 17.70 17.21 -31.53
N ASN K 60 18.31 18.22 -32.12
CA ASN K 60 17.72 19.51 -32.21
C ASN K 60 16.39 19.28 -32.90
N PRO K 61 15.24 19.60 -32.29
CA PRO K 61 13.93 19.37 -32.83
C PRO K 61 13.71 19.89 -34.23
N SER K 62 14.40 20.96 -34.63
CA SER K 62 14.19 21.47 -35.97
C SER K 62 14.97 20.73 -37.03
N LEU K 63 15.91 19.93 -36.58
CA LEU K 63 16.82 19.23 -37.46
C LEU K 63 16.52 17.75 -37.46
N LYS K 64 16.02 17.25 -36.33
CA LYS K 64 15.77 15.84 -36.04
C LYS K 64 15.38 14.95 -37.19
N SER K 65 14.45 15.36 -38.02
CA SER K 65 13.94 14.47 -39.06
C SER K 65 14.98 14.08 -40.10
N ARG K 66 16.08 14.83 -40.18
CA ARG K 66 17.12 14.57 -41.16
C ARG K 66 18.38 14.05 -40.54
N VAL K 67 18.43 13.87 -39.22
CA VAL K 67 19.71 13.53 -38.61
C VAL K 67 19.81 12.28 -37.76
N THR K 68 20.88 11.53 -38.00
CA THR K 68 21.24 10.35 -37.25
C THR K 68 22.61 10.48 -36.61
N ILE K 69 22.68 10.17 -35.32
CA ILE K 69 23.95 10.15 -34.62
C ILE K 69 24.09 8.76 -34.08
N SER K 70 25.25 8.16 -34.29
CA SER K 70 25.46 6.81 -33.82
C SER K 70 26.90 6.54 -33.49
N VAL K 71 27.12 5.47 -32.74
CA VAL K 71 28.46 5.03 -32.42
C VAL K 71 28.71 3.61 -32.86
N ASP K 72 29.81 3.41 -33.55
CA ASP K 72 30.20 2.09 -33.97
C ASP K 72 31.19 1.58 -32.95
N THR K 73 30.72 0.64 -32.13
CA THR K 73 31.47 0.15 -31.00
C THR K 73 32.52 -0.87 -31.39
N SER K 74 32.48 -1.35 -32.64
CA SER K 74 33.50 -2.31 -33.07
C SER K 74 34.69 -1.49 -33.56
N LYS K 75 34.39 -0.28 -34.02
CA LYS K 75 35.39 0.64 -34.55
C LYS K 75 35.84 1.73 -33.58
N ASN K 76 35.04 1.99 -32.54
CA ASN K 76 35.25 3.10 -31.61
C ASN K 76 35.17 4.43 -32.34
N GLN K 77 34.20 4.50 -33.26
CA GLN K 77 34.00 5.70 -34.03
C GLN K 77 32.61 6.30 -33.90
N LEU K 78 32.61 7.60 -33.68
CA LEU K 78 31.41 8.42 -33.55
C LEU K 78 31.07 9.06 -34.86
N SER K 79 29.83 8.91 -35.30
CA SER K 79 29.49 9.53 -36.57
C SER K 79 28.11 10.15 -36.68
N LEU K 80 28.06 11.12 -37.58
CA LEU K 80 26.87 11.89 -37.94
C LEU K 80 26.45 11.69 -39.35
N LYS K 81 25.17 11.44 -39.56
CA LYS K 81 24.63 11.38 -40.91
C LYS K 81 23.48 12.36 -41.07
N LEU K 82 23.63 13.30 -42.00
CA LEU K 82 22.61 14.30 -42.21
C LEU K 82 22.06 14.21 -43.62
N ARG K 83 20.76 13.99 -43.72
CA ARG K 83 20.10 13.80 -45.00
C ARG K 83 19.66 15.09 -45.64
N SER K 84 19.50 15.07 -46.97
CA SER K 84 18.99 16.22 -47.69
C SER K 84 19.74 17.48 -47.32
N VAL K 85 21.04 17.47 -47.55
CA VAL K 85 21.84 18.60 -47.14
C VAL K 85 21.71 19.74 -48.16
N THR K 86 20.60 20.46 -48.04
CA THR K 86 20.17 21.46 -49.01
C THR K 86 20.74 22.86 -48.85
N ALA K 87 22.04 23.01 -49.07
CA ALA K 87 22.80 24.30 -49.09
C ALA K 87 22.98 25.01 -47.75
N ALA K 88 21.87 25.17 -47.03
CA ALA K 88 21.76 25.88 -45.76
C ALA K 88 22.57 25.21 -44.67
N ASP K 89 22.98 23.99 -44.93
CA ASP K 89 23.73 23.18 -44.02
C ASP K 89 25.23 23.45 -44.14
N THR K 90 25.62 24.41 -44.98
CA THR K 90 27.03 24.74 -45.05
C THR K 90 27.42 25.26 -43.68
N ALA K 91 28.45 24.67 -43.10
CA ALA K 91 28.87 25.04 -41.76
C ALA K 91 30.14 24.33 -41.38
N VAL K 92 30.78 24.77 -40.31
CA VAL K 92 31.85 23.95 -39.77
C VAL K 92 31.26 23.01 -38.76
N TYR K 93 31.53 21.72 -38.89
CA TYR K 93 30.95 20.76 -37.95
C TYR K 93 31.98 20.31 -36.92
N TYR K 94 31.56 20.21 -35.66
CA TYR K 94 32.43 19.82 -34.56
C TYR K 94 31.83 18.70 -33.69
N CYS K 95 32.69 17.86 -33.08
CA CYS K 95 32.31 16.94 -31.99
C CYS K 95 32.73 17.53 -30.67
N ALA K 96 32.04 17.12 -29.64
CA ALA K 96 32.47 17.48 -28.30
C ALA K 96 32.21 16.29 -27.40
N ARG K 97 33.06 16.10 -26.41
CA ARG K 97 32.92 14.91 -25.55
C ARG K 97 31.80 14.92 -24.54
N GLY K 98 31.56 16.04 -23.94
CA GLY K 98 30.52 16.14 -22.93
C GLY K 98 30.84 15.55 -21.58
N ARG K 99 29.76 15.38 -20.83
CA ARG K 99 29.78 14.92 -19.47
C ARG K 99 29.94 13.46 -19.39
N ASP K 100 30.40 12.94 -18.26
CA ASP K 100 30.36 11.52 -18.11
C ASP K 100 29.11 11.10 -17.32
N CYS K 101 28.87 9.78 -17.17
CA CYS K 101 27.75 9.18 -16.45
C CYS K 101 28.13 7.80 -15.95
N ARG K 102 27.99 7.61 -14.65
CA ARG K 102 28.27 6.32 -14.05
C ARG K 102 27.14 5.94 -13.13
N SER K 103 25.93 6.36 -13.44
CA SER K 103 24.78 6.05 -12.62
C SER K 103 23.64 5.63 -13.50
N VAL K 104 22.70 4.90 -12.94
CA VAL K 104 21.58 4.44 -13.75
C VAL K 104 20.70 5.58 -14.23
N SER K 105 20.45 6.55 -13.38
CA SER K 105 19.52 7.63 -13.70
C SER K 105 19.82 8.43 -14.97
N CYS K 106 21.09 8.56 -15.41
CA CYS K 106 21.51 9.30 -16.58
C CYS K 106 21.84 8.39 -17.78
N TYR K 107 21.62 7.09 -17.65
CA TYR K 107 22.00 6.15 -18.69
C TYR K 107 21.41 6.47 -20.08
N VAL K 108 20.11 6.78 -20.14
CA VAL K 108 19.48 7.06 -21.42
C VAL K 108 19.08 8.50 -21.65
N SER K 109 19.19 9.33 -20.63
CA SER K 109 18.82 10.73 -20.73
C SER K 109 19.51 11.50 -19.65
N SER K 110 19.96 12.72 -19.94
CA SER K 110 20.59 13.54 -18.93
C SER K 110 20.10 14.98 -19.04
N PRO K 111 19.51 15.58 -18.00
CA PRO K 111 19.00 16.93 -18.01
C PRO K 111 20.01 17.93 -18.53
N GLU K 112 21.28 17.69 -18.25
CA GLU K 112 22.33 18.61 -18.68
C GLU K 112 23.49 17.92 -19.36
N ASN K 113 24.18 18.71 -20.18
CA ASN K 113 25.41 18.35 -20.82
C ASN K 113 26.16 19.62 -21.12
N TRP K 114 27.31 19.47 -21.67
CA TRP K 114 28.18 20.57 -22.03
C TRP K 114 29.15 20.13 -23.08
N PHE K 115 29.94 21.05 -23.61
CA PHE K 115 30.87 20.64 -24.64
C PHE K 115 32.30 20.98 -24.25
N ASP K 116 32.97 20.13 -23.48
CA ASP K 116 34.26 20.59 -22.98
C ASP K 116 35.42 20.53 -23.99
N PRO K 117 36.00 19.39 -24.40
CA PRO K 117 36.93 19.36 -25.51
C PRO K 117 36.13 19.43 -26.77
N TRP K 118 36.67 20.09 -27.80
CA TRP K 118 36.04 20.14 -29.11
C TRP K 118 36.95 19.50 -30.15
N GLY K 119 36.34 18.77 -31.06
CA GLY K 119 37.00 18.00 -32.11
C GLY K 119 37.46 18.78 -33.33
N GLN K 120 38.21 19.84 -33.10
CA GLN K 120 38.84 20.68 -34.13
C GLN K 120 37.95 21.48 -35.07
N GLY K 121 37.03 20.80 -35.77
CA GLY K 121 36.12 21.40 -36.72
C GLY K 121 36.43 21.01 -38.17
N THR K 122 35.40 20.54 -38.87
CA THR K 122 35.48 20.08 -40.25
C THR K 122 34.54 20.89 -41.14
N PRO K 123 35.02 21.88 -41.90
CA PRO K 123 34.22 22.69 -42.79
C PRO K 123 33.54 21.86 -43.83
N ILE K 124 32.25 22.06 -44.03
CA ILE K 124 31.48 21.36 -45.05
C ILE K 124 30.89 22.33 -46.02
N THR K 125 31.15 22.13 -47.32
CA THR K 125 30.60 23.03 -48.31
C THR K 125 29.51 22.36 -49.09
N VAL K 126 28.37 23.01 -49.20
CA VAL K 126 27.29 22.41 -49.92
C VAL K 126 26.95 23.31 -51.10
N SER K 127 27.00 22.78 -52.31
CA SER K 127 26.78 23.59 -53.50
C SER K 127 26.46 22.75 -54.74
N SER K 128 26.33 23.40 -55.93
CA SER K 128 26.02 22.78 -57.22
C SER K 128 26.78 23.50 -58.33
N TYR L 1 13.02 28.24 -27.13
CA TYR L 1 13.87 28.71 -26.05
C TYR L 1 15.12 29.38 -26.64
N GLU L 2 15.41 30.61 -26.18
CA GLU L 2 16.53 31.44 -26.60
C GLU L 2 17.22 32.05 -25.41
N LEU L 3 18.50 32.30 -25.58
CA LEU L 3 19.27 33.00 -24.58
C LEU L 3 19.68 34.32 -25.15
N THR L 4 19.65 35.34 -24.34
CA THR L 4 20.02 36.65 -24.80
C THR L 4 21.33 37.12 -24.25
N GLN L 5 22.19 37.55 -25.15
CA GLN L 5 23.50 38.10 -24.85
C GLN L 5 23.60 39.39 -25.61
N PRO L 6 24.36 40.40 -25.16
CA PRO L 6 24.61 41.58 -25.93
C PRO L 6 25.46 41.12 -27.07
N PRO L 7 25.39 41.72 -28.26
CA PRO L 7 26.22 41.38 -29.37
C PRO L 7 27.68 41.75 -29.20
N SER L 8 27.97 42.75 -28.36
CA SER L 8 29.35 43.13 -28.14
C SER L 8 29.53 43.99 -26.92
N VAL L 9 30.74 43.96 -26.40
CA VAL L 9 31.21 44.85 -25.36
C VAL L 9 32.59 45.35 -25.77
N SER L 10 33.05 46.41 -25.14
CA SER L 10 34.41 46.83 -25.38
C SER L 10 35.00 47.21 -24.05
N VAL L 11 36.26 46.88 -23.87
CA VAL L 11 36.93 47.19 -22.64
C VAL L 11 38.32 47.71 -22.88
N SER L 12 38.76 48.73 -22.14
CA SER L 12 40.14 49.17 -22.32
C SER L 12 41.03 48.13 -21.64
N PRO L 13 42.26 47.91 -22.08
CA PRO L 13 43.15 46.98 -21.46
C PRO L 13 43.29 47.31 -20.00
N GLY L 14 43.22 46.29 -19.15
CA GLY L 14 43.33 46.46 -17.71
C GLY L 14 42.00 46.66 -17.00
N GLN L 15 40.92 46.92 -17.75
CA GLN L 15 39.63 47.13 -17.15
C GLN L 15 38.88 45.82 -17.06
N THR L 16 37.70 45.87 -16.47
CA THR L 16 36.93 44.65 -16.34
C THR L 16 35.80 44.60 -17.35
N ALA L 17 35.72 43.49 -18.07
CA ALA L 17 34.65 43.32 -19.04
C ALA L 17 33.60 42.44 -18.45
N ARG L 18 32.35 42.72 -18.75
CA ARG L 18 31.32 41.83 -18.26
C ARG L 18 30.37 41.54 -19.36
N ILE L 19 30.09 40.27 -19.54
CA ILE L 19 29.15 39.89 -20.55
C ILE L 19 28.06 39.12 -19.86
N THR L 20 26.83 39.34 -20.26
CA THR L 20 25.74 38.69 -19.59
C THR L 20 24.98 37.79 -20.54
N CYS L 21 24.17 36.90 -19.96
CA CYS L 21 23.31 35.93 -20.63
C CYS L 21 22.03 35.77 -19.82
N SER L 22 20.89 35.77 -20.49
CA SER L 22 19.64 35.57 -19.76
C SER L 22 18.67 34.62 -20.42
N GLY L 23 17.79 34.04 -19.60
CA GLY L 23 16.75 33.14 -20.09
C GLY L 23 15.91 32.59 -18.94
N ASP L 24 14.78 32.01 -19.28
CA ASP L 24 13.83 31.59 -18.26
C ASP L 24 14.17 30.28 -17.56
N ALA L 25 14.89 29.41 -18.22
CA ALA L 25 15.23 28.14 -17.63
C ALA L 25 16.43 28.27 -16.72
N LEU L 26 17.09 29.43 -16.72
CA LEU L 26 18.31 29.56 -15.96
C LEU L 26 18.25 29.32 -14.47
N PRO L 27 17.18 29.55 -13.70
CA PRO L 27 17.14 29.21 -12.31
C PRO L 27 17.29 27.68 -12.07
N LYS L 28 17.01 26.88 -13.11
CA LYS L 28 17.11 25.43 -13.00
C LYS L 28 18.34 24.89 -13.71
N GLN L 29 18.67 25.50 -14.84
CA GLN L 29 19.77 25.02 -15.66
C GLN L 29 21.05 25.76 -15.42
N TYR L 30 22.16 25.08 -15.61
CA TYR L 30 23.43 25.74 -15.49
C TYR L 30 23.86 26.29 -16.80
N ALA L 31 24.54 27.40 -16.76
CA ALA L 31 25.09 27.95 -17.95
C ALA L 31 26.52 27.52 -18.08
N TYR L 32 27.00 27.41 -19.30
CA TYR L 32 28.40 27.14 -19.53
C TYR L 32 28.88 28.21 -20.48
N TRP L 33 30.11 28.68 -20.35
CA TRP L 33 30.59 29.70 -21.27
C TRP L 33 31.76 29.23 -22.08
N TYR L 34 31.79 29.58 -23.36
CA TYR L 34 32.86 29.18 -24.26
C TYR L 34 33.51 30.36 -24.94
N GLN L 35 34.79 30.26 -25.19
CA GLN L 35 35.52 31.30 -25.90
C GLN L 35 36.02 30.89 -27.24
N GLN L 36 35.64 31.61 -28.27
CA GLN L 36 36.11 31.27 -29.59
C GLN L 36 36.95 32.35 -30.22
N LYS L 37 38.17 32.02 -30.59
CA LYS L 37 38.98 32.99 -31.25
C LYS L 37 38.91 32.62 -32.70
N PRO L 38 39.08 33.56 -33.63
CA PRO L 38 39.00 33.28 -35.04
C PRO L 38 39.94 32.18 -35.43
N GLY L 39 39.40 31.24 -36.20
CA GLY L 39 40.11 30.10 -36.72
C GLY L 39 40.09 28.83 -35.86
N GLN L 40 39.60 28.88 -34.62
CA GLN L 40 39.63 27.65 -33.81
C GLN L 40 38.28 27.20 -33.32
N ALA L 41 38.29 26.08 -32.60
CA ALA L 41 37.10 25.57 -31.97
C ALA L 41 36.96 26.36 -30.69
N PRO L 42 35.76 26.56 -30.15
CA PRO L 42 35.52 27.17 -28.87
C PRO L 42 36.16 26.37 -27.77
N VAL L 43 36.60 27.05 -26.72
CA VAL L 43 37.15 26.39 -25.53
C VAL L 43 36.31 26.75 -24.34
N MET L 44 35.96 25.80 -23.50
CA MET L 44 35.16 26.18 -22.35
C MET L 44 35.96 27.01 -21.39
N VAL L 45 35.36 28.12 -20.96
CA VAL L 45 35.96 29.05 -20.03
C VAL L 45 35.35 28.97 -18.64
N ILE L 46 34.03 28.91 -18.57
CA ILE L 46 33.34 28.78 -17.29
C ILE L 46 32.49 27.54 -17.35
N TYR L 47 32.61 26.73 -16.34
CA TYR L 47 31.91 25.49 -16.19
C TYR L 47 30.87 25.64 -15.13
N LYS L 48 29.66 25.18 -15.41
CA LYS L 48 28.53 25.40 -14.53
C LYS L 48 28.48 26.91 -14.43
N ASP L 49 27.79 27.48 -13.48
CA ASP L 49 27.68 28.92 -13.57
C ASP L 49 28.95 29.70 -13.27
N SER L 50 29.80 29.20 -12.37
CA SER L 50 30.97 29.99 -11.99
C SER L 50 32.34 29.34 -12.01
N GLU L 51 32.40 28.01 -11.89
CA GLU L 51 33.64 27.27 -11.77
C GLU L 51 34.58 27.40 -12.95
N ARG L 52 35.83 27.66 -12.67
CA ARG L 52 36.80 27.79 -13.73
C ARG L 52 37.53 26.46 -14.00
N PRO L 53 37.52 25.92 -15.23
CA PRO L 53 38.20 24.71 -15.64
C PRO L 53 39.70 24.88 -15.51
N SER L 54 40.42 23.80 -15.26
CA SER L 54 41.85 23.91 -15.19
C SER L 54 42.39 24.40 -16.52
N GLY L 55 43.39 25.27 -16.46
CA GLY L 55 44.04 25.81 -17.65
C GLY L 55 43.50 27.19 -18.03
N ILE L 56 42.39 27.57 -17.44
CA ILE L 56 41.80 28.87 -17.71
C ILE L 56 42.36 29.88 -16.70
N PRO L 57 42.85 31.04 -17.14
CA PRO L 57 43.39 32.09 -16.29
C PRO L 57 42.39 32.58 -15.28
N GLU L 58 42.91 33.01 -14.13
CA GLU L 58 42.17 33.50 -12.97
C GLU L 58 41.36 34.75 -13.23
N ARG L 59 41.59 35.36 -14.37
CA ARG L 59 40.88 36.55 -14.80
C ARG L 59 39.41 36.21 -14.99
N PHE L 60 39.14 34.96 -15.39
CA PHE L 60 37.78 34.56 -15.70
C PHE L 60 37.04 34.04 -14.48
N SER L 61 35.90 34.66 -14.20
CA SER L 61 35.07 34.25 -13.07
C SER L 61 33.58 34.40 -13.36
N GLY L 62 32.78 33.36 -13.14
CA GLY L 62 31.36 33.56 -13.42
C GLY L 62 30.53 33.76 -12.17
N SER L 63 29.27 34.11 -12.36
CA SER L 63 28.30 34.31 -11.29
C SER L 63 26.88 34.24 -11.82
N ASN L 64 25.89 34.22 -10.93
CA ASN L 64 24.52 34.27 -11.41
C ASN L 64 23.64 34.96 -10.39
N SER L 65 22.48 35.41 -10.86
CA SER L 65 21.48 36.05 -10.02
C SER L 65 20.08 35.54 -10.30
N GLY L 66 19.94 34.26 -10.61
CA GLY L 66 18.63 33.69 -10.91
C GLY L 66 18.40 33.45 -12.40
N THR L 67 17.73 34.39 -13.08
CA THR L 67 17.44 34.22 -14.51
C THR L 67 18.53 34.76 -15.39
N THR L 68 19.55 35.32 -14.79
CA THR L 68 20.67 35.80 -15.56
C THR L 68 21.94 35.20 -15.02
N VAL L 69 22.91 35.07 -15.90
CA VAL L 69 24.24 34.63 -15.55
C VAL L 69 25.23 35.58 -16.16
N THR L 70 26.44 35.58 -15.66
CA THR L 70 27.43 36.46 -16.25
C THR L 70 28.83 35.94 -16.12
N LEU L 71 29.65 36.41 -17.04
CA LEU L 71 31.07 36.14 -17.06
C LEU L 71 31.80 37.44 -16.89
N THR L 72 32.69 37.49 -15.91
CA THR L 72 33.47 38.68 -15.66
C THR L 72 34.91 38.40 -16.00
N ILE L 73 35.52 39.30 -16.77
CA ILE L 73 36.92 39.13 -17.07
C ILE L 73 37.65 40.27 -16.38
N SER L 74 38.37 39.98 -15.32
CA SER L 74 39.02 41.02 -14.55
C SER L 74 40.42 41.29 -15.06
N GLY L 75 40.77 42.55 -15.26
CA GLY L 75 42.13 42.80 -15.72
C GLY L 75 42.29 42.33 -17.15
N VAL L 76 41.35 42.68 -18.01
CA VAL L 76 41.35 42.16 -19.36
C VAL L 76 42.65 42.41 -20.10
N GLN L 77 43.13 41.33 -20.70
CA GLN L 77 44.36 41.31 -21.47
C GLN L 77 44.03 41.31 -22.93
N ALA L 78 44.99 41.66 -23.78
CA ALA L 78 44.72 41.60 -25.23
C ALA L 78 44.42 40.18 -25.68
N GLU L 79 44.91 39.25 -24.90
CA GLU L 79 44.80 37.81 -25.09
C GLU L 79 43.36 37.35 -24.99
N ASP L 80 42.51 38.17 -24.36
CA ASP L 80 41.14 37.82 -24.11
C ASP L 80 40.19 38.29 -25.21
N GLU L 81 40.71 38.92 -26.26
CA GLU L 81 39.80 39.36 -27.31
C GLU L 81 39.26 38.10 -28.00
N ALA L 82 37.93 37.94 -27.99
CA ALA L 82 37.30 36.72 -28.51
C ALA L 82 35.79 36.82 -28.58
N ASP L 83 35.15 35.86 -29.24
CA ASP L 83 33.69 35.77 -29.20
C ASP L 83 33.26 34.83 -28.09
N TYR L 84 32.55 35.33 -27.11
CA TYR L 84 32.17 34.47 -25.99
C TYR L 84 30.72 34.05 -26.07
N TYR L 85 30.45 32.78 -25.85
CA TYR L 85 29.09 32.27 -25.95
C TYR L 85 28.64 31.64 -24.67
N CYS L 86 27.35 31.74 -24.33
CA CYS L 86 26.76 31.02 -23.20
C CYS L 86 25.90 29.90 -23.74
N GLN L 87 25.74 28.84 -22.98
CA GLN L 87 24.73 27.87 -23.35
C GLN L 87 24.02 27.40 -22.13
N SER L 88 22.79 26.96 -22.32
CA SER L 88 22.07 26.29 -21.25
C SER L 88 20.98 25.47 -21.90
N ALA L 89 20.40 24.55 -21.17
CA ALA L 89 19.31 23.77 -21.69
C ALA L 89 17.97 24.44 -21.48
N ASP L 90 16.96 23.91 -22.13
CA ASP L 90 15.61 24.44 -21.99
C ASP L 90 15.07 24.04 -20.63
N SER L 91 13.86 24.45 -20.30
CA SER L 91 13.30 24.19 -18.98
C SER L 91 13.19 22.73 -18.64
N ASP L 92 12.91 21.90 -19.63
CA ASP L 92 12.75 20.47 -19.43
C ASP L 92 14.03 19.72 -19.74
N GLY L 93 15.13 20.44 -19.96
CA GLY L 93 16.37 19.83 -20.35
C GLY L 93 16.23 19.42 -21.80
N THR L 94 16.99 18.42 -22.20
CA THR L 94 16.99 17.84 -23.56
C THR L 94 17.52 18.72 -24.67
N TYR L 95 16.94 19.87 -24.86
CA TYR L 95 17.38 20.79 -25.90
C TYR L 95 18.40 21.77 -25.38
N ARG L 96 19.57 21.79 -26.01
CA ARG L 96 20.67 22.66 -25.59
C ARG L 96 20.72 23.86 -26.51
N VAL L 97 20.75 25.03 -25.91
CA VAL L 97 20.75 26.29 -26.62
C VAL L 97 21.95 27.16 -26.40
N PHE L 98 22.53 27.62 -27.49
CA PHE L 98 23.64 28.56 -27.38
C PHE L 98 23.06 29.94 -27.53
N GLY L 99 23.66 30.91 -26.86
CA GLY L 99 23.24 32.28 -27.01
C GLY L 99 23.86 32.86 -28.26
N GLY L 100 23.55 34.12 -28.55
CA GLY L 100 24.04 34.76 -29.77
C GLY L 100 25.54 34.91 -29.88
N GLY L 101 26.20 35.13 -28.77
CA GLY L 101 27.63 35.33 -28.76
C GLY L 101 27.95 36.79 -28.58
N THR L 102 28.86 37.10 -27.67
CA THR L 102 29.21 38.47 -27.42
C THR L 102 30.61 38.72 -27.87
N LYS L 103 30.80 39.67 -28.73
CA LYS L 103 32.14 39.95 -29.16
C LYS L 103 32.79 40.83 -28.14
N VAL L 104 33.91 40.41 -27.61
CA VAL L 104 34.59 41.24 -26.64
C VAL L 104 35.84 41.78 -27.25
N THR L 105 35.89 43.09 -27.40
CA THR L 105 37.08 43.69 -27.98
C THR L 105 37.89 44.33 -26.91
N VAL L 106 39.18 44.35 -27.14
CA VAL L 106 40.10 44.93 -26.14
C VAL L 106 40.67 46.31 -26.47
N LEU L 107 40.14 46.97 -27.52
CA LEU L 107 40.48 48.34 -27.95
C LEU L 107 42.00 48.56 -28.06
#